data_8VHA
#
_entry.id   8VHA
#
_cell.length_a   83.821
_cell.length_b   104.860
_cell.length_c   107.711
_cell.angle_alpha   90.00
_cell.angle_beta   98.19
_cell.angle_gamma   90.00
#
_symmetry.space_group_name_H-M   'P 1 21 1'
#
loop_
_entity.id
_entity.type
_entity.pdbx_description
1 polymer 'Isocitrate dehydrogenase [NADP] cytoplasmic'
2 non-polymer '(3~{S})-3-[(4~{S})-3-aminocarbonyl-1-[(2~{R},3~{R},4~{S},5~{R})-5-[[[[(2~{R},3~{R},4~{R},5~{R})-5-(6-aminopurin-9-yl)-3-oxidanyl-4-phosphonooxy-oxolan-2-yl]methoxy-oxidanyl-phosphoryl]oxy-oxidanyl-phosphoryl]oxymethyl]-3,4-bis(oxidanyl)oxolan-2-yl]-4~{H}-pyridin-4-yl]-2-oxidanylidene-pentanedioic acid'
3 non-polymer 'NITRATE ION'
4 non-polymer 'CALCIUM ION'
5 non-polymer 'NADPH DIHYDRO-NICOTINAMIDE-ADENINE-DINUCLEOTIDE PHOSPHATE'
6 non-polymer '2-OXOGLUTARIC ACID'
7 non-polymer GLYCEROL
8 water water
#
_entity_poly.entity_id   1
_entity_poly.type   'polypeptide(L)'
_entity_poly.pdbx_seq_one_letter_code
;HHHHHHSSGLVPRGSHMSKKISGGSVVEMQGDEMTRIIWELIKEKLIFPYVELDLHSYDLGIENRDATNDQVTKDAAEAI
KKHNVGVKCATITPDEKRVEEFKLKQMWKSPNGTIRNILGGTVFREAIICKNIPRLVSGWVKPIIIGQHAYGDQYRATDF
VVPGPGKVEITYTPSDGTQKVTYLVHNFEEGGGVAMGMYNQDKSIEDFAHSSFQMALSKGWPLYLSTKNTILKKYDGRFK
DIFQEIYDKQYKSQFEAQKIWYEHRLIDDMVAQAMKSEGGFIWACKNYDGDVQSDSVAQGYGSLGMMTSVLVCPDGKTVE
AEAAHGTVTRHYRMYQKGQETSTNPIASIFAWTRGLAHRAKLDNNKELAFFANALEEVSIETIEAGFMTKDLAACIKGLP
NVQRSDYLNTFEFMDKLGENLKIKLAQAKL
;
_entity_poly.pdbx_strand_id   A,B,C,D
#
loop_
_chem_comp.id
_chem_comp.type
_chem_comp.name
_chem_comp.formula
AKG non-polymer '2-OXOGLUTARIC ACID' 'C5 H6 O5'
CA non-polymer 'CALCIUM ION' 'Ca 2'
EE1 non-polymer '(3~{S})-3-[(4~{S})-3-aminocarbonyl-1-[(2~{R},3~{R},4~{S},5~{R})-5-[[[[(2~{R},3~{R},4~{R},5~{R})-5-(6-aminopurin-9-yl)-3-oxidanyl-4-phosphonooxy-oxolan-2-yl]methoxy-oxidanyl-phosphoryl]oxy-oxidanyl-phosphoryl]oxymethyl]-3,4-bis(oxidanyl)oxolan-2-yl]-4~{H}-pyridin-4-yl]-2-oxidanylidene-pentanedioic acid' 'C26 H34 N7 O22 P3'
GOL non-polymer GLYCEROL 'C3 H8 O3'
NDP non-polymer 'NADPH DIHYDRO-NICOTINAMIDE-ADENINE-DINUCLEOTIDE PHOSPHATE' 'C21 H30 N7 O17 P3'
NO3 non-polymer 'NITRATE ION' 'N O3 -1'
#
# COMPACT_ATOMS: atom_id res chain seq x y z
N HIS A 16 32.34 28.09 30.08
CA HIS A 16 33.58 27.98 30.83
C HIS A 16 33.41 28.32 32.31
N MET A 17 32.24 28.02 32.88
CA MET A 17 31.96 28.31 34.29
C MET A 17 30.46 28.23 34.58
N SER A 18 29.85 27.07 34.31
CA SER A 18 28.39 26.94 34.29
C SER A 18 27.83 26.60 35.68
N LYS A 19 26.50 26.59 35.76
CA LYS A 19 25.77 26.31 36.99
C LYS A 19 24.46 25.61 36.62
N LYS A 20 24.16 24.52 37.31
CA LYS A 20 23.00 23.72 36.91
C LYS A 20 21.68 24.42 37.29
N ILE A 21 20.59 23.93 36.72
CA ILE A 21 19.26 24.37 37.12
C ILE A 21 18.87 23.68 38.42
N SER A 22 18.40 24.47 39.40
CA SER A 22 17.94 23.90 40.65
C SER A 22 16.48 23.47 40.45
N GLY A 23 16.23 22.17 40.46
CA GLY A 23 14.94 21.66 40.05
C GLY A 23 13.89 21.56 41.15
N GLY A 24 14.32 21.55 42.40
CA GLY A 24 13.37 21.45 43.50
C GLY A 24 13.16 20.01 43.93
N SER A 25 12.02 19.75 44.56
CA SER A 25 11.74 18.48 45.22
C SER A 25 10.90 17.58 44.32
N VAL A 26 11.41 16.38 44.06
CA VAL A 26 10.74 15.40 43.24
C VAL A 26 10.89 14.07 43.94
N VAL A 27 9.83 13.25 43.87
CA VAL A 27 9.84 11.88 44.39
C VAL A 27 10.10 10.92 43.23
N GLU A 28 11.12 10.08 43.39
CA GLU A 28 11.54 9.16 42.34
C GLU A 28 11.32 7.73 42.80
N MET A 29 10.70 6.92 41.96
CA MET A 29 10.41 5.52 42.29
C MET A 29 11.17 4.63 41.32
N GLN A 30 12.24 3.99 41.80
CA GLN A 30 13.05 3.15 40.96
C GLN A 30 12.37 1.80 40.75
N GLY A 31 12.63 1.20 39.57
CA GLY A 31 11.86 0.07 39.13
C GLY A 31 12.72 -1.14 38.77
N ASP A 32 12.23 -1.91 37.79
CA ASP A 32 12.75 -3.24 37.52
C ASP A 32 13.17 -3.39 36.06
N GLU A 33 14.11 -4.31 35.87
CA GLU A 33 14.47 -4.95 34.60
C GLU A 33 14.83 -3.89 33.57
N MET A 34 14.34 -4.00 32.33
CA MET A 34 14.88 -3.14 31.29
C MET A 34 14.59 -1.66 31.58
N THR A 35 13.42 -1.36 32.15
CA THR A 35 13.13 0.07 32.38
C THR A 35 14.03 0.66 33.46
N ARG A 36 14.53 -0.17 34.38
CA ARG A 36 15.50 0.31 35.35
C ARG A 36 16.82 0.72 34.67
N ILE A 37 17.30 -0.09 33.71
CA ILE A 37 18.51 0.25 32.97
C ILE A 37 18.32 1.59 32.26
N ILE A 38 17.23 1.71 31.50
CA ILE A 38 16.91 2.97 30.81
C ILE A 38 16.81 4.11 31.80
N TRP A 39 16.08 3.89 32.90
CA TRP A 39 15.87 4.93 33.90
C TRP A 39 17.20 5.56 34.31
N GLU A 40 18.21 4.72 34.53
CA GLU A 40 19.50 5.22 35.00
C GLU A 40 20.28 5.91 33.89
N LEU A 41 20.13 5.45 32.63
CA LEU A 41 20.78 6.16 31.52
C LEU A 41 20.16 7.53 31.31
N ILE A 42 18.85 7.64 31.52
CA ILE A 42 18.17 8.92 31.40
C ILE A 42 18.70 9.90 32.44
N LYS A 43 18.79 9.46 33.69
CA LYS A 43 19.33 10.34 34.71
C LYS A 43 20.77 10.70 34.39
N GLU A 44 21.59 9.71 34.03
CA GLU A 44 23.01 9.96 33.87
C GLU A 44 23.29 10.88 32.69
N LYS A 45 22.57 10.71 31.59
CA LYS A 45 22.90 11.42 30.36
C LYS A 45 21.98 12.59 30.04
N LEU A 46 20.71 12.57 30.46
CA LEU A 46 19.79 13.64 30.10
C LEU A 46 19.43 14.57 31.25
N ILE A 47 19.27 14.08 32.48
CA ILE A 47 18.79 14.94 33.56
C ILE A 47 19.92 15.56 34.37
N PHE A 48 20.66 14.71 35.09
CA PHE A 48 21.62 15.20 36.07
C PHE A 48 22.71 16.12 35.53
N PRO A 49 23.12 16.06 34.26
CA PRO A 49 24.16 17.01 33.80
C PRO A 49 23.65 18.45 33.73
N TYR A 50 22.33 18.66 33.75
CA TYR A 50 21.74 19.98 33.58
C TYR A 50 20.86 20.44 34.74
N VAL A 51 20.45 19.55 35.64
CA VAL A 51 19.44 19.86 36.65
C VAL A 51 19.87 19.26 37.98
N GLU A 52 19.90 20.10 39.01
CA GLU A 52 20.12 19.69 40.39
C GLU A 52 18.76 19.49 41.07
N LEU A 53 18.54 18.29 41.61
CA LEU A 53 17.25 17.94 42.16
C LEU A 53 17.35 17.61 43.64
N ASP A 54 16.30 17.95 44.39
CA ASP A 54 16.14 17.44 45.75
C ASP A 54 15.33 16.15 45.64
N LEU A 55 16.03 15.07 45.29
CA LEU A 55 15.38 13.81 44.97
C LEU A 55 15.07 13.04 46.23
N HIS A 56 13.83 12.61 46.36
CA HIS A 56 13.43 11.63 47.38
C HIS A 56 13.25 10.32 46.63
N SER A 57 14.20 9.42 46.79
CA SER A 57 14.23 8.19 46.00
C SER A 57 13.67 7.04 46.82
N TYR A 58 12.82 6.24 46.19
CA TYR A 58 12.25 5.05 46.80
C TYR A 58 12.49 3.90 45.83
N ASP A 59 13.04 2.80 46.35
CA ASP A 59 13.39 1.66 45.50
C ASP A 59 12.20 0.71 45.49
N LEU A 60 11.36 0.85 44.48
CA LEU A 60 10.27 -0.08 44.24
C LEU A 60 10.70 -1.27 43.39
N GLY A 61 12.00 -1.58 43.37
CA GLY A 61 12.45 -2.83 42.79
C GLY A 61 11.85 -4.03 43.50
N ILE A 62 11.64 -5.11 42.72
CA ILE A 62 10.87 -6.24 43.23
C ILE A 62 11.47 -6.75 44.52
N GLU A 63 12.79 -6.71 44.64
CA GLU A 63 13.41 -7.33 45.79
C GLU A 63 13.56 -6.39 46.98
N ASN A 64 13.50 -5.07 46.76
CA ASN A 64 13.44 -4.18 47.92
C ASN A 64 12.03 -4.07 48.47
N ARG A 65 11.03 -4.10 47.59
CA ARG A 65 9.66 -4.25 48.07
C ARG A 65 9.55 -5.47 48.97
N ASP A 66 9.85 -6.65 48.41
CA ASP A 66 9.83 -7.87 49.22
C ASP A 66 10.65 -7.71 50.48
N ALA A 67 11.80 -7.04 50.38
CA ALA A 67 12.66 -6.87 51.55
C ALA A 67 11.91 -6.14 52.67
N THR A 68 11.15 -5.10 52.31
CA THR A 68 10.46 -4.25 53.26
C THR A 68 8.97 -4.58 53.36
N ASN A 69 8.58 -5.81 53.04
CA ASN A 69 7.17 -6.21 53.08
C ASN A 69 6.29 -5.18 52.36
N ASP A 70 6.79 -4.65 51.25
CA ASP A 70 6.10 -3.69 50.41
C ASP A 70 5.91 -2.34 51.10
N GLN A 71 6.49 -2.16 52.28
CA GLN A 71 6.36 -0.87 52.95
C GLN A 71 6.93 0.27 52.10
N VAL A 72 7.93 -0.03 51.28
CA VAL A 72 8.56 1.03 50.49
C VAL A 72 7.58 1.61 49.48
N THR A 73 6.64 0.79 48.97
CA THR A 73 5.63 1.31 48.06
C THR A 73 4.75 2.34 48.74
N LYS A 74 4.19 1.98 49.91
CA LYS A 74 3.31 2.89 50.63
C LYS A 74 4.01 4.20 50.98
N ASP A 75 5.28 4.12 51.42
CA ASP A 75 6.02 5.33 51.80
C ASP A 75 6.24 6.26 50.63
N ALA A 76 6.53 5.70 49.44
CA ALA A 76 6.68 6.55 48.28
C ALA A 76 5.35 7.23 47.93
N ALA A 77 4.25 6.50 48.11
CA ALA A 77 2.94 7.11 47.90
C ALA A 77 2.74 8.29 48.83
N GLU A 78 3.08 8.14 50.11
CA GLU A 78 2.95 9.25 51.04
C GLU A 78 3.92 10.38 50.69
N ALA A 79 5.11 10.03 50.21
CA ALA A 79 6.04 11.07 49.81
C ALA A 79 5.45 11.90 48.68
N ILE A 80 4.73 11.27 47.76
CA ILE A 80 4.17 12.02 46.64
C ILE A 80 3.09 12.98 47.12
N LYS A 81 2.32 12.57 48.13
CA LYS A 81 1.37 13.49 48.76
C LYS A 81 2.10 14.71 49.31
N LYS A 82 3.26 14.49 49.94
CA LYS A 82 3.96 15.59 50.60
C LYS A 82 4.58 16.57 49.59
N HIS A 83 5.14 16.07 48.50
CA HIS A 83 5.93 16.90 47.60
C HIS A 83 5.26 17.20 46.27
N ASN A 84 4.12 16.58 45.97
CA ASN A 84 3.20 16.90 44.88
C ASN A 84 3.67 16.40 43.51
N VAL A 85 4.88 15.86 43.37
CA VAL A 85 5.43 15.45 42.07
C VAL A 85 6.14 14.11 42.25
N GLY A 86 5.71 13.11 41.51
CA GLY A 86 6.39 11.83 41.50
C GLY A 86 6.63 11.40 40.07
N VAL A 87 7.77 10.75 39.84
CA VAL A 87 8.08 10.09 38.58
C VAL A 87 8.43 8.64 38.88
N LYS A 88 7.74 7.70 38.25
CA LYS A 88 7.85 6.29 38.60
C LYS A 88 8.29 5.46 37.40
N CYS A 89 9.24 4.56 37.65
CA CYS A 89 9.74 3.59 36.67
C CYS A 89 8.88 2.33 36.74
N ALA A 90 8.70 1.69 35.59
CA ALA A 90 7.93 0.45 35.55
C ALA A 90 8.47 -0.56 36.57
N THR A 91 7.56 -1.31 37.18
CA THR A 91 7.88 -2.25 38.25
C THR A 91 7.29 -3.61 37.92
N ILE A 92 7.85 -4.68 38.50
CA ILE A 92 7.30 -6.02 38.32
C ILE A 92 6.07 -6.19 39.22
N THR A 93 4.95 -6.64 38.64
CA THR A 93 3.82 -7.03 39.46
C THR A 93 3.83 -8.53 39.68
N PRO A 94 4.06 -9.00 40.92
CA PRO A 94 4.24 -10.43 41.17
C PRO A 94 3.08 -11.29 40.69
N ASP A 95 3.42 -12.43 40.08
CA ASP A 95 2.47 -13.52 39.92
C ASP A 95 3.14 -14.82 40.39
N GLU A 96 2.51 -15.97 40.12
CA GLU A 96 3.09 -17.24 40.59
C GLU A 96 4.51 -17.40 40.07
N LYS A 97 4.71 -17.21 38.77
CA LYS A 97 6.05 -17.32 38.20
C LYS A 97 7.04 -16.46 38.96
N ARG A 98 6.66 -15.21 39.27
CA ARG A 98 7.60 -14.27 39.87
C ARG A 98 7.93 -14.60 41.32
N VAL A 99 6.98 -15.14 42.07
CA VAL A 99 7.27 -15.55 43.44
C VAL A 99 8.37 -16.60 43.44
N GLU A 100 8.32 -17.50 42.46
CA GLU A 100 9.40 -18.47 42.28
C GLU A 100 10.71 -17.79 41.89
N GLU A 101 10.68 -16.98 40.83
CA GLU A 101 11.92 -16.41 40.28
C GLU A 101 12.66 -15.57 41.32
N PHE A 102 11.93 -14.84 42.16
CA PHE A 102 12.56 -14.01 43.18
C PHE A 102 12.39 -14.58 44.57
N LYS A 103 11.83 -15.78 44.70
CA LYS A 103 11.59 -16.43 45.98
C LYS A 103 11.03 -15.42 47.00
N LEU A 104 9.92 -14.80 46.61
CA LEU A 104 9.27 -13.75 47.39
C LEU A 104 8.56 -14.32 48.62
N LYS A 105 8.38 -13.45 49.62
CA LYS A 105 7.66 -13.83 50.84
C LYS A 105 6.16 -13.96 50.60
N GLN A 106 5.60 -13.16 49.70
CA GLN A 106 4.20 -13.25 49.33
C GLN A 106 4.05 -12.74 47.91
N MET A 107 2.85 -12.87 47.38
CA MET A 107 2.56 -12.29 46.07
C MET A 107 2.10 -10.86 46.29
N TRP A 108 3.06 -9.93 46.27
CA TRP A 108 2.75 -8.55 46.60
C TRP A 108 1.82 -7.92 45.56
N LYS A 109 0.97 -7.01 46.04
CA LYS A 109 0.02 -6.30 45.20
C LYS A 109 0.76 -5.43 44.20
N SER A 110 0.06 -5.08 43.12
CA SER A 110 0.65 -4.21 42.14
C SER A 110 1.03 -2.88 42.80
N PRO A 111 2.27 -2.41 42.64
CA PRO A 111 2.64 -1.11 43.22
C PRO A 111 1.81 0.04 42.69
N ASN A 112 1.32 -0.06 41.45
CA ASN A 112 0.55 1.05 40.88
C ASN A 112 -0.89 1.07 41.41
N GLY A 113 -1.48 -0.09 41.68
CA GLY A 113 -2.76 -0.07 42.37
C GLY A 113 -2.65 0.51 43.77
N THR A 114 -1.62 0.07 44.51
CA THR A 114 -1.35 0.63 45.82
C THR A 114 -1.17 2.15 45.75
N ILE A 115 -0.37 2.61 44.79
CA ILE A 115 -0.09 4.05 44.71
C ILE A 115 -1.35 4.81 44.30
N ARG A 116 -2.08 4.30 43.30
CA ARG A 116 -3.33 4.91 42.90
C ARG A 116 -4.32 4.94 44.05
N ASN A 117 -4.43 3.84 44.80
CA ASN A 117 -5.43 3.76 45.85
C ASN A 117 -5.16 4.79 46.95
N ILE A 118 -3.89 5.02 47.26
CA ILE A 118 -3.54 6.06 48.23
C ILE A 118 -3.77 7.45 47.65
N LEU A 119 -3.39 7.68 46.38
CA LEU A 119 -3.42 9.05 45.84
C LEU A 119 -4.78 9.45 45.25
N GLY A 120 -5.48 8.53 44.57
CA GLY A 120 -6.70 8.85 43.86
C GLY A 120 -6.46 9.54 42.52
N GLY A 121 -7.53 9.76 41.79
CA GLY A 121 -7.50 10.63 40.62
C GLY A 121 -7.71 9.90 39.31
N THR A 122 -7.33 10.58 38.23
CA THR A 122 -7.53 10.11 36.87
C THR A 122 -6.17 9.90 36.21
N VAL A 123 -6.06 8.82 35.43
CA VAL A 123 -4.83 8.51 34.71
C VAL A 123 -5.04 8.92 33.26
N PHE A 124 -4.27 9.90 32.81
CA PHE A 124 -4.36 10.37 31.43
C PHE A 124 -3.21 9.77 30.62
N ARG A 125 -3.55 9.13 29.51
CA ARG A 125 -2.59 8.44 28.67
C ARG A 125 -2.62 9.03 27.25
N GLU A 126 -1.44 9.15 26.64
CA GLU A 126 -1.32 9.87 25.37
C GLU A 126 -0.07 9.40 24.62
N ALA A 127 -0.21 9.21 23.31
CA ALA A 127 0.90 8.80 22.47
C ALA A 127 1.71 10.02 22.05
N ILE A 128 3.03 9.88 22.08
CA ILE A 128 3.95 10.84 21.46
C ILE A 128 3.96 10.59 19.96
N ILE A 129 3.70 11.63 19.18
CA ILE A 129 3.59 11.51 17.72
C ILE A 129 4.83 12.11 17.09
N CYS A 130 5.44 11.35 16.16
CA CYS A 130 6.49 11.84 15.29
C CYS A 130 5.98 11.74 13.87
N LYS A 131 6.27 12.76 13.04
CA LYS A 131 5.55 12.82 11.78
C LYS A 131 6.04 11.79 10.79
N ASN A 132 7.24 11.22 10.98
CA ASN A 132 7.72 10.21 10.04
C ASN A 132 7.38 8.80 10.48
N ILE A 133 6.63 8.64 11.56
CA ILE A 133 6.31 7.33 12.13
C ILE A 133 4.87 6.99 11.78
N PRO A 134 4.63 6.11 10.80
CA PRO A 134 3.24 5.81 10.41
C PRO A 134 2.47 5.17 11.56
N ARG A 135 1.19 5.51 11.64
CA ARG A 135 0.27 4.86 12.57
C ARG A 135 -0.24 3.56 11.97
N LEU A 136 -0.73 2.67 12.82
CA LEU A 136 -1.42 1.49 12.32
C LEU A 136 -2.82 1.84 11.82
N VAL A 137 -3.47 2.81 12.46
CA VAL A 137 -4.79 3.31 12.07
C VAL A 137 -4.62 4.54 11.18
N SER A 138 -5.10 4.46 9.94
CA SER A 138 -4.71 5.44 8.92
C SER A 138 -5.15 6.87 9.27
N GLY A 139 -6.35 7.04 9.82
CA GLY A 139 -6.86 8.40 10.00
C GLY A 139 -6.27 9.20 11.15
N TRP A 140 -5.51 8.60 12.06
CA TRP A 140 -5.16 9.28 13.31
C TRP A 140 -4.05 10.30 13.07
N VAL A 141 -4.45 11.57 12.94
CA VAL A 141 -3.54 12.69 12.70
C VAL A 141 -3.15 13.34 14.02
N LYS A 142 -4.13 13.75 14.80
CA LYS A 142 -3.94 14.31 16.14
C LYS A 142 -4.02 13.20 17.18
N PRO A 143 -3.60 13.49 18.42
CA PRO A 143 -3.58 12.46 19.47
C PRO A 143 -4.96 12.27 20.11
N ILE A 144 -5.08 11.16 20.84
CA ILE A 144 -6.28 10.82 21.58
C ILE A 144 -5.86 10.60 23.03
N ILE A 145 -6.38 11.43 23.93
CA ILE A 145 -5.97 11.41 25.32
C ILE A 145 -7.06 10.68 26.09
N ILE A 146 -6.75 9.48 26.57
CA ILE A 146 -7.69 8.71 27.39
C ILE A 146 -7.49 9.08 28.85
N GLY A 147 -8.59 9.44 29.53
CA GLY A 147 -8.58 9.65 30.95
C GLY A 147 -9.26 8.48 31.63
N GLN A 148 -8.48 7.66 32.34
CA GLN A 148 -9.00 6.48 33.00
C GLN A 148 -9.33 6.78 34.46
N HIS A 149 -10.57 6.51 34.84
CA HIS A 149 -11.00 6.67 36.21
C HIS A 149 -10.29 5.60 37.03
N ALA A 150 -9.37 6.01 37.93
CA ALA A 150 -8.44 5.07 38.53
C ALA A 150 -8.97 4.42 39.81
N TYR A 151 -10.29 4.34 39.98
CA TYR A 151 -10.86 3.81 41.22
C TYR A 151 -12.07 2.94 40.92
N GLY A 152 -12.17 1.81 41.61
CA GLY A 152 -13.41 1.06 41.70
C GLY A 152 -13.67 0.08 40.58
N ASP A 153 -14.93 -0.33 40.50
CA ASP A 153 -15.41 -1.28 39.48
C ASP A 153 -14.66 -2.60 39.69
N GLN A 154 -14.26 -3.30 38.61
CA GLN A 154 -13.60 -4.60 38.70
C GLN A 154 -12.39 -4.57 39.63
N TYR A 155 -11.70 -3.44 39.74
CA TYR A 155 -10.46 -3.40 40.50
C TYR A 155 -10.69 -3.39 42.01
N ARG A 156 -11.92 -3.24 42.48
CA ARG A 156 -12.19 -3.36 43.92
C ARG A 156 -13.28 -4.38 44.19
N ALA A 157 -13.61 -5.21 43.21
CA ALA A 157 -14.77 -6.07 43.24
C ALA A 157 -14.52 -7.30 44.11
N THR A 158 -15.58 -7.99 44.43
CA THR A 158 -15.52 -9.22 45.23
C THR A 158 -16.08 -10.32 44.35
N ASP A 159 -15.22 -11.27 43.92
CA ASP A 159 -15.67 -12.36 43.08
C ASP A 159 -15.41 -13.71 43.73
N PHE A 160 -16.27 -14.68 43.44
CA PHE A 160 -16.09 -16.01 44.01
C PHE A 160 -16.69 -17.07 43.10
N VAL A 161 -16.30 -18.30 43.36
CA VAL A 161 -16.80 -19.44 42.62
C VAL A 161 -18.09 -19.87 43.29
N VAL A 162 -19.11 -20.13 42.49
CA VAL A 162 -20.35 -20.74 42.98
C VAL A 162 -20.21 -22.23 42.81
N PRO A 163 -20.10 -23.02 43.90
CA PRO A 163 -19.74 -24.44 43.77
C PRO A 163 -20.88 -25.34 43.32
N GLY A 164 -22.13 -24.90 43.43
CA GLY A 164 -23.24 -25.74 43.04
C GLY A 164 -24.52 -24.96 42.97
N PRO A 165 -25.64 -25.66 42.77
CA PRO A 165 -26.94 -24.98 42.76
C PRO A 165 -27.16 -24.17 44.01
N GLY A 166 -27.81 -23.02 43.86
CA GLY A 166 -28.12 -22.18 45.01
C GLY A 166 -28.44 -20.76 44.55
N LYS A 167 -28.57 -19.89 45.53
CA LYS A 167 -29.02 -18.53 45.29
C LYS A 167 -27.89 -17.54 45.57
N VAL A 168 -27.63 -16.63 44.63
CA VAL A 168 -26.74 -15.51 44.86
C VAL A 168 -27.59 -14.25 44.93
N GLU A 169 -27.39 -13.47 45.99
CA GLU A 169 -28.09 -12.23 46.21
C GLU A 169 -27.09 -11.18 46.61
N ILE A 170 -27.37 -9.95 46.21
CA ILE A 170 -26.62 -8.78 46.65
C ILE A 170 -27.57 -7.88 47.44
N THR A 171 -27.16 -7.50 48.65
CA THR A 171 -28.01 -6.73 49.55
C THR A 171 -27.39 -5.41 49.95
N TYR A 172 -28.25 -4.44 50.23
CA TYR A 172 -27.83 -3.14 50.74
C TYR A 172 -28.51 -2.92 52.07
N THR A 173 -27.72 -2.64 53.10
CA THR A 173 -28.26 -2.38 54.43
C THR A 173 -27.89 -0.95 54.82
N PRO A 174 -28.85 -0.03 54.83
CA PRO A 174 -28.54 1.35 55.20
C PRO A 174 -27.83 1.41 56.55
N SER A 175 -26.92 2.36 56.69
CA SER A 175 -26.20 2.47 57.94
C SER A 175 -27.07 3.11 59.02
N ASP A 176 -28.05 3.92 58.63
CA ASP A 176 -28.86 4.67 59.58
C ASP A 176 -29.96 3.84 60.21
N GLY A 177 -29.97 2.52 60.00
CA GLY A 177 -30.88 1.63 60.70
C GLY A 177 -32.06 1.15 59.87
N THR A 178 -32.52 1.93 58.89
CA THR A 178 -33.70 1.55 58.14
C THR A 178 -33.46 0.26 57.35
N GLN A 179 -34.54 -0.29 56.78
CA GLN A 179 -34.60 -1.69 56.36
C GLN A 179 -33.78 -1.94 55.09
N LYS A 180 -33.23 -3.15 55.01
CA LYS A 180 -32.35 -3.55 53.94
C LYS A 180 -33.14 -3.82 52.66
N VAL A 181 -32.42 -3.89 51.54
CA VAL A 181 -32.99 -4.21 50.24
C VAL A 181 -32.14 -5.34 49.67
N THR A 182 -32.80 -6.31 49.03
CA THR A 182 -32.11 -7.52 48.59
C THR A 182 -32.38 -7.75 47.11
N TYR A 183 -31.33 -7.74 46.29
CA TYR A 183 -31.47 -7.93 44.85
C TYR A 183 -31.05 -9.34 44.47
N LEU A 184 -31.96 -10.11 43.85
CA LEU A 184 -31.61 -11.44 43.35
C LEU A 184 -30.59 -11.33 42.21
N VAL A 185 -29.43 -11.96 42.36
CA VAL A 185 -28.52 -12.05 41.22
C VAL A 185 -28.91 -13.22 40.31
N HIS A 186 -29.04 -14.43 40.88
CA HIS A 186 -29.33 -15.59 40.05
C HIS A 186 -29.66 -16.77 40.95
N ASN A 187 -30.61 -17.60 40.51
N ASN A 187 -30.61 -17.58 40.49
CA ASN A 187 -30.83 -18.91 41.13
CA ASN A 187 -30.86 -18.91 41.03
C ASN A 187 -30.16 -19.95 40.23
C ASN A 187 -30.11 -19.91 40.15
N PHE A 188 -29.01 -20.47 40.67
CA PHE A 188 -28.28 -21.49 39.93
C PHE A 188 -29.03 -22.81 40.09
N GLU A 189 -29.68 -23.27 39.03
CA GLU A 189 -30.51 -24.47 39.14
C GLU A 189 -29.87 -25.73 38.55
N GLU A 190 -28.81 -25.59 37.75
CA GLU A 190 -28.27 -26.64 36.92
C GLU A 190 -26.83 -27.01 37.25
N GLY A 191 -26.08 -26.12 37.87
CA GLY A 191 -24.75 -26.44 38.35
C GLY A 191 -24.22 -25.23 39.06
N GLY A 192 -22.90 -25.10 39.12
CA GLY A 192 -22.24 -23.93 39.68
C GLY A 192 -21.81 -22.94 38.61
N GLY A 193 -20.94 -22.01 39.01
CA GLY A 193 -20.45 -20.97 38.12
C GLY A 193 -19.64 -19.93 38.87
N VAL A 194 -19.87 -18.65 38.60
CA VAL A 194 -19.12 -17.58 39.25
C VAL A 194 -20.05 -16.38 39.46
N ALA A 195 -19.67 -15.55 40.42
CA ALA A 195 -20.50 -14.39 40.76
C ALA A 195 -19.58 -13.32 41.29
N MET A 196 -20.08 -12.08 41.30
CA MET A 196 -19.25 -10.99 41.73
C MET A 196 -20.11 -9.77 42.06
N GLY A 197 -19.69 -9.01 43.06
CA GLY A 197 -20.26 -7.71 43.33
C GLY A 197 -19.18 -6.64 43.15
N MET A 198 -19.61 -5.45 42.75
CA MET A 198 -18.68 -4.34 42.54
C MET A 198 -19.43 -3.03 42.74
N TYR A 199 -18.66 -1.98 42.98
CA TYR A 199 -19.24 -0.71 43.40
C TYR A 199 -18.37 0.42 42.87
N ASN A 200 -18.95 1.63 42.89
CA ASN A 200 -18.18 2.86 42.80
C ASN A 200 -18.81 3.89 43.72
N GLN A 201 -18.13 5.02 43.89
CA GLN A 201 -18.52 6.06 44.84
C GLN A 201 -18.77 7.38 44.12
N ASP A 202 -19.78 8.13 44.58
CA ASP A 202 -20.18 9.35 43.89
C ASP A 202 -19.06 10.39 43.85
N LYS A 203 -18.37 10.61 44.97
CA LYS A 203 -17.33 11.63 44.99
C LYS A 203 -16.16 11.26 44.06
N SER A 204 -15.84 9.97 43.94
CA SER A 204 -14.81 9.59 43.00
C SER A 204 -15.25 9.87 41.56
N ILE A 205 -16.52 9.59 41.25
CA ILE A 205 -17.04 9.87 39.92
C ILE A 205 -17.04 11.37 39.65
N GLU A 206 -17.32 12.19 40.68
CA GLU A 206 -17.36 13.64 40.50
C GLU A 206 -15.96 14.19 40.23
N ASP A 207 -14.98 13.78 41.03
CA ASP A 207 -13.58 14.13 40.76
C ASP A 207 -13.16 13.70 39.35
N PHE A 208 -13.56 12.50 38.94
CA PHE A 208 -13.28 12.04 37.58
C PHE A 208 -13.91 12.96 36.54
N ALA A 209 -15.15 13.38 36.74
CA ALA A 209 -15.77 14.29 35.78
C ALA A 209 -15.02 15.61 35.70
N HIS A 210 -14.70 16.21 36.85
CA HIS A 210 -14.06 17.51 36.86
C HIS A 210 -12.72 17.45 36.16
N SER A 211 -11.92 16.43 36.45
CA SER A 211 -10.61 16.32 35.81
C SER A 211 -10.75 16.17 34.30
N SER A 212 -11.79 15.48 33.84
CA SER A 212 -11.99 15.29 32.40
C SER A 212 -12.40 16.60 31.72
N PHE A 213 -13.42 17.29 32.26
CA PHE A 213 -13.77 18.61 31.75
C PHE A 213 -12.57 19.55 31.79
N GLN A 214 -11.79 19.51 32.86
CA GLN A 214 -10.65 20.41 32.94
C GLN A 214 -9.61 20.05 31.90
N MET A 215 -9.42 18.74 31.65
CA MET A 215 -8.40 18.37 30.68
C MET A 215 -8.85 18.80 29.28
N ALA A 216 -10.13 18.62 28.96
CA ALA A 216 -10.61 19.01 27.64
C ALA A 216 -10.42 20.51 27.42
N LEU A 217 -10.68 21.30 28.45
CA LEU A 217 -10.56 22.74 28.30
C LEU A 217 -9.11 23.19 28.19
N SER A 218 -8.18 22.54 28.88
CA SER A 218 -6.79 22.97 28.73
C SER A 218 -6.18 22.54 27.41
N LYS A 219 -6.68 21.46 26.78
CA LYS A 219 -6.19 21.08 25.46
C LYS A 219 -6.95 21.75 24.32
N GLY A 220 -8.10 22.35 24.61
CA GLY A 220 -8.97 22.88 23.56
C GLY A 220 -9.66 21.81 22.72
N TRP A 221 -9.91 20.62 23.27
CA TRP A 221 -10.48 19.56 22.47
C TRP A 221 -11.81 19.10 23.06
N PRO A 222 -12.70 18.55 22.24
CA PRO A 222 -13.96 18.00 22.77
C PRO A 222 -13.72 16.80 23.67
N LEU A 223 -14.75 16.46 24.45
CA LEU A 223 -14.69 15.41 25.46
C LEU A 223 -15.82 14.43 25.24
N TYR A 224 -15.50 13.15 25.24
CA TYR A 224 -16.51 12.08 25.23
C TYR A 224 -16.35 11.21 26.48
N LEU A 225 -17.47 10.86 27.09
CA LEU A 225 -17.52 9.80 28.10
C LEU A 225 -18.18 8.59 27.49
N SER A 226 -17.59 7.41 27.69
CA SER A 226 -18.20 6.16 27.26
C SER A 226 -18.71 5.40 28.48
N THR A 227 -19.96 4.92 28.42
CA THR A 227 -20.49 3.93 29.36
C THR A 227 -21.28 2.90 28.55
N LYS A 228 -21.94 1.98 29.26
CA LYS A 228 -22.86 1.00 28.68
C LYS A 228 -24.21 1.10 29.41
N ASN A 229 -24.80 2.30 29.42
CA ASN A 229 -25.95 2.55 30.29
C ASN A 229 -27.27 2.03 29.72
N THR A 230 -27.30 1.68 28.43
CA THR A 230 -28.41 0.89 27.90
C THR A 230 -28.61 -0.40 28.69
N ILE A 231 -27.54 -0.98 29.19
CA ILE A 231 -27.58 -2.27 29.88
C ILE A 231 -27.50 -2.08 31.39
N LEU A 232 -26.59 -1.23 31.86
CA LEU A 232 -26.47 -0.95 33.29
C LEU A 232 -27.08 0.42 33.54
N LYS A 233 -28.43 0.45 33.57
CA LYS A 233 -29.10 1.74 33.57
C LYS A 233 -28.82 2.51 34.85
N LYS A 234 -28.64 1.82 35.98
CA LYS A 234 -28.41 2.47 37.25
C LYS A 234 -26.92 2.71 37.49
N TYR A 235 -26.11 1.70 37.22
CA TYR A 235 -24.68 1.79 37.52
C TYR A 235 -23.99 2.75 36.54
N ASP A 236 -24.12 2.50 35.24
CA ASP A 236 -23.48 3.40 34.28
C ASP A 236 -24.28 4.68 34.14
N GLY A 237 -25.59 4.63 34.41
CA GLY A 237 -26.38 5.84 34.39
C GLY A 237 -25.90 6.87 35.37
N ARG A 238 -25.39 6.41 36.53
CA ARG A 238 -24.85 7.32 37.52
C ARG A 238 -23.69 8.15 36.97
N PHE A 239 -22.74 7.48 36.30
CA PHE A 239 -21.65 8.19 35.63
C PHE A 239 -22.20 9.21 34.65
N LYS A 240 -23.11 8.77 33.77
CA LYS A 240 -23.64 9.66 32.75
C LYS A 240 -24.33 10.86 33.39
N ASP A 241 -25.13 10.63 34.43
CA ASP A 241 -25.84 11.72 35.08
C ASP A 241 -24.89 12.69 35.78
N ILE A 242 -23.87 12.18 36.47
CA ILE A 242 -22.97 13.08 37.17
C ILE A 242 -22.21 13.96 36.18
N PHE A 243 -21.68 13.36 35.11
CA PHE A 243 -21.01 14.16 34.08
C PHE A 243 -21.92 15.25 33.52
N GLN A 244 -23.15 14.88 33.15
CA GLN A 244 -24.05 15.82 32.50
C GLN A 244 -24.40 17.00 33.42
N GLU A 245 -24.64 16.74 34.71
CA GLU A 245 -25.00 17.85 35.60
C GLU A 245 -23.81 18.74 35.85
N ILE A 246 -22.62 18.15 36.07
CA ILE A 246 -21.45 18.99 36.30
C ILE A 246 -21.15 19.80 35.05
N TYR A 247 -21.38 19.23 33.87
CA TYR A 247 -21.12 19.97 32.63
C TYR A 247 -22.08 21.15 32.47
N ASP A 248 -23.39 20.89 32.60
CA ASP A 248 -24.38 21.96 32.53
C ASP A 248 -24.12 23.05 33.56
N LYS A 249 -23.85 22.65 34.81
CA LYS A 249 -23.74 23.63 35.88
C LYS A 249 -22.43 24.40 35.83
N GLN A 250 -21.34 23.76 35.40
CA GLN A 250 -20.01 24.31 35.63
C GLN A 250 -19.15 24.49 34.39
N TYR A 251 -19.37 23.74 33.32
CA TYR A 251 -18.42 23.80 32.22
C TYR A 251 -19.03 24.14 30.86
N LYS A 252 -20.36 24.06 30.69
CA LYS A 252 -20.92 24.11 29.34
C LYS A 252 -20.58 25.42 28.66
N SER A 253 -20.73 26.55 29.37
CA SER A 253 -20.46 27.83 28.74
C SER A 253 -18.98 28.04 28.46
N GLN A 254 -18.10 27.50 29.30
CA GLN A 254 -16.68 27.51 28.98
C GLN A 254 -16.40 26.71 27.70
N PHE A 255 -16.95 25.49 27.62
CA PHE A 255 -16.74 24.64 26.44
C PHE A 255 -17.22 25.34 25.18
N GLU A 256 -18.41 25.95 25.24
CA GLU A 256 -18.92 26.61 24.05
C GLU A 256 -18.08 27.84 23.70
N ALA A 257 -17.54 28.54 24.71
CA ALA A 257 -16.69 29.69 24.43
C ALA A 257 -15.43 29.28 23.67
N GLN A 258 -14.99 28.03 23.80
CA GLN A 258 -13.85 27.54 23.03
C GLN A 258 -14.26 26.69 21.84
N LYS A 259 -15.56 26.62 21.55
CA LYS A 259 -16.08 25.90 20.39
C LYS A 259 -15.82 24.40 20.48
N ILE A 260 -15.77 23.86 21.70
CA ILE A 260 -15.71 22.41 21.89
C ILE A 260 -17.01 21.97 22.53
N TRP A 261 -17.09 20.68 22.89
CA TRP A 261 -18.36 20.17 23.38
C TRP A 261 -18.13 18.91 24.19
N TYR A 262 -19.14 18.54 24.96
CA TYR A 262 -19.13 17.30 25.74
C TYR A 262 -20.32 16.45 25.31
N GLU A 263 -20.08 15.17 25.05
CA GLU A 263 -21.15 14.25 24.70
C GLU A 263 -20.91 12.90 25.36
N HIS A 264 -22.00 12.28 25.77
CA HIS A 264 -21.95 10.89 26.20
C HIS A 264 -22.05 9.95 24.99
N ARG A 265 -21.41 8.80 25.10
CA ARG A 265 -21.36 7.80 24.04
C ARG A 265 -21.43 6.39 24.63
N LEU A 266 -22.17 5.49 23.99
CA LEU A 266 -22.06 4.09 24.36
C LEU A 266 -20.67 3.57 23.99
N ILE A 267 -20.13 2.71 24.86
CA ILE A 267 -18.73 2.31 24.71
C ILE A 267 -18.48 1.65 23.36
N ASP A 268 -19.43 0.85 22.86
CA ASP A 268 -19.15 0.21 21.58
C ASP A 268 -19.30 1.18 20.42
N ASP A 269 -20.26 2.11 20.49
CA ASP A 269 -20.25 3.19 19.50
C ASP A 269 -18.95 3.99 19.60
N MET A 270 -18.43 4.18 20.81
CA MET A 270 -17.26 5.03 21.03
C MET A 270 -15.99 4.43 20.40
N VAL A 271 -15.77 3.11 20.56
CA VAL A 271 -14.57 2.48 19.99
C VAL A 271 -14.62 2.47 18.46
N ALA A 272 -15.82 2.35 17.86
CA ALA A 272 -15.92 2.47 16.40
C ALA A 272 -15.67 3.90 15.95
N GLN A 273 -16.27 4.87 16.65
CA GLN A 273 -16.03 6.27 16.36
C GLN A 273 -14.55 6.62 16.50
N ALA A 274 -13.91 6.16 17.58
CA ALA A 274 -12.50 6.48 17.75
C ALA A 274 -11.68 5.92 16.60
N MET A 275 -11.98 4.68 16.19
CA MET A 275 -11.20 4.00 15.16
C MET A 275 -11.32 4.68 13.80
N LYS A 276 -12.42 5.39 13.50
CA LYS A 276 -12.46 6.04 12.21
C LYS A 276 -12.31 7.55 12.31
N SER A 277 -11.95 8.07 13.48
CA SER A 277 -11.74 9.49 13.63
C SER A 277 -10.34 9.88 13.16
N GLU A 278 -10.04 11.16 13.30
CA GLU A 278 -8.70 11.72 13.11
C GLU A 278 -7.98 11.98 14.43
N GLY A 279 -8.56 11.54 15.56
CA GLY A 279 -8.03 11.95 16.83
C GLY A 279 -8.43 13.38 17.14
N GLY A 280 -7.78 13.93 18.16
CA GLY A 280 -8.09 15.29 18.60
C GLY A 280 -9.26 15.40 19.57
N PHE A 281 -9.36 14.50 20.55
CA PHE A 281 -10.42 14.57 21.54
C PHE A 281 -9.94 13.92 22.83
N ILE A 282 -10.61 14.28 23.95
CA ILE A 282 -10.42 13.62 25.24
C ILE A 282 -11.43 12.51 25.34
N TRP A 283 -11.01 11.36 25.88
CA TRP A 283 -11.86 10.17 25.94
C TRP A 283 -11.88 9.72 27.40
N ALA A 284 -12.96 10.05 28.11
CA ALA A 284 -13.10 9.70 29.51
C ALA A 284 -13.62 8.26 29.62
N CYS A 285 -12.85 7.38 30.27
CA CYS A 285 -13.19 5.97 30.34
C CYS A 285 -13.36 5.55 31.80
N LYS A 286 -14.35 4.71 32.04
CA LYS A 286 -14.42 4.00 33.32
C LYS A 286 -13.16 3.16 33.49
N ASN A 287 -12.90 2.75 34.74
CA ASN A 287 -11.63 2.07 35.07
C ASN A 287 -11.25 1.02 34.03
N TYR A 288 -12.13 0.00 33.84
CA TYR A 288 -11.77 -1.14 32.99
C TYR A 288 -11.57 -0.72 31.53
N ASP A 289 -12.50 0.07 30.98
CA ASP A 289 -12.39 0.49 29.59
C ASP A 289 -11.11 1.29 29.33
N GLY A 290 -10.71 2.12 30.29
CA GLY A 290 -9.49 2.90 30.13
C GLY A 290 -8.24 2.04 30.21
N ASP A 291 -8.25 1.02 31.08
CA ASP A 291 -7.16 0.05 31.13
C ASP A 291 -6.95 -0.62 29.77
N VAL A 292 -8.04 -1.14 29.20
CA VAL A 292 -7.97 -1.91 27.97
C VAL A 292 -7.79 -1.00 26.76
N GLN A 293 -8.69 -0.02 26.60
CA GLN A 293 -8.69 0.78 25.38
C GLN A 293 -7.40 1.56 25.21
N SER A 294 -6.73 1.91 26.31
CA SER A 294 -5.51 2.71 26.12
C SER A 294 -4.35 1.87 25.59
N ASP A 295 -4.34 0.56 25.82
CA ASP A 295 -3.35 -0.29 25.16
C ASP A 295 -3.67 -0.42 23.68
N SER A 296 -4.95 -0.60 23.36
CA SER A 296 -5.41 -0.55 21.97
C SER A 296 -4.98 0.75 21.29
N VAL A 297 -5.29 1.89 21.92
CA VAL A 297 -4.95 3.17 21.31
C VAL A 297 -3.44 3.31 21.19
N ALA A 298 -2.70 2.96 22.26
CA ALA A 298 -1.25 3.03 22.22
C ALA A 298 -0.69 2.25 21.04
N GLN A 299 -1.14 1.02 20.84
CA GLN A 299 -0.59 0.24 19.74
C GLN A 299 -1.00 0.83 18.39
N GLY A 300 -2.20 1.41 18.29
CA GLY A 300 -2.65 1.96 17.03
C GLY A 300 -1.83 3.12 16.55
N TYR A 301 -1.19 3.84 17.47
CA TYR A 301 -0.31 4.92 17.09
C TYR A 301 1.06 4.44 16.65
N GLY A 302 1.44 3.20 16.98
CA GLY A 302 2.69 2.68 16.49
C GLY A 302 3.43 1.81 17.48
N SER A 303 3.62 2.32 18.70
CA SER A 303 4.50 1.65 19.65
C SER A 303 4.09 1.97 21.08
N LEU A 304 4.00 0.92 21.90
CA LEU A 304 3.86 1.10 23.34
C LEU A 304 5.00 1.95 23.91
N GLY A 305 6.20 1.80 23.35
CA GLY A 305 7.32 2.63 23.79
C GLY A 305 7.08 4.13 23.69
N MET A 306 6.00 4.55 23.03
CA MET A 306 5.73 5.96 22.79
C MET A 306 4.55 6.48 23.62
N MET A 307 4.10 5.72 24.62
CA MET A 307 2.86 6.00 25.37
C MET A 307 3.19 6.62 26.73
N THR A 308 2.71 7.84 26.98
CA THR A 308 2.92 8.52 28.24
C THR A 308 1.69 8.39 29.15
N SER A 309 1.88 8.71 30.42
CA SER A 309 0.82 8.48 31.39
C SER A 309 1.04 9.37 32.59
N VAL A 310 -0.02 10.05 33.04
CA VAL A 310 0.08 10.86 34.27
C VAL A 310 -1.18 10.71 35.10
N LEU A 311 -1.00 10.31 36.36
CA LEU A 311 -2.07 10.33 37.33
C LEU A 311 -2.28 11.76 37.80
N VAL A 312 -3.45 12.32 37.55
CA VAL A 312 -3.80 13.66 38.03
C VAL A 312 -4.69 13.49 39.27
N CYS A 313 -4.18 13.83 40.45
CA CYS A 313 -4.94 13.63 41.67
C CYS A 313 -6.03 14.68 41.84
N PRO A 314 -7.05 14.38 42.65
CA PRO A 314 -8.17 15.32 42.80
C PRO A 314 -7.80 16.67 43.42
N ASP A 315 -6.71 16.77 44.19
CA ASP A 315 -6.35 18.08 44.76
C ASP A 315 -5.92 19.11 43.71
N GLY A 316 -5.89 18.75 42.44
CA GLY A 316 -5.50 19.69 41.40
C GLY A 316 -4.07 20.16 41.50
N LYS A 317 -3.25 19.47 42.30
CA LYS A 317 -1.89 19.91 42.60
C LYS A 317 -0.86 18.79 42.52
N THR A 318 -1.25 17.54 42.72
CA THR A 318 -0.35 16.41 42.82
C THR A 318 -0.46 15.56 41.55
N VAL A 319 0.69 15.16 41.01
CA VAL A 319 0.70 14.28 39.84
C VAL A 319 1.77 13.22 40.01
N GLU A 320 1.54 12.08 39.35
CA GLU A 320 2.54 11.04 39.25
C GLU A 320 2.65 10.68 37.78
N ALA A 321 3.87 10.77 37.25
CA ALA A 321 4.13 10.56 35.84
C ALA A 321 4.92 9.26 35.65
N GLU A 322 4.60 8.52 34.59
CA GLU A 322 5.18 7.20 34.37
C GLU A 322 5.08 6.86 32.89
N ALA A 323 5.89 5.90 32.46
CA ALA A 323 5.68 5.34 31.14
C ALA A 323 4.47 4.41 31.20
N ALA A 324 3.70 4.39 30.12
CA ALA A 324 2.54 3.50 30.00
C ALA A 324 2.93 2.21 29.28
N HIS A 325 3.88 1.49 29.87
CA HIS A 325 4.24 0.15 29.45
C HIS A 325 4.93 -0.52 30.60
N GLY A 326 5.23 -1.80 30.44
CA GLY A 326 5.88 -2.57 31.47
C GLY A 326 7.40 -2.43 31.51
N THR A 327 8.03 -3.38 32.19
CA THR A 327 9.47 -3.36 32.39
C THR A 327 10.24 -3.94 31.22
N VAL A 328 9.55 -4.38 30.16
CA VAL A 328 10.17 -4.86 28.93
C VAL A 328 11.05 -6.08 29.25
N THR A 329 10.47 -7.09 29.92
CA THR A 329 11.24 -8.26 30.34
C THR A 329 11.94 -8.92 29.16
N ARG A 330 11.27 -8.98 28.00
CA ARG A 330 11.87 -9.67 26.86
C ARG A 330 13.23 -9.05 26.50
N HIS A 331 13.28 -7.72 26.36
CA HIS A 331 14.55 -7.07 26.03
C HIS A 331 15.57 -7.27 27.14
N TYR A 332 15.12 -7.22 28.40
CA TYR A 332 16.04 -7.34 29.52
C TYR A 332 16.71 -8.70 29.54
N ARG A 333 15.99 -9.75 29.13
CA ARG A 333 16.59 -11.07 29.05
C ARG A 333 17.73 -11.09 28.04
N MET A 334 17.54 -10.45 26.89
CA MET A 334 18.63 -10.35 25.92
C MET A 334 19.77 -9.50 26.46
N TYR A 335 19.45 -8.34 27.02
CA TYR A 335 20.46 -7.53 27.66
C TYR A 335 21.22 -8.34 28.69
N GLN A 336 20.52 -9.26 29.36
CA GLN A 336 21.10 -10.00 30.46
C GLN A 336 22.21 -10.94 29.98
N LYS A 337 22.07 -11.49 28.77
CA LYS A 337 23.07 -12.37 28.20
C LYS A 337 23.92 -11.67 27.15
N GLY A 338 24.17 -10.37 27.32
CA GLY A 338 25.06 -9.65 26.44
C GLY A 338 24.55 -9.35 25.04
N GLN A 339 23.33 -9.79 24.70
CA GLN A 339 22.81 -9.53 23.36
C GLN A 339 22.30 -8.10 23.20
N GLU A 340 22.67 -7.48 22.08
CA GLU A 340 22.30 -6.11 21.81
C GLU A 340 20.79 -5.92 21.87
N THR A 341 20.35 -4.82 22.49
CA THR A 341 18.93 -4.50 22.54
C THR A 341 18.68 -3.16 21.87
N SER A 342 17.39 -2.88 21.59
CA SER A 342 16.96 -1.60 21.00
C SER A 342 15.65 -1.21 21.66
N THR A 343 15.74 -0.73 22.88
CA THR A 343 14.58 -0.44 23.71
C THR A 343 14.29 1.05 23.67
N ASN A 344 13.03 1.40 23.42
CA ASN A 344 12.66 2.80 23.22
C ASN A 344 12.57 3.52 24.57
N PRO A 345 13.34 4.59 24.79
CA PRO A 345 13.29 5.29 26.08
C PRO A 345 12.32 6.46 26.14
N ILE A 346 11.56 6.75 25.08
CA ILE A 346 10.80 8.00 25.00
C ILE A 346 9.72 8.06 26.08
N ALA A 347 8.97 6.97 26.26
CA ALA A 347 7.94 7.00 27.30
C ALA A 347 8.54 7.32 28.67
N SER A 348 9.65 6.64 29.03
CA SER A 348 10.34 6.91 30.28
C SER A 348 10.85 8.34 30.36
N ILE A 349 11.42 8.84 29.26
CA ILE A 349 11.89 10.24 29.22
C ILE A 349 10.72 11.19 29.50
N PHE A 350 9.58 10.96 28.86
CA PHE A 350 8.47 11.88 29.03
C PHE A 350 7.84 11.76 30.41
N ALA A 351 8.11 10.67 31.13
CA ALA A 351 7.73 10.60 32.54
C ALA A 351 8.49 11.65 33.32
N TRP A 352 9.80 11.71 33.11
CA TRP A 352 10.62 12.75 33.74
C TRP A 352 10.25 14.14 33.25
N THR A 353 10.01 14.32 31.95
CA THR A 353 9.76 15.68 31.49
C THR A 353 8.39 16.15 31.98
N ARG A 354 7.40 15.26 32.01
CA ARG A 354 6.10 15.67 32.54
C ARG A 354 6.19 15.98 34.03
N GLY A 355 6.91 15.15 34.79
CA GLY A 355 7.09 15.46 36.21
C GLY A 355 7.83 16.76 36.45
N LEU A 356 8.92 16.98 35.71
CA LEU A 356 9.66 18.23 35.87
C LEU A 356 8.85 19.43 35.37
N ALA A 357 8.09 19.27 34.27
CA ALA A 357 7.25 20.38 33.83
C ALA A 357 6.29 20.79 34.92
N HIS A 358 5.69 19.80 35.59
CA HIS A 358 4.74 20.09 36.65
C HIS A 358 5.43 20.70 37.86
N ARG A 359 6.56 20.15 38.27
CA ARG A 359 7.34 20.79 39.32
C ARG A 359 7.59 22.26 38.98
N ALA A 360 7.93 22.51 37.72
CA ALA A 360 8.30 23.87 37.33
C ALA A 360 7.07 24.77 37.33
N LYS A 361 5.90 24.19 37.10
CA LYS A 361 4.68 24.99 37.15
C LYS A 361 4.35 25.37 38.59
N LEU A 362 4.38 24.40 39.51
CA LEU A 362 4.12 24.70 40.91
C LEU A 362 5.11 25.72 41.43
N ASP A 363 6.32 25.75 40.88
CA ASP A 363 7.36 26.60 41.43
C ASP A 363 7.59 27.87 40.61
N ASN A 364 6.92 28.01 39.46
CA ASN A 364 7.21 29.13 38.55
C ASN A 364 8.69 29.15 38.22
N ASN A 365 9.27 27.96 38.07
CA ASN A 365 10.69 27.78 37.76
C ASN A 365 10.82 27.82 36.25
N LYS A 366 11.19 28.99 35.71
CA LYS A 366 11.22 29.19 34.26
C LYS A 366 12.28 28.31 33.61
N GLU A 367 13.46 28.22 34.21
CA GLU A 367 14.53 27.43 33.62
C GLU A 367 14.19 25.95 33.64
N LEU A 368 13.57 25.45 34.71
CA LEU A 368 13.19 24.05 34.73
C LEU A 368 12.13 23.77 33.69
N ALA A 369 11.20 24.71 33.48
CA ALA A 369 10.14 24.46 32.53
C ALA A 369 10.67 24.51 31.10
N PHE A 370 11.62 25.40 30.84
CA PHE A 370 12.25 25.44 29.53
C PHE A 370 13.05 24.15 29.27
N PHE A 371 13.77 23.66 30.28
CA PHE A 371 14.51 22.41 30.11
C PHE A 371 13.57 21.24 29.79
N ALA A 372 12.45 21.13 30.52
CA ALA A 372 11.59 19.98 30.31
C ALA A 372 11.06 19.96 28.89
N ASN A 373 10.70 21.13 28.35
CA ASN A 373 10.16 21.15 26.99
C ASN A 373 11.27 20.94 25.97
N ALA A 374 12.45 21.51 26.21
CA ALA A 374 13.57 21.31 25.28
C ALA A 374 13.88 19.83 25.12
N LEU A 375 13.80 19.06 26.22
CA LEU A 375 14.09 17.64 26.14
C LEU A 375 12.99 16.88 25.40
N GLU A 376 11.74 17.31 25.54
CA GLU A 376 10.68 16.72 24.73
C GLU A 376 10.89 17.03 23.25
N GLU A 377 11.16 18.30 22.93
CA GLU A 377 11.42 18.66 21.55
C GLU A 377 12.58 17.84 21.01
N VAL A 378 13.68 17.77 21.77
CA VAL A 378 14.88 17.06 21.33
C VAL A 378 14.54 15.61 20.99
N SER A 379 13.77 14.95 21.87
CA SER A 379 13.42 13.55 21.64
C SER A 379 12.70 13.38 20.32
N ILE A 380 11.69 14.23 20.08
CA ILE A 380 10.92 14.12 18.86
C ILE A 380 11.78 14.48 17.64
N GLU A 381 12.55 15.57 17.72
CA GLU A 381 13.36 15.99 16.59
C GLU A 381 14.36 14.92 16.16
N THR A 382 14.90 14.17 17.12
CA THR A 382 15.90 13.17 16.78
C THR A 382 15.31 12.06 15.94
N ILE A 383 14.13 11.56 16.37
CA ILE A 383 13.41 10.53 15.61
C ILE A 383 12.99 11.06 14.25
N GLU A 384 12.58 12.32 14.20
CA GLU A 384 12.11 12.87 12.94
C GLU A 384 13.25 13.11 11.96
N ALA A 385 14.48 13.24 12.44
CA ALA A 385 15.64 13.26 11.56
C ALA A 385 16.12 11.86 11.20
N GLY A 386 15.41 10.81 11.60
CA GLY A 386 15.73 9.47 11.15
C GLY A 386 16.59 8.62 12.06
N PHE A 387 16.79 9.02 13.31
CA PHE A 387 17.54 8.25 14.30
C PHE A 387 16.57 7.73 15.35
N MET A 388 16.45 6.42 15.47
CA MET A 388 15.31 5.86 16.19
C MET A 388 15.60 4.42 16.58
N THR A 389 14.87 3.95 17.58
CA THR A 389 15.03 2.56 17.98
C THR A 389 14.22 1.64 17.05
N LYS A 390 14.37 0.33 17.25
CA LYS A 390 13.95 -0.62 16.24
C LYS A 390 12.43 -0.67 16.10
N ASP A 391 11.72 -0.57 17.22
CA ASP A 391 10.26 -0.56 17.21
C ASP A 391 9.71 0.55 16.31
N LEU A 392 10.34 1.73 16.32
CA LEU A 392 9.90 2.80 15.41
C LEU A 392 10.28 2.50 13.95
N ALA A 393 11.49 1.98 13.72
CA ALA A 393 11.88 1.57 12.36
C ALA A 393 10.86 0.60 11.76
N ALA A 394 10.35 -0.33 12.59
CA ALA A 394 9.35 -1.29 12.13
C ALA A 394 8.04 -0.61 11.78
N CYS A 395 7.65 0.45 12.49
CA CYS A 395 6.47 1.19 12.08
C CYS A 395 6.61 1.66 10.64
N ILE A 396 7.81 2.13 10.27
CA ILE A 396 8.06 2.68 8.92
C ILE A 396 8.11 1.57 7.87
N LYS A 397 8.95 0.54 8.09
CA LYS A 397 9.22 -0.48 7.08
C LYS A 397 8.36 -1.73 7.21
N GLY A 398 7.78 -2.01 8.38
CA GLY A 398 7.25 -3.33 8.65
C GLY A 398 8.35 -4.21 9.23
N LEU A 399 8.09 -4.86 10.37
CA LEU A 399 9.14 -5.60 11.06
C LEU A 399 9.98 -6.49 10.15
N PRO A 400 9.40 -7.38 9.33
CA PRO A 400 10.25 -8.29 8.53
C PRO A 400 11.26 -7.56 7.66
N ASN A 401 11.00 -6.32 7.31
CA ASN A 401 11.82 -5.64 6.33
C ASN A 401 12.84 -4.70 6.96
N VAL A 402 12.95 -4.71 8.28
CA VAL A 402 13.87 -3.78 8.92
C VAL A 402 15.29 -4.31 8.81
N GLN A 403 16.22 -3.46 8.37
CA GLN A 403 17.64 -3.75 8.37
C GLN A 403 18.29 -3.15 9.61
N ARG A 404 19.35 -3.81 10.08
CA ARG A 404 20.12 -3.30 11.21
C ARG A 404 20.54 -1.86 11.01
N SER A 405 20.83 -1.48 9.76
CA SER A 405 21.21 -0.13 9.41
C SER A 405 20.05 0.86 9.50
N ASP A 406 18.84 0.41 9.82
CA ASP A 406 17.68 1.30 9.89
C ASP A 406 17.42 1.84 11.28
N TYR A 407 18.18 1.43 12.30
CA TYR A 407 17.83 1.79 13.66
C TYR A 407 19.08 1.80 14.54
N LEU A 408 18.92 2.40 15.72
CA LEU A 408 19.98 2.46 16.72
C LEU A 408 19.64 1.53 17.87
N ASN A 409 20.69 0.94 18.46
CA ASN A 409 20.44 0.15 19.66
C ASN A 409 20.17 1.08 20.84
N THR A 410 19.89 0.49 21.99
CA THR A 410 19.50 1.28 23.17
C THR A 410 20.53 2.37 23.46
N PHE A 411 21.81 1.99 23.50
CA PHE A 411 22.83 2.95 23.94
C PHE A 411 23.17 3.97 22.88
N GLU A 412 23.16 3.57 21.60
CA GLU A 412 23.34 4.51 20.50
C GLU A 412 22.25 5.58 20.49
N PHE A 413 21.03 5.20 20.84
CA PHE A 413 19.94 6.17 20.79
C PHE A 413 20.03 7.17 21.94
N MET A 414 20.36 6.71 23.15
CA MET A 414 20.58 7.65 24.25
C MET A 414 21.74 8.59 23.94
N ASP A 415 22.85 8.03 23.45
CA ASP A 415 23.97 8.87 23.02
C ASP A 415 23.53 9.94 22.03
N LYS A 416 22.76 9.54 21.01
CA LYS A 416 22.34 10.50 20.00
C LYS A 416 21.43 11.56 20.61
N LEU A 417 20.52 11.13 21.49
CA LEU A 417 19.68 12.08 22.21
C LEU A 417 20.53 13.00 23.08
N GLY A 418 21.44 12.43 23.85
CA GLY A 418 22.29 13.24 24.70
C GLY A 418 23.10 14.24 23.91
N GLU A 419 23.58 13.83 22.73
CA GLU A 419 24.31 14.76 21.87
C GLU A 419 23.42 15.91 21.44
N ASN A 420 22.22 15.59 20.96
CA ASN A 420 21.32 16.63 20.45
C ASN A 420 20.82 17.55 21.56
N LEU A 421 20.74 17.06 22.80
CA LEU A 421 20.24 17.89 23.89
C LEU A 421 21.29 18.87 24.36
N LYS A 422 22.57 18.46 24.38
CA LYS A 422 23.64 19.42 24.66
C LYS A 422 23.64 20.55 23.65
N ILE A 423 23.46 20.23 22.37
CA ILE A 423 23.41 21.24 21.33
C ILE A 423 22.23 22.18 21.55
N LYS A 424 21.04 21.61 21.80
CA LYS A 424 19.86 22.44 21.92
C LYS A 424 19.96 23.41 23.09
N LEU A 425 20.49 22.93 24.23
CA LEU A 425 20.51 23.76 25.44
C LEU A 425 21.61 24.82 25.35
N ALA A 426 22.76 24.47 24.79
CA ALA A 426 23.80 25.47 24.56
C ALA A 426 23.40 26.48 23.49
N GLN A 427 22.46 26.13 22.61
CA GLN A 427 21.99 27.09 21.61
C GLN A 427 21.20 28.22 22.28
N ALA A 428 20.25 27.87 23.16
CA ALA A 428 19.33 28.85 23.74
C ALA A 428 19.97 29.74 24.80
N LYS A 429 21.21 29.46 25.22
CA LYS A 429 21.86 30.25 26.26
C LYS A 429 22.60 31.46 25.70
N LYS B 19 -41.59 -23.97 -9.28
CA LYS B 19 -40.30 -24.65 -9.32
C LYS B 19 -39.21 -23.89 -8.55
N LYS B 20 -39.53 -23.48 -7.31
CA LYS B 20 -38.59 -22.77 -6.45
C LYS B 20 -37.72 -23.75 -5.66
N ILE B 21 -36.71 -23.21 -5.00
CA ILE B 21 -35.87 -23.99 -4.11
C ILE B 21 -36.66 -24.30 -2.85
N SER B 22 -36.63 -25.56 -2.41
CA SER B 22 -37.23 -25.91 -1.13
C SER B 22 -36.40 -25.28 -0.01
N GLY B 23 -37.05 -24.46 0.81
CA GLY B 23 -36.34 -23.68 1.81
C GLY B 23 -36.48 -24.21 3.22
N GLY B 24 -37.60 -24.82 3.55
CA GLY B 24 -37.77 -25.38 4.87
C GLY B 24 -38.18 -24.33 5.90
N SER B 25 -38.14 -24.75 7.16
CA SER B 25 -38.58 -23.92 8.28
C SER B 25 -37.53 -22.89 8.64
N VAL B 26 -37.97 -21.64 8.80
CA VAL B 26 -37.12 -20.55 9.24
C VAL B 26 -37.93 -19.62 10.13
N VAL B 27 -37.39 -19.26 11.28
CA VAL B 27 -38.03 -18.28 12.16
C VAL B 27 -37.52 -16.90 11.79
N GLU B 28 -38.43 -15.98 11.49
CA GLU B 28 -38.05 -14.62 11.11
C GLU B 28 -38.53 -13.63 12.17
N MET B 29 -37.64 -12.77 12.63
CA MET B 29 -37.97 -11.73 13.59
C MET B 29 -37.94 -10.39 12.87
N GLN B 30 -39.13 -9.80 12.69
CA GLN B 30 -39.24 -8.51 12.04
C GLN B 30 -38.79 -7.40 12.98
N GLY B 31 -38.23 -6.33 12.41
CA GLY B 31 -37.62 -5.24 13.17
C GLY B 31 -38.25 -3.87 12.99
N ASP B 32 -37.42 -2.82 12.98
CA ASP B 32 -37.88 -1.43 13.11
C ASP B 32 -37.31 -0.53 12.01
N GLU B 33 -38.02 0.56 11.76
CA GLU B 33 -37.58 1.70 10.94
C GLU B 33 -36.90 1.29 9.63
N MET B 34 -35.77 1.90 9.29
CA MET B 34 -35.23 1.70 7.95
C MET B 34 -34.91 0.22 7.70
N THR B 35 -34.36 -0.47 8.70
CA THR B 35 -34.04 -1.89 8.51
C THR B 35 -35.30 -2.72 8.26
N ARG B 36 -36.42 -2.39 8.94
CA ARG B 36 -37.68 -3.04 8.60
C ARG B 36 -38.04 -2.85 7.14
N ILE B 37 -37.82 -1.64 6.60
CA ILE B 37 -38.13 -1.39 5.19
C ILE B 37 -37.23 -2.22 4.29
N ILE B 38 -35.91 -2.21 4.55
CA ILE B 38 -34.98 -2.96 3.71
C ILE B 38 -35.30 -4.45 3.81
N TRP B 39 -35.67 -4.90 5.01
CA TRP B 39 -36.02 -6.29 5.24
C TRP B 39 -37.08 -6.76 4.27
N GLU B 40 -38.19 -6.01 4.16
CA GLU B 40 -39.25 -6.39 3.23
C GLU B 40 -38.73 -6.42 1.79
N LEU B 41 -37.92 -5.44 1.40
CA LEU B 41 -37.39 -5.46 0.04
C LEU B 41 -36.51 -6.68 -0.20
N ILE B 42 -35.68 -7.04 0.78
CA ILE B 42 -34.82 -8.21 0.60
C ILE B 42 -35.66 -9.45 0.31
N LYS B 43 -36.70 -9.66 1.11
CA LYS B 43 -37.53 -10.86 0.94
C LYS B 43 -38.19 -10.89 -0.42
N GLU B 44 -38.82 -9.77 -0.81
CA GLU B 44 -39.58 -9.77 -2.05
C GLU B 44 -38.68 -9.76 -3.26
N LYS B 45 -37.51 -9.11 -3.18
CA LYS B 45 -36.67 -8.95 -4.36
C LYS B 45 -35.64 -10.07 -4.49
N LEU B 46 -35.04 -10.51 -3.38
CA LEU B 46 -33.93 -11.44 -3.43
C LEU B 46 -34.26 -12.84 -2.94
N ILE B 47 -35.16 -12.99 -1.96
CA ILE B 47 -35.42 -14.32 -1.40
C ILE B 47 -36.62 -14.99 -2.06
N PHE B 48 -37.82 -14.44 -1.87
CA PHE B 48 -39.03 -15.15 -2.29
C PHE B 48 -39.08 -15.46 -3.79
N PRO B 49 -38.44 -14.72 -4.68
CA PRO B 49 -38.50 -15.11 -6.10
C PRO B 49 -37.79 -16.43 -6.37
N TYR B 50 -36.91 -16.88 -5.48
CA TYR B 50 -36.13 -18.09 -5.73
C TYR B 50 -36.34 -19.19 -4.70
N VAL B 51 -36.80 -18.87 -3.50
CA VAL B 51 -36.91 -19.83 -2.42
C VAL B 51 -38.34 -19.81 -1.87
N GLU B 52 -38.98 -20.96 -1.83
CA GLU B 52 -40.21 -21.09 -1.06
C GLU B 52 -39.85 -21.46 0.37
N LEU B 53 -40.44 -20.75 1.33
CA LEU B 53 -40.06 -20.93 2.72
C LEU B 53 -41.29 -21.20 3.56
N ASP B 54 -41.11 -21.98 4.62
CA ASP B 54 -42.10 -22.11 5.69
C ASP B 54 -41.66 -21.13 6.76
N LEU B 55 -42.17 -19.91 6.65
CA LEU B 55 -41.76 -18.80 7.48
C LEU B 55 -42.60 -18.78 8.74
N HIS B 56 -41.96 -18.68 9.90
CA HIS B 56 -42.63 -18.46 11.16
C HIS B 56 -42.22 -17.06 11.63
N SER B 57 -43.15 -16.11 11.52
CA SER B 57 -42.85 -14.70 11.59
C SER B 57 -43.29 -14.15 12.95
N TYR B 58 -42.35 -13.56 13.68
CA TYR B 58 -42.65 -12.86 14.93
C TYR B 58 -42.31 -11.38 14.77
N ASP B 59 -43.26 -10.52 15.10
CA ASP B 59 -43.06 -9.08 14.98
C ASP B 59 -42.33 -8.60 16.22
N LEU B 60 -41.06 -8.25 16.08
CA LEU B 60 -40.33 -7.66 17.19
C LEU B 60 -40.21 -6.15 17.03
N GLY B 61 -41.09 -5.55 16.22
CA GLY B 61 -41.19 -4.10 16.20
C GLY B 61 -41.50 -3.55 17.58
N ILE B 62 -41.01 -2.33 17.84
CA ILE B 62 -41.07 -1.79 19.18
C ILE B 62 -42.51 -1.68 19.67
N GLU B 63 -43.47 -1.37 18.79
CA GLU B 63 -44.87 -1.30 19.23
C GLU B 63 -45.36 -2.65 19.73
N ASN B 64 -44.99 -3.74 19.02
CA ASN B 64 -45.53 -5.05 19.37
C ASN B 64 -44.89 -5.60 20.64
N ARG B 65 -43.60 -5.37 20.82
CA ARG B 65 -42.99 -5.69 22.11
C ARG B 65 -43.73 -4.96 23.24
N ASP B 66 -44.07 -3.68 23.04
CA ASP B 66 -44.81 -2.93 24.07
C ASP B 66 -46.20 -3.51 24.26
N ALA B 67 -46.91 -3.81 23.17
CA ALA B 67 -48.26 -4.36 23.30
C ALA B 67 -48.24 -5.65 24.10
N THR B 68 -47.30 -6.55 23.82
CA THR B 68 -47.23 -7.86 24.46
C THR B 68 -46.36 -7.85 25.71
N ASN B 69 -46.02 -6.67 26.25
CA ASN B 69 -45.08 -6.57 27.37
C ASN B 69 -43.83 -7.42 27.09
N ASP B 70 -43.43 -7.47 25.83
CA ASP B 70 -42.23 -8.18 25.37
C ASP B 70 -42.38 -9.70 25.40
N GLN B 71 -43.60 -10.25 25.40
CA GLN B 71 -43.73 -11.70 25.32
C GLN B 71 -43.40 -12.24 23.92
N VAL B 72 -43.64 -11.43 22.88
CA VAL B 72 -43.32 -11.85 21.53
C VAL B 72 -41.83 -12.18 21.37
N THR B 73 -40.96 -11.49 22.12
CA THR B 73 -39.53 -11.79 22.06
C THR B 73 -39.23 -13.17 22.63
N LYS B 74 -39.92 -13.54 23.72
CA LYS B 74 -39.79 -14.88 24.29
C LYS B 74 -40.36 -15.94 23.36
N ASP B 75 -41.49 -15.63 22.69
CA ASP B 75 -42.06 -16.62 21.78
C ASP B 75 -41.18 -16.84 20.58
N ALA B 76 -40.50 -15.79 20.09
CA ALA B 76 -39.57 -15.94 18.98
C ALA B 76 -38.43 -16.87 19.36
N ALA B 77 -37.82 -16.64 20.53
CA ALA B 77 -36.69 -17.48 20.95
C ALA B 77 -37.11 -18.94 21.08
N GLU B 78 -38.30 -19.20 21.64
CA GLU B 78 -38.81 -20.58 21.73
C GLU B 78 -38.97 -21.20 20.34
N ALA B 79 -39.50 -20.44 19.38
CA ALA B 79 -39.66 -20.97 18.03
C ALA B 79 -38.32 -21.31 17.40
N ILE B 80 -37.24 -20.63 17.80
CA ILE B 80 -35.93 -20.95 17.25
C ILE B 80 -35.43 -22.27 17.82
N LYS B 81 -35.70 -22.50 19.11
CA LYS B 81 -35.39 -23.81 19.68
C LYS B 81 -36.09 -24.93 18.89
N LYS B 82 -37.29 -24.65 18.38
CA LYS B 82 -38.11 -25.67 17.74
C LYS B 82 -37.71 -25.91 16.28
N HIS B 83 -37.42 -24.84 15.53
CA HIS B 83 -37.14 -24.98 14.11
C HIS B 83 -35.67 -24.86 13.74
N ASN B 84 -34.80 -24.42 14.65
CA ASN B 84 -33.35 -24.46 14.58
C ASN B 84 -32.73 -23.33 13.75
N VAL B 85 -33.51 -22.50 13.06
CA VAL B 85 -32.94 -21.39 12.30
C VAL B 85 -33.74 -20.11 12.56
N GLY B 86 -33.06 -19.05 12.96
CA GLY B 86 -33.66 -17.74 13.04
C GLY B 86 -32.87 -16.69 12.28
N VAL B 87 -33.59 -15.73 11.70
CA VAL B 87 -33.01 -14.59 11.03
C VAL B 87 -33.66 -13.34 11.59
N LYS B 88 -32.87 -12.44 12.17
CA LYS B 88 -33.41 -11.33 12.93
C LYS B 88 -33.03 -9.99 12.32
N CYS B 89 -34.03 -9.17 12.06
CA CYS B 89 -33.86 -7.79 11.63
C CYS B 89 -33.48 -6.89 12.81
N ALA B 90 -32.78 -5.80 12.51
CA ALA B 90 -32.40 -4.86 13.57
C ALA B 90 -33.65 -4.28 14.25
N THR B 91 -33.51 -3.95 15.53
CA THR B 91 -34.63 -3.52 16.35
C THR B 91 -34.23 -2.32 17.18
N ILE B 92 -35.22 -1.55 17.63
CA ILE B 92 -34.96 -0.41 18.48
C ILE B 92 -34.70 -0.88 19.91
N THR B 93 -33.63 -0.36 20.53
CA THR B 93 -33.49 -0.51 21.97
C THR B 93 -33.85 0.79 22.65
N PRO B 94 -34.98 0.85 23.35
CA PRO B 94 -35.51 2.15 23.79
C PRO B 94 -34.58 2.85 24.76
N ASP B 95 -34.46 4.14 24.57
CA ASP B 95 -33.97 5.07 25.57
C ASP B 95 -35.15 5.93 26.02
N GLU B 96 -34.88 6.95 26.83
CA GLU B 96 -35.97 7.76 27.34
C GLU B 96 -36.68 8.51 26.23
N LYS B 97 -35.95 9.00 25.23
CA LYS B 97 -36.61 9.64 24.10
C LYS B 97 -37.57 8.69 23.37
N ARG B 98 -37.23 7.40 23.32
CA ARG B 98 -38.11 6.42 22.67
C ARG B 98 -39.35 6.16 23.50
N VAL B 99 -39.21 6.17 24.83
CA VAL B 99 -40.38 5.91 25.64
C VAL B 99 -41.40 7.04 25.48
N GLU B 100 -40.92 8.28 25.31
CA GLU B 100 -41.81 9.39 24.97
C GLU B 100 -42.42 9.19 23.58
N GLU B 101 -41.55 8.92 22.59
CA GLU B 101 -41.99 8.81 21.21
C GLU B 101 -43.16 7.84 21.06
N PHE B 102 -43.06 6.68 21.70
CA PHE B 102 -44.06 5.63 21.59
C PHE B 102 -44.93 5.51 22.84
N LYS B 103 -44.67 6.31 23.87
CA LYS B 103 -45.31 6.16 25.17
C LYS B 103 -45.29 4.69 25.61
N LEU B 104 -44.07 4.23 25.83
CA LEU B 104 -43.82 2.84 26.17
C LEU B 104 -44.21 2.56 27.62
N LYS B 105 -44.54 1.28 27.90
CA LYS B 105 -44.85 0.92 29.28
C LYS B 105 -43.60 0.87 30.16
N GLN B 106 -42.42 0.65 29.57
CA GLN B 106 -41.15 0.71 30.28
C GLN B 106 -40.04 0.79 29.24
N MET B 107 -38.87 1.24 29.69
CA MET B 107 -37.69 1.28 28.82
C MET B 107 -37.25 -0.16 28.57
N TRP B 108 -38.01 -0.86 27.72
CA TRP B 108 -37.74 -2.26 27.48
C TRP B 108 -36.26 -2.50 27.19
N LYS B 109 -35.80 -3.72 27.46
CA LYS B 109 -34.42 -4.11 27.19
C LYS B 109 -34.31 -4.70 25.78
N SER B 110 -33.09 -4.69 25.27
CA SER B 110 -32.84 -5.15 23.91
C SER B 110 -33.41 -6.55 23.70
N PRO B 111 -34.16 -6.79 22.64
CA PRO B 111 -34.51 -8.16 22.30
C PRO B 111 -33.31 -9.08 22.13
N ASN B 112 -32.18 -8.56 21.65
CA ASN B 112 -31.00 -9.42 21.47
C ASN B 112 -30.56 -10.02 22.79
N GLY B 113 -30.64 -9.23 23.88
CA GLY B 113 -30.26 -9.75 25.19
C GLY B 113 -31.18 -10.86 25.67
N THR B 114 -32.49 -10.67 25.48
CA THR B 114 -33.46 -11.67 25.91
C THR B 114 -33.29 -12.96 25.11
N ILE B 115 -33.15 -12.83 23.79
CA ILE B 115 -32.98 -13.99 22.93
C ILE B 115 -31.69 -14.73 23.28
N ARG B 116 -30.60 -13.99 23.43
CA ARG B 116 -29.33 -14.62 23.77
C ARG B 116 -29.42 -15.28 25.15
N ASN B 117 -30.14 -14.66 26.09
CA ASN B 117 -30.29 -15.27 27.42
C ASN B 117 -31.06 -16.58 27.33
N ILE B 118 -32.07 -16.62 26.49
CA ILE B 118 -32.90 -17.82 26.37
C ILE B 118 -32.14 -18.93 25.65
N LEU B 119 -31.49 -18.59 24.53
CA LEU B 119 -30.84 -19.60 23.71
C LEU B 119 -29.47 -19.99 24.24
N GLY B 120 -28.75 -19.07 24.88
CA GLY B 120 -27.36 -19.34 25.19
C GLY B 120 -26.50 -19.49 23.94
N GLY B 121 -25.18 -19.64 24.10
CA GLY B 121 -24.32 -19.92 22.98
C GLY B 121 -23.22 -18.89 22.75
N THR B 122 -22.68 -18.87 21.52
CA THR B 122 -21.61 -17.96 21.14
C THR B 122 -22.03 -17.20 19.89
N VAL B 123 -21.74 -15.91 19.89
CA VAL B 123 -22.05 -15.03 18.77
C VAL B 123 -20.75 -14.83 18.00
N PHE B 124 -20.67 -15.39 16.79
CA PHE B 124 -19.48 -15.21 15.96
C PHE B 124 -19.68 -14.02 15.03
N ARG B 125 -18.76 -13.06 15.12
CA ARG B 125 -18.80 -11.83 14.34
C ARG B 125 -17.57 -11.73 13.46
N GLU B 126 -17.77 -11.31 12.22
CA GLU B 126 -16.71 -11.29 11.24
C GLU B 126 -17.04 -10.24 10.19
N ALA B 127 -16.03 -9.46 9.80
CA ALA B 127 -16.23 -8.44 8.78
C ALA B 127 -16.65 -9.08 7.46
N ILE B 128 -17.41 -8.32 6.69
CA ILE B 128 -17.72 -8.68 5.30
C ILE B 128 -16.81 -7.82 4.43
N ILE B 129 -15.93 -8.46 3.65
CA ILE B 129 -14.78 -7.80 3.05
C ILE B 129 -15.04 -7.56 1.56
N CYS B 130 -14.84 -6.32 1.12
CA CYS B 130 -14.86 -5.95 -0.29
C CYS B 130 -13.50 -5.38 -0.64
N LYS B 131 -12.91 -5.89 -1.72
CA LYS B 131 -11.55 -5.50 -2.09
C LYS B 131 -11.40 -3.99 -2.25
N ASN B 132 -12.43 -3.28 -2.67
CA ASN B 132 -12.29 -1.85 -2.93
C ASN B 132 -12.68 -0.97 -1.74
N ILE B 133 -13.07 -1.56 -0.61
CA ILE B 133 -13.39 -0.81 0.60
C ILE B 133 -12.14 -0.85 1.49
N PRO B 134 -11.43 0.26 1.67
CA PRO B 134 -10.15 0.20 2.38
C PRO B 134 -10.32 -0.08 3.86
N ARG B 135 -9.41 -0.92 4.38
CA ARG B 135 -9.32 -1.09 5.82
C ARG B 135 -8.63 0.12 6.45
N LEU B 136 -8.97 0.39 7.71
CA LEU B 136 -8.33 1.46 8.45
C LEU B 136 -7.09 0.97 9.20
N VAL B 137 -7.01 -0.31 9.50
CA VAL B 137 -5.87 -0.90 10.17
C VAL B 137 -5.01 -1.55 9.09
N SER B 138 -3.75 -1.10 8.98
CA SER B 138 -3.00 -1.38 7.75
C SER B 138 -2.65 -2.86 7.61
N GLY B 139 -2.27 -3.53 8.71
CA GLY B 139 -1.81 -4.89 8.59
C GLY B 139 -2.89 -5.97 8.55
N TRP B 140 -4.18 -5.63 8.70
CA TRP B 140 -5.27 -6.62 8.77
C TRP B 140 -5.59 -7.19 7.38
N VAL B 141 -4.69 -8.05 6.90
CA VAL B 141 -4.81 -8.61 5.57
C VAL B 141 -5.75 -9.84 5.59
N LYS B 142 -5.82 -10.57 6.68
CA LYS B 142 -6.77 -11.66 6.83
C LYS B 142 -7.83 -11.30 7.84
N PRO B 143 -8.98 -11.97 7.82
CA PRO B 143 -10.07 -11.61 8.72
C PRO B 143 -9.77 -12.05 10.15
N ILE B 144 -10.54 -11.45 11.07
CA ILE B 144 -10.47 -11.75 12.50
C ILE B 144 -11.86 -12.18 12.94
N ILE B 145 -11.98 -13.38 13.47
CA ILE B 145 -13.29 -13.84 13.91
C ILE B 145 -13.37 -13.74 15.44
N ILE B 146 -14.36 -13.00 15.92
CA ILE B 146 -14.62 -12.90 17.35
C ILE B 146 -15.74 -13.86 17.71
N GLY B 147 -15.51 -14.68 18.72
CA GLY B 147 -16.59 -15.46 19.30
C GLY B 147 -16.96 -14.86 20.64
N GLN B 148 -18.03 -14.08 20.67
CA GLN B 148 -18.48 -13.46 21.90
C GLN B 148 -19.37 -14.44 22.68
N HIS B 149 -18.97 -14.76 23.91
CA HIS B 149 -19.88 -15.45 24.81
C HIS B 149 -21.17 -14.68 24.92
N ALA B 150 -22.29 -15.33 24.62
CA ALA B 150 -23.57 -14.65 24.48
C ALA B 150 -24.38 -14.59 25.78
N TYR B 151 -23.84 -15.08 26.89
CA TYR B 151 -24.64 -15.31 28.09
C TYR B 151 -24.00 -14.68 29.33
N GLY B 152 -24.83 -14.05 30.16
CA GLY B 152 -24.42 -13.68 31.51
C GLY B 152 -23.63 -12.39 31.60
N ASP B 153 -22.83 -12.30 32.66
CA ASP B 153 -22.03 -11.10 32.99
C ASP B 153 -22.91 -9.84 32.99
N GLN B 154 -22.43 -8.74 32.37
CA GLN B 154 -23.10 -7.46 32.47
C GLN B 154 -24.49 -7.44 31.85
N TYR B 155 -24.79 -8.39 30.96
CA TYR B 155 -26.04 -8.42 30.22
C TYR B 155 -27.13 -9.15 30.95
N ARG B 156 -26.81 -9.78 32.08
CA ARG B 156 -27.84 -10.33 32.97
C ARG B 156 -27.63 -9.85 34.40
N ALA B 157 -27.13 -8.63 34.58
CA ALA B 157 -26.72 -8.21 35.90
C ALA B 157 -27.87 -7.53 36.64
N THR B 158 -27.63 -7.18 37.90
CA THR B 158 -28.56 -6.35 38.64
C THR B 158 -27.76 -5.20 39.26
N ASP B 159 -28.10 -3.97 38.88
CA ASP B 159 -27.39 -2.79 39.32
C ASP B 159 -28.36 -1.82 39.98
N PHE B 160 -27.89 -1.11 40.99
CA PHE B 160 -28.77 -0.24 41.74
C PHE B 160 -27.95 0.94 42.25
N VAL B 161 -28.69 1.99 42.67
CA VAL B 161 -28.08 3.17 43.30
C VAL B 161 -27.94 2.90 44.79
N VAL B 162 -26.78 3.25 45.34
CA VAL B 162 -26.56 3.25 46.78
C VAL B 162 -26.83 4.67 47.27
N PRO B 163 -27.93 4.91 47.99
CA PRO B 163 -28.32 6.30 48.29
C PRO B 163 -27.52 6.95 49.42
N GLY B 164 -26.75 6.20 50.19
CA GLY B 164 -25.99 6.76 51.27
C GLY B 164 -25.19 5.71 52.00
N PRO B 165 -24.52 6.12 53.08
CA PRO B 165 -23.68 5.17 53.83
C PRO B 165 -24.43 3.90 54.19
N GLY B 166 -23.71 2.80 54.19
CA GLY B 166 -24.28 1.49 54.47
C GLY B 166 -23.38 0.41 53.92
N LYS B 167 -23.88 -0.81 54.05
CA LYS B 167 -23.10 -2.00 53.76
C LYS B 167 -23.71 -2.70 52.54
N VAL B 168 -22.90 -2.94 51.52
CA VAL B 168 -23.30 -3.78 50.39
C VAL B 168 -22.61 -5.12 50.58
N GLU B 169 -23.39 -6.20 50.60
CA GLU B 169 -22.87 -7.55 50.71
C GLU B 169 -23.42 -8.42 49.59
N ILE B 170 -22.73 -9.52 49.34
CA ILE B 170 -23.17 -10.48 48.34
C ILE B 170 -23.13 -11.86 48.98
N THR B 171 -24.20 -12.63 48.79
CA THR B 171 -24.47 -13.83 49.55
C THR B 171 -24.80 -14.98 48.62
N TYR B 172 -24.29 -16.16 48.95
CA TYR B 172 -24.59 -17.40 48.25
C TYR B 172 -25.26 -18.35 49.23
N THR B 173 -26.47 -18.77 48.91
CA THR B 173 -27.25 -19.68 49.74
C THR B 173 -27.39 -21.03 49.02
N PRO B 174 -26.61 -22.05 49.39
CA PRO B 174 -26.65 -23.32 48.67
C PRO B 174 -28.05 -23.92 48.68
N SER B 175 -28.44 -24.50 47.54
CA SER B 175 -29.75 -25.09 47.44
C SER B 175 -29.89 -26.34 48.30
N ASP B 176 -28.79 -27.00 48.66
CA ASP B 176 -28.90 -28.22 49.44
C ASP B 176 -29.08 -27.95 50.94
N GLY B 177 -29.16 -26.69 51.36
CA GLY B 177 -29.46 -26.34 52.74
C GLY B 177 -28.25 -26.25 53.64
N THR B 178 -27.05 -26.30 53.10
CA THR B 178 -25.88 -26.12 53.94
C THR B 178 -25.58 -24.63 54.11
N GLN B 179 -24.53 -24.37 54.87
CA GLN B 179 -24.21 -23.03 55.35
C GLN B 179 -24.12 -22.02 54.20
N LYS B 180 -24.80 -20.90 54.37
CA LYS B 180 -24.67 -19.81 53.43
C LYS B 180 -23.38 -19.03 53.69
N VAL B 181 -22.94 -18.32 52.66
CA VAL B 181 -21.67 -17.61 52.66
C VAL B 181 -21.95 -16.15 52.31
N THR B 182 -21.42 -15.23 53.10
CA THR B 182 -21.60 -13.80 52.82
C THR B 182 -20.24 -13.10 52.68
N TYR B 183 -20.12 -12.24 51.66
CA TYR B 183 -18.92 -11.47 51.38
C TYR B 183 -19.22 -9.98 51.41
N LEU B 184 -18.38 -9.20 52.09
CA LEU B 184 -18.42 -7.74 52.02
C LEU B 184 -18.07 -7.26 50.62
N VAL B 185 -18.99 -6.55 49.97
CA VAL B 185 -18.64 -5.85 48.75
C VAL B 185 -17.97 -4.53 49.08
N HIS B 186 -18.64 -3.71 49.90
CA HIS B 186 -18.14 -2.39 50.29
C HIS B 186 -18.95 -1.81 51.46
N ASN B 187 -18.21 -1.19 52.38
CA ASN B 187 -18.80 -0.33 53.40
C ASN B 187 -18.74 1.10 52.87
N PHE B 188 -19.88 1.60 52.41
CA PHE B 188 -19.99 3.02 52.09
C PHE B 188 -20.02 3.82 53.38
N GLU B 189 -18.95 4.58 53.64
CA GLU B 189 -18.87 5.43 54.82
C GLU B 189 -18.89 6.93 54.54
N GLU B 190 -18.70 7.36 53.29
CA GLU B 190 -18.49 8.79 53.01
C GLU B 190 -19.48 9.38 52.01
N GLY B 191 -20.54 8.66 51.69
CA GLY B 191 -21.46 9.06 50.65
C GLY B 191 -22.12 7.83 50.05
N GLY B 192 -22.83 8.04 48.96
CA GLY B 192 -23.42 6.95 48.22
C GLY B 192 -22.63 6.64 46.95
N GLY B 193 -23.29 5.95 46.02
CA GLY B 193 -22.66 5.49 44.80
C GLY B 193 -23.54 4.50 44.07
N VAL B 194 -22.93 3.45 43.52
CA VAL B 194 -23.63 2.41 42.76
C VAL B 194 -23.00 1.07 43.11
N ALA B 195 -23.73 0.01 42.82
CA ALA B 195 -23.27 -1.34 43.12
C ALA B 195 -23.97 -2.29 42.17
N MET B 196 -23.31 -3.40 41.85
CA MET B 196 -23.95 -4.32 40.94
C MET B 196 -23.48 -5.73 41.25
N GLY B 197 -24.36 -6.69 40.96
CA GLY B 197 -24.04 -8.10 41.05
C GLY B 197 -24.20 -8.75 39.68
N MET B 198 -23.33 -9.71 39.38
CA MET B 198 -23.31 -10.35 38.07
C MET B 198 -22.81 -11.78 38.22
N TYR B 199 -23.14 -12.62 37.25
CA TYR B 199 -22.83 -14.04 37.39
C TYR B 199 -22.59 -14.64 36.01
N ASN B 200 -22.03 -15.86 36.02
CA ASN B 200 -22.05 -16.75 34.87
C ASN B 200 -22.13 -18.21 35.33
N GLN B 201 -22.38 -19.12 34.39
CA GLN B 201 -22.61 -20.53 34.68
C GLN B 201 -21.51 -21.42 34.12
N ASP B 202 -21.07 -22.40 34.92
CA ASP B 202 -20.07 -23.36 34.46
C ASP B 202 -20.49 -23.99 33.13
N LYS B 203 -21.74 -24.47 33.05
CA LYS B 203 -22.15 -25.19 31.85
C LYS B 203 -22.09 -24.28 30.63
N SER B 204 -22.46 -23.01 30.80
CA SER B 204 -22.48 -22.11 29.67
C SER B 204 -21.06 -21.73 29.25
N ILE B 205 -20.13 -21.63 30.20
CA ILE B 205 -18.72 -21.39 29.87
C ILE B 205 -18.15 -22.58 29.11
N GLU B 206 -18.44 -23.80 29.57
CA GLU B 206 -17.99 -24.99 28.86
C GLU B 206 -18.45 -24.96 27.40
N ASP B 207 -19.72 -24.62 27.17
CA ASP B 207 -20.23 -24.60 25.80
C ASP B 207 -19.54 -23.50 25.01
N PHE B 208 -19.27 -22.37 25.68
CA PHE B 208 -18.45 -21.31 25.09
C PHE B 208 -17.09 -21.85 24.63
N ALA B 209 -16.39 -22.59 25.51
CA ALA B 209 -15.12 -23.21 25.16
C ALA B 209 -15.25 -24.18 23.99
N HIS B 210 -16.18 -25.15 24.09
CA HIS B 210 -16.40 -26.10 22.99
C HIS B 210 -16.65 -25.38 21.67
N SER B 211 -17.50 -24.35 21.68
N SER B 211 -17.50 -24.35 21.68
CA SER B 211 -17.82 -23.65 20.42
CA SER B 211 -17.82 -23.63 20.45
C SER B 211 -16.59 -22.96 19.85
C SER B 211 -16.58 -22.98 19.87
N SER B 212 -15.74 -22.42 20.72
CA SER B 212 -14.53 -21.73 20.27
C SER B 212 -13.52 -22.72 19.69
N PHE B 213 -13.23 -23.80 20.44
CA PHE B 213 -12.30 -24.82 19.94
C PHE B 213 -12.77 -25.37 18.61
N GLN B 214 -14.10 -25.53 18.44
CA GLN B 214 -14.61 -26.09 17.19
C GLN B 214 -14.51 -25.08 16.05
N MET B 215 -14.75 -23.81 16.32
CA MET B 215 -14.61 -22.80 15.27
C MET B 215 -13.17 -22.77 14.77
N ALA B 216 -12.21 -22.76 15.71
CA ALA B 216 -10.80 -22.74 15.34
C ALA B 216 -10.44 -23.95 14.48
N LEU B 217 -10.91 -25.14 14.87
CA LEU B 217 -10.53 -26.34 14.12
C LEU B 217 -11.12 -26.30 12.72
N SER B 218 -12.33 -25.77 12.60
CA SER B 218 -12.99 -25.78 11.29
C SER B 218 -12.40 -24.73 10.37
N LYS B 219 -11.88 -23.64 10.91
CA LYS B 219 -11.22 -22.65 10.08
C LYS B 219 -9.74 -22.96 9.84
N GLY B 220 -9.14 -23.82 10.66
CA GLY B 220 -7.70 -24.02 10.66
C GLY B 220 -6.90 -22.83 11.18
N TRP B 221 -7.47 -22.04 12.07
CA TRP B 221 -6.76 -20.90 12.64
C TRP B 221 -6.49 -21.10 14.12
N PRO B 222 -5.49 -20.40 14.68
CA PRO B 222 -5.26 -20.48 16.13
C PRO B 222 -6.35 -19.75 16.92
N LEU B 223 -6.48 -20.12 18.20
CA LEU B 223 -7.51 -19.59 19.09
C LEU B 223 -6.89 -18.89 20.29
N TYR B 224 -7.37 -17.67 20.57
CA TYR B 224 -6.99 -16.90 21.75
C TYR B 224 -8.23 -16.59 22.57
N LEU B 225 -8.17 -16.83 23.88
CA LEU B 225 -9.19 -16.39 24.82
C LEU B 225 -8.64 -15.21 25.61
N SER B 226 -9.37 -14.11 25.68
CA SER B 226 -8.97 -12.97 26.51
C SER B 226 -9.75 -12.95 27.82
N THR B 227 -9.05 -12.71 28.93
CA THR B 227 -9.71 -12.32 30.15
C THR B 227 -8.86 -11.29 30.87
N LYS B 228 -9.32 -10.93 32.07
CA LYS B 228 -8.68 -10.04 33.03
C LYS B 228 -8.56 -10.79 34.35
N ASN B 229 -8.01 -12.01 34.30
CA ASN B 229 -7.86 -12.86 35.47
C ASN B 229 -6.81 -12.38 36.45
N THR B 230 -5.97 -11.42 36.08
CA THR B 230 -5.08 -10.80 37.05
C THR B 230 -5.85 -10.05 38.12
N ILE B 231 -7.05 -9.58 37.77
CA ILE B 231 -7.87 -8.76 38.65
C ILE B 231 -9.03 -9.57 39.20
N LEU B 232 -9.74 -10.27 38.33
CA LEU B 232 -10.85 -11.13 38.77
C LEU B 232 -10.32 -12.57 38.80
N LYS B 233 -9.56 -12.86 39.86
CA LYS B 233 -8.86 -14.14 39.93
C LYS B 233 -9.82 -15.32 39.96
N LYS B 234 -11.02 -15.14 40.54
CA LYS B 234 -11.98 -16.23 40.62
C LYS B 234 -12.92 -16.23 39.43
N TYR B 235 -13.49 -15.08 39.12
CA TYR B 235 -14.49 -15.00 38.06
C TYR B 235 -13.86 -15.33 36.72
N ASP B 236 -12.86 -14.55 36.32
CA ASP B 236 -12.17 -14.76 35.06
C ASP B 236 -11.26 -15.99 35.11
N GLY B 237 -10.73 -16.32 36.30
CA GLY B 237 -9.96 -17.55 36.45
C GLY B 237 -10.75 -18.79 36.10
N ARG B 238 -12.07 -18.79 36.34
CA ARG B 238 -12.91 -19.92 35.94
C ARG B 238 -13.02 -20.07 34.42
N PHE B 239 -13.19 -18.96 33.69
CA PHE B 239 -13.18 -19.04 32.23
C PHE B 239 -11.86 -19.66 31.77
N LYS B 240 -10.75 -19.17 32.32
CA LYS B 240 -9.42 -19.65 31.97
C LYS B 240 -9.27 -21.14 32.26
N ASP B 241 -9.62 -21.57 33.49
CA ASP B 241 -9.43 -22.98 33.85
C ASP B 241 -10.31 -23.90 33.01
N ILE B 242 -11.57 -23.52 32.78
CA ILE B 242 -12.46 -24.35 31.98
C ILE B 242 -11.90 -24.56 30.57
N PHE B 243 -11.50 -23.46 29.91
CA PHE B 243 -10.92 -23.59 28.56
C PHE B 243 -9.70 -24.52 28.57
N GLN B 244 -8.80 -24.33 29.54
CA GLN B 244 -7.56 -25.09 29.54
C GLN B 244 -7.84 -26.57 29.74
N GLU B 245 -8.75 -26.88 30.66
CA GLU B 245 -9.06 -28.27 30.92
C GLU B 245 -9.67 -28.93 29.70
N ILE B 246 -10.65 -28.28 29.07
CA ILE B 246 -11.29 -28.85 27.90
C ILE B 246 -10.31 -28.96 26.74
N TYR B 247 -9.46 -27.94 26.55
CA TYR B 247 -8.40 -28.01 25.55
C TYR B 247 -7.51 -29.23 25.76
N ASP B 248 -6.87 -29.32 26.92
CA ASP B 248 -5.95 -30.43 27.17
C ASP B 248 -6.64 -31.78 27.01
N LYS B 249 -7.86 -31.91 27.49
CA LYS B 249 -8.42 -33.26 27.48
C LYS B 249 -9.06 -33.61 26.14
N GLN B 250 -9.55 -32.63 25.38
CA GLN B 250 -10.43 -32.94 24.26
C GLN B 250 -10.01 -32.38 22.92
N TYR B 251 -9.15 -31.37 22.88
CA TYR B 251 -8.86 -30.72 21.61
C TYR B 251 -7.38 -30.56 21.27
N LYS B 252 -6.47 -30.61 22.25
CA LYS B 252 -5.07 -30.32 21.97
C LYS B 252 -4.53 -31.19 20.84
N SER B 253 -4.85 -32.48 20.86
CA SER B 253 -4.33 -33.37 19.83
C SER B 253 -4.75 -32.91 18.44
N GLN B 254 -6.00 -32.53 18.28
CA GLN B 254 -6.48 -32.16 16.97
C GLN B 254 -5.93 -30.81 16.52
N PHE B 255 -5.71 -29.88 17.47
CA PHE B 255 -5.08 -28.61 17.14
C PHE B 255 -3.66 -28.84 16.60
N GLU B 256 -2.90 -29.74 17.25
CA GLU B 256 -1.53 -30.01 16.83
C GLU B 256 -1.48 -30.65 15.45
N ALA B 257 -2.43 -31.55 15.15
CA ALA B 257 -2.48 -32.17 13.83
C ALA B 257 -2.65 -31.13 12.72
N GLN B 258 -3.36 -30.04 12.99
CA GLN B 258 -3.53 -28.95 12.03
C GLN B 258 -2.54 -27.82 12.24
N LYS B 259 -1.56 -28.01 13.10
CA LYS B 259 -0.52 -27.00 13.33
C LYS B 259 -1.12 -25.65 13.74
N ILE B 260 -2.20 -25.70 14.53
CA ILE B 260 -2.74 -24.53 15.23
C ILE B 260 -2.61 -24.75 16.73
N TRP B 261 -2.90 -23.69 17.49
CA TRP B 261 -2.73 -23.76 18.94
C TRP B 261 -3.81 -22.93 19.62
N TYR B 262 -3.84 -23.01 20.95
CA TYR B 262 -4.75 -22.26 21.79
C TYR B 262 -3.96 -21.60 22.91
N GLU B 263 -4.30 -20.34 23.21
CA GLU B 263 -3.60 -19.63 24.27
C GLU B 263 -4.57 -18.70 24.97
N HIS B 264 -4.47 -18.63 26.30
CA HIS B 264 -5.13 -17.57 27.04
C HIS B 264 -4.24 -16.33 27.03
N ARG B 265 -4.85 -15.17 26.80
CA ARG B 265 -4.16 -13.88 26.82
C ARG B 265 -4.91 -12.90 27.71
N LEU B 266 -4.18 -12.05 28.41
CA LEU B 266 -4.80 -10.95 29.12
C LEU B 266 -5.43 -9.98 28.12
N ILE B 267 -6.64 -9.50 28.43
CA ILE B 267 -7.39 -8.66 27.49
C ILE B 267 -6.57 -7.47 27.03
N ASP B 268 -5.88 -6.78 27.96
CA ASP B 268 -5.02 -5.64 27.57
C ASP B 268 -3.98 -6.05 26.53
N ASP B 269 -3.25 -7.13 26.83
CA ASP B 269 -2.25 -7.63 25.91
C ASP B 269 -2.89 -7.95 24.56
N MET B 270 -4.11 -8.49 24.60
CA MET B 270 -4.70 -9.05 23.39
C MET B 270 -5.18 -7.97 22.43
N VAL B 271 -5.74 -6.85 22.93
CA VAL B 271 -6.18 -5.80 22.02
C VAL B 271 -4.98 -5.16 21.34
N ALA B 272 -3.87 -5.02 22.07
CA ALA B 272 -2.66 -4.55 21.43
C ALA B 272 -2.15 -5.57 20.40
N GLN B 273 -1.99 -6.84 20.81
CA GLN B 273 -1.56 -7.89 19.87
C GLN B 273 -2.43 -7.90 18.62
N ALA B 274 -3.75 -7.71 18.77
CA ALA B 274 -4.61 -7.80 17.59
C ALA B 274 -4.41 -6.58 16.68
N MET B 275 -4.26 -5.40 17.27
CA MET B 275 -4.01 -4.18 16.51
C MET B 275 -2.82 -4.34 15.55
N LYS B 276 -1.72 -4.91 16.04
CA LYS B 276 -0.51 -5.01 15.22
C LYS B 276 -0.43 -6.33 14.46
N SER B 277 -1.42 -7.20 14.59
CA SER B 277 -1.39 -8.50 13.95
C SER B 277 -1.78 -8.40 12.48
N GLU B 278 -1.74 -9.54 11.80
CA GLU B 278 -2.17 -9.62 10.41
C GLU B 278 -3.56 -10.24 10.26
N GLY B 279 -4.24 -10.57 11.37
CA GLY B 279 -5.48 -11.30 11.26
C GLY B 279 -5.25 -12.79 11.22
N GLY B 280 -6.30 -13.52 10.85
CA GLY B 280 -6.22 -14.96 10.74
C GLY B 280 -6.25 -15.72 12.05
N PHE B 281 -7.12 -15.34 12.99
CA PHE B 281 -7.25 -16.11 14.23
C PHE B 281 -8.67 -16.03 14.76
N ILE B 282 -8.99 -16.94 15.68
CA ILE B 282 -10.24 -16.89 16.42
C ILE B 282 -9.98 -16.23 17.76
N TRP B 283 -10.84 -15.27 18.12
CA TRP B 283 -10.72 -14.48 19.33
C TRP B 283 -11.96 -14.71 20.21
N ALA B 284 -11.81 -15.58 21.21
CA ALA B 284 -12.88 -15.85 22.17
C ALA B 284 -12.94 -14.75 23.23
N CYS B 285 -14.09 -14.08 23.31
CA CYS B 285 -14.30 -12.93 24.18
C CYS B 285 -15.43 -13.23 25.14
N LYS B 286 -15.27 -12.79 26.38
CA LYS B 286 -16.38 -12.65 27.31
C LYS B 286 -17.43 -11.71 26.72
N ASN B 287 -18.68 -11.89 27.14
CA ASN B 287 -19.81 -11.16 26.60
C ASN B 287 -19.47 -9.69 26.37
N TYR B 288 -18.99 -9.01 27.40
CA TYR B 288 -18.74 -7.56 27.27
C TYR B 288 -17.62 -7.28 26.27
N ASP B 289 -16.48 -7.94 26.40
CA ASP B 289 -15.40 -7.63 25.49
C ASP B 289 -15.78 -7.94 24.04
N GLY B 290 -16.56 -9.00 23.83
CA GLY B 290 -16.93 -9.36 22.47
C GLY B 290 -17.87 -8.35 21.87
N ASP B 291 -18.75 -7.79 22.70
CA ASP B 291 -19.62 -6.71 22.28
C ASP B 291 -18.81 -5.49 21.84
N VAL B 292 -17.78 -5.12 22.61
CA VAL B 292 -17.06 -3.88 22.35
C VAL B 292 -16.03 -4.08 21.25
N GLN B 293 -15.23 -5.14 21.33
CA GLN B 293 -14.16 -5.31 20.34
C GLN B 293 -14.71 -5.69 18.97
N SER B 294 -15.87 -6.37 18.88
CA SER B 294 -16.40 -6.65 17.55
C SER B 294 -16.76 -5.37 16.78
N ASP B 295 -17.25 -4.33 17.49
CA ASP B 295 -17.45 -3.04 16.83
C ASP B 295 -16.12 -2.39 16.45
N SER B 296 -15.12 -2.45 17.34
CA SER B 296 -13.79 -1.98 16.97
C SER B 296 -13.28 -2.69 15.71
N VAL B 297 -13.44 -4.01 15.66
CA VAL B 297 -12.86 -4.78 14.57
C VAL B 297 -13.60 -4.53 13.26
N ALA B 298 -14.94 -4.53 13.30
CA ALA B 298 -15.69 -4.24 12.09
C ALA B 298 -15.28 -2.87 11.54
N GLN B 299 -15.18 -1.87 12.42
CA GLN B 299 -14.77 -0.56 11.93
C GLN B 299 -13.35 -0.60 11.34
N GLY B 300 -12.46 -1.36 11.98
CA GLY B 300 -11.09 -1.46 11.48
C GLY B 300 -10.99 -2.05 10.08
N TYR B 301 -11.85 -3.02 9.77
CA TYR B 301 -11.84 -3.59 8.43
C TYR B 301 -12.47 -2.68 7.39
N GLY B 302 -13.17 -1.62 7.81
CA GLY B 302 -13.49 -0.58 6.84
C GLY B 302 -14.85 0.08 7.04
N SER B 303 -15.84 -0.70 7.44
CA SER B 303 -17.19 -0.17 7.63
C SER B 303 -17.83 -0.91 8.81
N LEU B 304 -18.23 -0.13 9.82
CA LEU B 304 -18.91 -0.68 10.98
C LEU B 304 -20.10 -1.55 10.59
N GLY B 305 -20.81 -1.19 9.53
CA GLY B 305 -22.00 -1.97 9.18
C GLY B 305 -21.75 -3.26 8.41
N MET B 306 -20.54 -3.45 7.84
CA MET B 306 -20.25 -4.65 7.05
C MET B 306 -19.72 -5.76 7.96
N MET B 307 -20.66 -6.47 8.58
CA MET B 307 -20.30 -7.46 9.58
C MET B 307 -21.36 -8.56 9.60
N THR B 308 -20.95 -9.81 9.83
CA THR B 308 -21.89 -10.90 10.07
C THR B 308 -21.96 -11.15 11.57
N SER B 309 -23.14 -11.55 12.04
CA SER B 309 -23.34 -11.84 13.46
C SER B 309 -24.25 -13.05 13.58
N VAL B 310 -23.69 -14.20 13.95
CA VAL B 310 -24.40 -15.47 13.95
C VAL B 310 -24.23 -16.13 15.31
N LEU B 311 -25.35 -16.31 16.01
CA LEU B 311 -25.36 -16.94 17.31
C LEU B 311 -25.42 -18.45 17.09
N VAL B 312 -24.43 -19.16 17.62
CA VAL B 312 -24.31 -20.61 17.50
C VAL B 312 -24.60 -21.23 18.87
N CYS B 313 -25.68 -22.03 18.94
CA CYS B 313 -26.20 -22.53 20.20
C CYS B 313 -25.50 -23.81 20.65
N PRO B 314 -25.60 -24.13 21.95
CA PRO B 314 -24.85 -25.27 22.49
C PRO B 314 -25.29 -26.60 21.91
N ASP B 315 -26.55 -26.75 21.51
CA ASP B 315 -26.98 -28.02 20.95
C ASP B 315 -26.25 -28.37 19.67
N GLY B 316 -25.42 -27.48 19.14
CA GLY B 316 -24.75 -27.74 17.87
C GLY B 316 -25.67 -27.79 16.66
N LYS B 317 -26.97 -27.56 16.84
CA LYS B 317 -27.93 -27.68 15.76
C LYS B 317 -28.64 -26.38 15.43
N THR B 318 -28.70 -25.45 16.37
CA THR B 318 -29.53 -24.27 16.28
C THR B 318 -28.69 -23.02 16.11
N VAL B 319 -29.16 -22.11 15.26
CA VAL B 319 -28.44 -20.91 14.88
C VAL B 319 -29.45 -19.76 14.72
N GLU B 320 -28.99 -18.55 14.97
CA GLU B 320 -29.80 -17.34 14.76
C GLU B 320 -28.89 -16.27 14.18
N ALA B 321 -29.13 -15.90 12.92
CA ALA B 321 -28.39 -14.85 12.26
C ALA B 321 -29.11 -13.52 12.45
N GLU B 322 -28.35 -12.48 12.72
CA GLU B 322 -28.94 -11.18 12.98
C GLU B 322 -28.21 -10.11 12.17
N ALA B 323 -28.94 -9.04 11.88
CA ALA B 323 -28.32 -7.83 11.37
C ALA B 323 -27.93 -6.99 12.58
N ALA B 324 -26.63 -6.80 12.76
CA ALA B 324 -26.10 -6.28 14.03
C ALA B 324 -26.22 -4.77 14.21
N HIS B 325 -26.51 -3.97 13.18
CA HIS B 325 -26.38 -2.54 13.40
C HIS B 325 -27.69 -1.96 13.94
N GLY B 326 -27.87 -0.64 13.86
CA GLY B 326 -29.08 0.01 14.29
C GLY B 326 -30.10 0.10 13.18
N THR B 327 -31.19 0.80 13.46
CA THR B 327 -32.29 0.84 12.52
C THR B 327 -32.23 2.03 11.57
N VAL B 328 -31.22 2.88 11.69
CA VAL B 328 -30.95 3.95 10.72
C VAL B 328 -32.08 4.97 10.76
N THR B 329 -32.35 5.49 11.97
CA THR B 329 -33.56 6.30 12.18
C THR B 329 -33.62 7.49 11.23
N ARG B 330 -32.49 8.16 11.01
CA ARG B 330 -32.47 9.33 10.14
C ARG B 330 -32.95 8.99 8.72
N HIS B 331 -32.50 7.86 8.19
CA HIS B 331 -32.97 7.43 6.87
C HIS B 331 -34.46 7.12 6.88
N TYR B 332 -34.94 6.46 7.93
CA TYR B 332 -36.38 6.17 8.01
C TYR B 332 -37.20 7.46 7.99
N ARG B 333 -36.81 8.48 8.77
CA ARG B 333 -37.54 9.74 8.74
C ARG B 333 -37.59 10.29 7.33
N MET B 334 -36.46 10.21 6.61
CA MET B 334 -36.41 10.70 5.24
C MET B 334 -37.33 9.89 4.33
N TYR B 335 -37.31 8.57 4.48
CA TYR B 335 -38.24 7.72 3.74
C TYR B 335 -39.70 8.05 4.11
N GLN B 336 -39.98 8.31 5.40
CA GLN B 336 -41.34 8.71 5.79
C GLN B 336 -41.78 9.96 5.04
N LYS B 337 -40.91 10.95 4.90
CA LYS B 337 -41.24 12.18 4.16
C LYS B 337 -41.14 11.99 2.66
N GLY B 338 -40.96 10.76 2.19
CA GLY B 338 -40.83 10.50 0.76
C GLY B 338 -39.57 11.07 0.12
N GLN B 339 -38.45 11.06 0.85
CA GLN B 339 -37.18 11.53 0.33
C GLN B 339 -36.26 10.36 0.00
N GLU B 340 -35.48 10.52 -1.07
CA GLU B 340 -34.46 9.54 -1.44
C GLU B 340 -33.52 9.26 -0.26
N THR B 341 -33.20 7.98 -0.07
CA THR B 341 -32.19 7.55 0.86
C THR B 341 -31.19 6.66 0.14
N SER B 342 -30.13 6.29 0.84
CA SER B 342 -29.11 5.37 0.32
C SER B 342 -28.67 4.50 1.50
N THR B 343 -29.47 3.48 1.81
CA THR B 343 -29.29 2.62 2.97
C THR B 343 -28.57 1.33 2.58
N ASN B 344 -27.49 1.02 3.26
CA ASN B 344 -26.73 -0.21 3.03
C ASN B 344 -27.53 -1.42 3.50
N PRO B 345 -27.89 -2.37 2.63
CA PRO B 345 -28.66 -3.54 3.06
C PRO B 345 -27.83 -4.78 3.40
N ILE B 346 -26.50 -4.71 3.31
CA ILE B 346 -25.69 -5.91 3.19
C ILE B 346 -25.74 -6.77 4.45
N ALA B 347 -25.77 -6.13 5.63
CA ALA B 347 -25.82 -6.90 6.87
C ALA B 347 -27.15 -7.62 7.01
N SER B 348 -28.26 -7.04 6.53
CA SER B 348 -29.54 -7.74 6.57
C SER B 348 -29.59 -8.88 5.56
N ILE B 349 -29.02 -8.65 4.37
CA ILE B 349 -28.87 -9.71 3.37
C ILE B 349 -28.07 -10.87 3.95
N PHE B 350 -26.95 -10.57 4.60
CA PHE B 350 -26.12 -11.65 5.11
C PHE B 350 -26.72 -12.34 6.33
N ALA B 351 -27.66 -11.68 7.04
CA ALA B 351 -28.42 -12.42 8.03
C ALA B 351 -29.26 -13.49 7.35
N TRP B 352 -29.84 -13.17 6.18
CA TRP B 352 -30.62 -14.15 5.45
C TRP B 352 -29.75 -15.26 4.89
N THR B 353 -28.61 -14.92 4.28
CA THR B 353 -27.83 -15.96 3.64
C THR B 353 -27.22 -16.88 4.68
N ARG B 354 -26.74 -16.33 5.81
CA ARG B 354 -26.13 -17.18 6.84
C ARG B 354 -27.15 -18.15 7.42
N GLY B 355 -28.37 -17.68 7.68
CA GLY B 355 -29.40 -18.58 8.20
C GLY B 355 -29.82 -19.64 7.19
N LEU B 356 -30.04 -19.23 5.94
CA LEU B 356 -30.41 -20.19 4.90
C LEU B 356 -29.29 -21.19 4.67
N ALA B 357 -28.03 -20.74 4.77
CA ALA B 357 -26.92 -21.66 4.60
C ALA B 357 -26.96 -22.74 5.69
N HIS B 358 -27.29 -22.34 6.91
CA HIS B 358 -27.36 -23.34 7.97
C HIS B 358 -28.61 -24.21 7.83
N ARG B 359 -29.72 -23.61 7.40
CA ARG B 359 -30.90 -24.39 7.02
C ARG B 359 -30.53 -25.46 6.00
N ALA B 360 -29.80 -25.08 4.94
CA ALA B 360 -29.40 -26.04 3.93
C ALA B 360 -28.47 -27.12 4.50
N LYS B 361 -27.66 -26.79 5.51
CA LYS B 361 -26.78 -27.79 6.09
C LYS B 361 -27.56 -28.87 6.84
N LEU B 362 -28.56 -28.47 7.64
CA LEU B 362 -29.35 -29.45 8.38
C LEU B 362 -30.14 -30.35 7.44
N ASP B 363 -30.50 -29.84 6.26
CA ASP B 363 -31.38 -30.52 5.32
C ASP B 363 -30.65 -31.21 4.18
N ASN B 364 -29.32 -31.12 4.12
CA ASN B 364 -28.57 -31.60 2.96
C ASN B 364 -29.20 -31.10 1.67
N ASN B 365 -29.54 -29.81 1.68
CA ASN B 365 -30.22 -29.13 0.58
C ASN B 365 -29.15 -28.39 -0.23
N LYS B 366 -28.64 -29.07 -1.26
CA LYS B 366 -27.53 -28.53 -2.04
C LYS B 366 -27.95 -27.32 -2.85
N GLU B 367 -29.22 -27.23 -3.23
CA GLU B 367 -29.69 -26.07 -3.97
C GLU B 367 -29.79 -24.84 -3.07
N LEU B 368 -30.37 -25.00 -1.89
CA LEU B 368 -30.40 -23.90 -0.93
C LEU B 368 -28.98 -23.44 -0.59
N ALA B 369 -28.06 -24.39 -0.32
CA ALA B 369 -26.69 -23.98 0.00
C ALA B 369 -26.06 -23.20 -1.14
N PHE B 370 -26.28 -23.66 -2.38
CA PHE B 370 -25.75 -22.94 -3.53
C PHE B 370 -26.31 -21.52 -3.59
N PHE B 371 -27.63 -21.38 -3.42
CA PHE B 371 -28.29 -20.07 -3.48
C PHE B 371 -27.74 -19.11 -2.41
N ALA B 372 -27.57 -19.60 -1.18
CA ALA B 372 -27.12 -18.71 -0.12
C ALA B 372 -25.75 -18.13 -0.43
N ASN B 373 -24.85 -18.96 -0.97
CA ASN B 373 -23.51 -18.47 -1.28
C ASN B 373 -23.52 -17.60 -2.54
N ALA B 374 -24.39 -17.92 -3.50
CA ALA B 374 -24.54 -17.04 -4.66
C ALA B 374 -24.89 -15.62 -4.24
N LEU B 375 -25.95 -15.47 -3.44
CA LEU B 375 -26.38 -14.13 -3.00
C LEU B 375 -25.26 -13.39 -2.28
N GLU B 376 -24.52 -14.07 -1.40
CA GLU B 376 -23.35 -13.45 -0.80
C GLU B 376 -22.35 -13.02 -1.87
N GLU B 377 -22.11 -13.87 -2.87
CA GLU B 377 -21.15 -13.52 -3.90
C GLU B 377 -21.63 -12.34 -4.74
N VAL B 378 -22.91 -12.34 -5.13
CA VAL B 378 -23.45 -11.22 -5.89
C VAL B 378 -23.25 -9.91 -5.12
N SER B 379 -23.46 -9.95 -3.79
CA SER B 379 -23.34 -8.74 -2.97
C SER B 379 -21.94 -8.16 -3.04
N ILE B 380 -20.91 -8.96 -2.72
CA ILE B 380 -19.53 -8.51 -2.81
C ILE B 380 -19.22 -8.03 -4.22
N GLU B 381 -19.49 -8.88 -5.23
CA GLU B 381 -19.11 -8.55 -6.61
C GLU B 381 -19.74 -7.25 -7.07
N THR B 382 -21.00 -7.02 -6.66
CA THR B 382 -21.70 -5.80 -7.09
C THR B 382 -20.98 -4.57 -6.54
N ILE B 383 -20.58 -4.61 -5.27
CA ILE B 383 -19.85 -3.48 -4.68
C ILE B 383 -18.47 -3.36 -5.31
N GLU B 384 -17.75 -4.48 -5.44
CA GLU B 384 -16.41 -4.44 -6.01
C GLU B 384 -16.42 -3.95 -7.45
N ALA B 385 -17.55 -4.06 -8.15
CA ALA B 385 -17.68 -3.52 -9.51
C ALA B 385 -17.92 -2.02 -9.51
N GLY B 386 -18.24 -1.42 -8.38
CA GLY B 386 -18.48 0.00 -8.28
C GLY B 386 -19.92 0.41 -8.07
N PHE B 387 -20.81 -0.51 -7.74
CA PHE B 387 -22.21 -0.20 -7.47
C PHE B 387 -22.40 -0.32 -5.96
N MET B 388 -22.61 0.81 -5.30
CA MET B 388 -22.60 0.78 -3.84
C MET B 388 -23.41 1.97 -3.30
N THR B 389 -23.85 1.83 -2.06
CA THR B 389 -24.60 2.89 -1.39
C THR B 389 -23.66 4.02 -0.95
N LYS B 390 -24.26 5.12 -0.50
CA LYS B 390 -23.48 6.33 -0.24
C LYS B 390 -22.41 6.11 0.83
N ASP B 391 -22.74 5.36 1.89
CA ASP B 391 -21.78 5.11 2.97
C ASP B 391 -20.52 4.43 2.43
N LEU B 392 -20.67 3.48 1.51
CA LEU B 392 -19.51 2.79 0.97
C LEU B 392 -18.71 3.69 0.04
N ALA B 393 -19.38 4.49 -0.80
CA ALA B 393 -18.64 5.44 -1.62
C ALA B 393 -17.85 6.40 -0.76
N ALA B 394 -18.41 6.78 0.41
CA ALA B 394 -17.68 7.66 1.31
C ALA B 394 -16.50 6.95 1.96
N CYS B 395 -16.58 5.63 2.13
CA CYS B 395 -15.38 4.91 2.60
C CYS B 395 -14.22 5.05 1.60
N ILE B 396 -14.53 5.22 0.32
CA ILE B 396 -13.50 5.26 -0.73
C ILE B 396 -13.01 6.68 -0.97
N LYS B 397 -13.92 7.60 -1.25
CA LYS B 397 -13.54 8.97 -1.59
C LYS B 397 -13.38 9.91 -0.40
N GLY B 398 -14.03 9.61 0.73
CA GLY B 398 -14.22 10.62 1.75
C GLY B 398 -15.52 11.37 1.51
N LEU B 399 -16.35 11.49 2.54
CA LEU B 399 -17.72 11.97 2.32
C LEU B 399 -17.76 13.33 1.65
N PRO B 400 -16.96 14.35 2.08
CA PRO B 400 -17.04 15.68 1.45
C PRO B 400 -16.88 15.64 -0.07
N ASN B 401 -16.28 14.56 -0.59
CA ASN B 401 -15.96 14.45 -2.01
C ASN B 401 -16.93 13.56 -2.78
N VAL B 402 -17.96 13.04 -2.12
CA VAL B 402 -18.90 12.11 -2.72
C VAL B 402 -19.96 12.90 -3.48
N GLN B 403 -20.09 12.62 -4.77
CA GLN B 403 -21.13 13.21 -5.59
C GLN B 403 -22.26 12.19 -5.80
N ARG B 404 -23.45 12.71 -6.13
CA ARG B 404 -24.60 11.83 -6.33
C ARG B 404 -24.30 10.69 -7.30
N SER B 405 -23.47 10.94 -8.32
CA SER B 405 -23.22 9.92 -9.33
C SER B 405 -22.30 8.80 -8.84
N ASP B 406 -21.76 8.88 -7.61
CA ASP B 406 -20.87 7.85 -7.07
C ASP B 406 -21.59 6.71 -6.36
N TYR B 407 -22.91 6.75 -6.25
CA TYR B 407 -23.59 5.74 -5.45
C TYR B 407 -25.01 5.57 -5.96
N LEU B 408 -25.64 4.48 -5.52
CA LEU B 408 -27.05 4.23 -5.80
C LEU B 408 -27.89 4.57 -4.57
N ASN B 409 -29.13 4.96 -4.81
CA ASN B 409 -30.06 5.09 -3.69
C ASN B 409 -30.52 3.70 -3.24
N THR B 410 -31.35 3.67 -2.19
CA THR B 410 -31.68 2.41 -1.54
C THR B 410 -32.30 1.41 -2.52
N PHE B 411 -33.22 1.86 -3.34
CA PHE B 411 -33.92 0.96 -4.25
C PHE B 411 -33.11 0.66 -5.50
N GLU B 412 -32.32 1.62 -5.98
CA GLU B 412 -31.40 1.33 -7.09
C GLU B 412 -30.42 0.23 -6.72
N PHE B 413 -29.86 0.29 -5.51
CA PHE B 413 -28.89 -0.73 -5.12
C PHE B 413 -29.56 -2.09 -4.99
N MET B 414 -30.67 -2.15 -4.25
CA MET B 414 -31.48 -3.37 -4.20
C MET B 414 -31.77 -3.89 -5.61
N ASP B 415 -32.08 -2.98 -6.55
CA ASP B 415 -32.42 -3.38 -7.91
C ASP B 415 -31.21 -3.90 -8.66
N LYS B 416 -30.05 -3.26 -8.49
CA LYS B 416 -28.84 -3.79 -9.11
C LYS B 416 -28.49 -5.16 -8.53
N LEU B 417 -28.63 -5.33 -7.22
CA LEU B 417 -28.42 -6.65 -6.64
C LEU B 417 -29.34 -7.67 -7.27
N GLY B 418 -30.61 -7.32 -7.47
CA GLY B 418 -31.57 -8.28 -7.99
C GLY B 418 -31.25 -8.71 -9.41
N GLU B 419 -30.83 -7.76 -10.25
CA GLU B 419 -30.46 -8.14 -11.61
C GLU B 419 -29.19 -8.98 -11.62
N ASN B 420 -28.21 -8.63 -10.79
CA ASN B 420 -26.96 -9.40 -10.77
C ASN B 420 -27.20 -10.81 -10.23
N LEU B 421 -28.11 -10.94 -9.25
CA LEU B 421 -28.44 -12.26 -8.73
C LEU B 421 -29.17 -13.09 -9.77
N LYS B 422 -30.13 -12.49 -10.48
CA LYS B 422 -30.83 -13.23 -11.52
C LYS B 422 -29.84 -13.77 -12.55
N ILE B 423 -28.79 -13.00 -12.88
CA ILE B 423 -27.81 -13.44 -13.85
C ILE B 423 -26.96 -14.58 -13.30
N LYS B 424 -26.54 -14.47 -12.03
CA LYS B 424 -25.68 -15.50 -11.45
C LYS B 424 -26.38 -16.86 -11.40
N LEU B 425 -27.68 -16.86 -11.10
CA LEU B 425 -28.42 -18.12 -10.99
C LEU B 425 -28.69 -18.73 -12.37
N ALA B 426 -28.91 -17.91 -13.39
CA ALA B 426 -29.07 -18.43 -14.74
C ALA B 426 -27.75 -18.95 -15.30
N GLN B 427 -26.67 -18.17 -15.15
CA GLN B 427 -25.35 -18.59 -15.63
C GLN B 427 -24.96 -19.94 -15.05
N ALA B 428 -25.37 -20.22 -13.81
CA ALA B 428 -24.97 -21.43 -13.10
C ALA B 428 -25.67 -22.70 -13.61
N LYS B 429 -26.62 -22.57 -14.53
CA LYS B 429 -27.32 -23.74 -15.05
C LYS B 429 -27.31 -23.79 -16.58
N HIS C 16 -31.38 10.73 -59.42
CA HIS C 16 -32.70 10.38 -58.89
C HIS C 16 -32.65 9.64 -57.54
N MET C 17 -31.66 8.75 -57.35
CA MET C 17 -31.53 8.00 -56.10
C MET C 17 -30.54 8.67 -55.17
N SER C 18 -30.87 8.69 -53.87
CA SER C 18 -29.91 9.09 -52.85
C SER C 18 -28.88 7.96 -52.70
N LYS C 19 -27.68 8.19 -53.22
CA LYS C 19 -26.64 7.17 -53.25
C LYS C 19 -25.63 7.40 -52.14
N LYS C 20 -25.21 6.30 -51.50
CA LYS C 20 -24.07 6.35 -50.61
C LYS C 20 -22.80 6.70 -51.38
N ILE C 21 -21.72 6.89 -50.65
CA ILE C 21 -20.44 7.16 -51.27
C ILE C 21 -19.85 5.84 -51.75
N SER C 22 -19.25 5.85 -52.93
CA SER C 22 -18.57 4.67 -53.44
C SER C 22 -17.24 4.50 -52.70
N GLY C 23 -17.12 3.40 -51.96
CA GLY C 23 -15.97 3.21 -51.09
C GLY C 23 -14.86 2.35 -51.67
N GLY C 24 -15.14 1.60 -52.74
CA GLY C 24 -14.14 0.73 -53.32
C GLY C 24 -13.99 -0.58 -52.55
N SER C 25 -12.79 -1.18 -52.64
CA SER C 25 -12.51 -2.48 -52.06
C SER C 25 -11.64 -2.31 -50.82
N VAL C 26 -12.02 -3.00 -49.73
CA VAL C 26 -11.30 -2.89 -48.45
C VAL C 26 -11.31 -4.24 -47.74
N VAL C 27 -10.14 -4.66 -47.27
CA VAL C 27 -10.02 -5.84 -46.41
C VAL C 27 -10.16 -5.40 -44.97
N GLU C 28 -11.12 -5.97 -44.25
CA GLU C 28 -11.38 -5.62 -42.86
C GLU C 28 -11.11 -6.83 -41.99
N MET C 29 -10.38 -6.64 -40.89
CA MET C 29 -10.08 -7.71 -39.95
C MET C 29 -10.63 -7.37 -38.57
N GLN C 30 -11.56 -8.18 -38.08
CA GLN C 30 -12.19 -7.99 -36.76
C GLN C 30 -11.27 -8.47 -35.64
N GLY C 31 -11.37 -7.80 -34.48
CA GLY C 31 -10.47 -8.05 -33.36
C GLY C 31 -11.08 -8.67 -32.11
N ASP C 32 -10.61 -8.22 -30.93
CA ASP C 32 -10.87 -8.86 -29.65
C ASP C 32 -11.25 -7.85 -28.55
N GLU C 33 -12.09 -8.30 -27.63
CA GLU C 33 -12.31 -7.66 -26.32
C GLU C 33 -12.92 -6.27 -26.51
N MET C 34 -12.42 -5.23 -25.82
CA MET C 34 -13.01 -3.89 -25.93
C MET C 34 -13.01 -3.39 -27.36
N THR C 35 -11.85 -3.49 -28.04
CA THR C 35 -11.75 -3.04 -29.43
C THR C 35 -12.72 -3.80 -30.33
N ARG C 36 -12.99 -5.08 -30.02
CA ARG C 36 -13.99 -5.82 -30.77
C ARG C 36 -15.35 -5.14 -30.66
N ILE C 37 -15.73 -4.71 -29.45
CA ILE C 37 -16.99 -4.01 -29.26
C ILE C 37 -16.99 -2.70 -30.03
N ILE C 38 -16.01 -1.84 -29.73
CA ILE C 38 -15.93 -0.53 -30.38
C ILE C 38 -15.89 -0.68 -31.90
N TRP C 39 -15.14 -1.67 -32.39
CA TRP C 39 -14.97 -1.84 -33.82
C TRP C 39 -16.30 -1.80 -34.55
N GLU C 40 -17.32 -2.46 -33.99
CA GLU C 40 -18.59 -2.61 -34.67
C GLU C 40 -19.53 -1.43 -34.47
N LEU C 41 -19.31 -0.59 -33.46
CA LEU C 41 -20.07 0.65 -33.38
C LEU C 41 -19.68 1.59 -34.52
N ILE C 42 -18.39 1.57 -34.89
CA ILE C 42 -17.92 2.42 -35.98
C ILE C 42 -18.50 1.96 -37.31
N LYS C 43 -18.51 0.65 -37.57
CA LYS C 43 -19.17 0.16 -38.77
C LYS C 43 -20.59 0.72 -38.87
N GLU C 44 -21.43 0.45 -37.86
CA GLU C 44 -22.86 0.74 -38.00
C GLU C 44 -23.16 2.23 -37.90
N LYS C 45 -22.38 2.97 -37.11
CA LYS C 45 -22.66 4.39 -36.87
C LYS C 45 -21.96 5.31 -37.87
N LEU C 46 -20.64 5.17 -38.04
CA LEU C 46 -19.90 6.17 -38.80
C LEU C 46 -19.72 5.83 -40.27
N ILE C 47 -19.51 4.56 -40.60
CA ILE C 47 -19.08 4.20 -41.95
C ILE C 47 -20.27 3.81 -42.83
N PHE C 48 -20.85 2.64 -42.59
CA PHE C 48 -21.79 2.05 -43.54
C PHE C 48 -22.90 2.99 -44.01
N PRO C 49 -23.54 3.79 -43.15
CA PRO C 49 -24.67 4.63 -43.63
C PRO C 49 -24.30 5.57 -44.76
N TYR C 50 -23.08 6.13 -44.76
CA TYR C 50 -22.68 7.11 -45.77
C TYR C 50 -21.79 6.53 -46.86
N VAL C 51 -21.26 5.34 -46.67
CA VAL C 51 -20.25 4.79 -47.58
C VAL C 51 -20.56 3.30 -47.80
N GLU C 52 -20.48 2.87 -49.06
CA GLU C 52 -20.79 1.51 -49.47
C GLU C 52 -19.51 0.83 -49.95
N LEU C 53 -19.15 -0.29 -49.30
CA LEU C 53 -17.87 -0.97 -49.51
C LEU C 53 -18.03 -2.36 -50.14
N ASP C 54 -16.95 -2.79 -50.77
CA ASP C 54 -16.76 -4.19 -51.17
C ASP C 54 -15.82 -4.81 -50.13
N LEU C 55 -16.39 -5.12 -48.97
CA LEU C 55 -15.63 -5.57 -47.82
C LEU C 55 -15.27 -7.05 -47.92
N HIS C 56 -14.02 -7.38 -47.60
CA HIS C 56 -13.53 -8.75 -47.47
C HIS C 56 -13.10 -8.92 -46.02
N SER C 57 -14.05 -9.32 -45.18
CA SER C 57 -13.87 -9.33 -43.73
C SER C 57 -13.28 -10.66 -43.27
N TYR C 58 -12.28 -10.59 -42.41
CA TYR C 58 -11.65 -11.75 -41.79
C TYR C 58 -11.74 -11.60 -40.27
N ASP C 59 -12.29 -12.61 -39.61
CA ASP C 59 -12.49 -12.59 -38.15
C ASP C 59 -11.22 -13.06 -37.47
N LEU C 60 -10.37 -12.12 -37.06
CA LEU C 60 -9.11 -12.44 -36.40
C LEU C 60 -9.28 -12.53 -34.89
N GLY C 61 -10.51 -12.56 -34.41
CA GLY C 61 -10.77 -12.88 -33.03
C GLY C 61 -10.01 -14.11 -32.59
N ILE C 62 -9.66 -14.17 -31.31
CA ILE C 62 -8.78 -15.24 -30.83
C ILE C 62 -9.46 -16.59 -31.01
N GLU C 63 -10.78 -16.65 -30.81
CA GLU C 63 -11.51 -17.90 -31.02
C GLU C 63 -11.43 -18.34 -32.47
N ASN C 64 -11.79 -17.46 -33.39
CA ASN C 64 -11.78 -17.83 -34.80
C ASN C 64 -10.40 -18.17 -35.32
N ARG C 65 -9.35 -17.62 -34.68
CA ARG C 65 -7.97 -17.97 -35.03
C ARG C 65 -7.64 -19.38 -34.55
N ASP C 66 -7.95 -19.68 -33.28
CA ASP C 66 -7.74 -21.03 -32.76
C ASP C 66 -8.54 -22.06 -33.54
N ALA C 67 -9.76 -21.70 -33.99
CA ALA C 67 -10.56 -22.63 -34.77
C ALA C 67 -9.89 -22.95 -36.11
N THR C 68 -9.38 -21.92 -36.79
CA THR C 68 -8.75 -22.09 -38.09
C THR C 68 -7.22 -22.26 -38.00
N ASN C 69 -6.69 -22.48 -36.80
CA ASN C 69 -5.25 -22.75 -36.59
C ASN C 69 -4.39 -21.61 -37.14
N ASP C 70 -4.75 -20.37 -36.78
CA ASP C 70 -4.09 -19.15 -37.26
C ASP C 70 -4.04 -19.04 -38.79
N GLN C 71 -4.80 -19.90 -39.49
CA GLN C 71 -4.86 -19.80 -40.95
C GLN C 71 -5.56 -18.52 -41.39
N VAL C 72 -6.59 -18.10 -40.64
CA VAL C 72 -7.34 -16.89 -40.97
C VAL C 72 -6.40 -15.69 -41.05
N THR C 73 -5.48 -15.56 -40.09
CA THR C 73 -4.52 -14.46 -40.10
C THR C 73 -3.74 -14.43 -41.40
N LYS C 74 -3.24 -15.59 -41.84
CA LYS C 74 -2.53 -15.67 -43.12
C LYS C 74 -3.45 -15.34 -44.28
N ASP C 75 -4.66 -15.91 -44.29
CA ASP C 75 -5.61 -15.62 -45.35
C ASP C 75 -5.78 -14.11 -45.52
N ALA C 76 -5.93 -13.38 -44.40
CA ALA C 76 -6.12 -11.94 -44.46
C ALA C 76 -4.94 -11.24 -45.10
N ALA C 77 -3.73 -11.64 -44.73
CA ALA C 77 -2.53 -11.03 -45.31
C ALA C 77 -2.57 -11.07 -46.83
N GLU C 78 -2.85 -12.24 -47.41
CA GLU C 78 -2.97 -12.34 -48.86
C GLU C 78 -4.06 -11.42 -49.39
N ALA C 79 -5.12 -11.19 -48.61
CA ALA C 79 -6.24 -10.38 -49.08
C ALA C 79 -5.84 -8.91 -49.23
N ILE C 80 -5.01 -8.41 -48.31
CA ILE C 80 -4.51 -7.04 -48.41
C ILE C 80 -3.61 -6.91 -49.63
N LYS C 81 -2.71 -7.88 -49.86
CA LYS C 81 -1.90 -7.85 -51.06
C LYS C 81 -2.78 -7.63 -52.28
N LYS C 82 -3.95 -8.28 -52.31
CA LYS C 82 -4.79 -8.28 -53.51
C LYS C 82 -5.50 -6.95 -53.68
N HIS C 83 -5.97 -6.35 -52.58
CA HIS C 83 -6.76 -5.13 -52.68
C HIS C 83 -6.06 -3.86 -52.21
N ASN C 84 -4.87 -3.96 -51.59
CA ASN C 84 -4.04 -2.80 -51.28
C ASN C 84 -4.44 -2.04 -50.01
N VAL C 85 -5.68 -2.17 -49.54
CA VAL C 85 -6.17 -1.37 -48.42
C VAL C 85 -6.82 -2.28 -47.40
N GLY C 86 -6.30 -2.28 -46.18
CA GLY C 86 -6.86 -3.08 -45.12
C GLY C 86 -6.90 -2.34 -43.80
N VAL C 87 -7.94 -2.57 -43.02
CA VAL C 87 -8.13 -1.94 -41.71
C VAL C 87 -8.29 -3.05 -40.68
N LYS C 88 -7.54 -2.97 -39.58
CA LYS C 88 -7.47 -4.07 -38.63
C LYS C 88 -7.77 -3.59 -37.22
N CYS C 89 -8.69 -4.26 -36.56
CA CYS C 89 -8.97 -4.05 -35.16
C CYS C 89 -7.90 -4.73 -34.29
N ALA C 90 -7.79 -4.28 -33.03
CA ALA C 90 -6.81 -4.86 -32.11
C ALA C 90 -7.16 -6.32 -31.79
N THR C 91 -6.12 -7.13 -31.57
CA THR C 91 -6.23 -8.57 -31.39
C THR C 91 -5.37 -9.02 -30.19
N ILE C 92 -5.77 -10.13 -29.57
CA ILE C 92 -5.01 -10.70 -28.44
C ILE C 92 -3.82 -11.49 -28.96
N THR C 93 -2.61 -11.11 -28.55
CA THR C 93 -1.47 -12.00 -28.71
C THR C 93 -1.40 -12.89 -27.48
N PRO C 94 -1.59 -14.20 -27.62
CA PRO C 94 -1.81 -15.04 -26.44
C PRO C 94 -0.53 -15.64 -25.86
N ASP C 95 -0.25 -15.35 -24.60
CA ASP C 95 0.84 -16.01 -23.88
C ASP C 95 0.34 -17.27 -23.18
N GLU C 96 0.90 -17.59 -22.01
CA GLU C 96 0.45 -18.77 -21.26
C GLU C 96 -0.87 -18.51 -20.52
N LYS C 97 -1.02 -17.33 -19.93
CA LYS C 97 -2.28 -16.99 -19.25
C LYS C 97 -3.45 -17.00 -20.23
N ARG C 98 -3.24 -16.50 -21.45
CA ARG C 98 -4.30 -16.49 -22.45
C ARG C 98 -4.64 -17.90 -22.92
N VAL C 99 -3.65 -18.80 -22.93
CA VAL C 99 -3.92 -20.17 -23.34
C VAL C 99 -4.85 -20.85 -22.36
N GLU C 100 -4.77 -20.49 -21.07
CA GLU C 100 -5.65 -21.07 -20.04
C GLU C 100 -7.00 -20.37 -19.97
N GLU C 101 -7.05 -19.08 -20.28
CA GLU C 101 -8.32 -18.37 -20.34
C GLU C 101 -9.24 -18.95 -21.41
N PHE C 102 -8.72 -19.09 -22.64
CA PHE C 102 -9.49 -19.52 -23.80
C PHE C 102 -9.32 -21.00 -24.13
N LYS C 103 -8.55 -21.74 -23.33
CA LYS C 103 -8.28 -23.17 -23.59
C LYS C 103 -7.75 -23.37 -25.01
N LEU C 104 -6.79 -22.53 -25.40
CA LEU C 104 -6.24 -22.53 -26.76
C LEU C 104 -5.40 -23.78 -27.01
N LYS C 105 -5.28 -24.14 -28.29
CA LYS C 105 -4.46 -25.30 -28.67
C LYS C 105 -2.97 -25.02 -28.48
N GLN C 106 -2.51 -23.83 -28.87
CA GLN C 106 -1.11 -23.46 -28.76
C GLN C 106 -0.98 -21.98 -28.43
N MET C 107 0.23 -21.59 -28.03
CA MET C 107 0.56 -20.19 -27.80
C MET C 107 0.69 -19.51 -29.17
N TRP C 108 -0.46 -19.12 -29.73
CA TRP C 108 -0.50 -18.58 -31.09
C TRP C 108 0.39 -17.35 -31.21
N LYS C 109 0.98 -17.18 -32.39
CA LYS C 109 1.86 -16.06 -32.64
C LYS C 109 1.06 -14.79 -32.93
N SER C 110 1.71 -13.66 -32.68
CA SER C 110 1.08 -12.34 -32.85
C SER C 110 0.46 -12.23 -34.24
N PRO C 111 -0.82 -11.87 -34.35
CA PRO C 111 -1.38 -11.59 -35.69
C PRO C 111 -0.63 -10.49 -36.42
N ASN C 112 -0.36 -9.36 -35.72
CA ASN C 112 0.38 -8.28 -36.36
C ASN C 112 1.76 -8.73 -36.78
N GLY C 113 2.42 -9.56 -35.97
CA GLY C 113 3.70 -10.10 -36.38
C GLY C 113 3.61 -10.87 -37.69
N THR C 114 2.60 -11.73 -37.80
CA THR C 114 2.40 -12.55 -38.99
C THR C 114 2.19 -11.69 -40.23
N ILE C 115 1.10 -10.89 -40.21
CA ILE C 115 0.78 -9.98 -41.30
C ILE C 115 1.96 -9.09 -41.67
N ARG C 116 2.65 -8.55 -40.67
CA ARG C 116 3.75 -7.64 -40.94
C ARG C 116 4.94 -8.37 -41.52
N ASN C 117 5.15 -9.64 -41.14
CA ASN C 117 6.20 -10.44 -41.76
C ASN C 117 5.85 -10.85 -43.19
N ILE C 118 4.57 -10.85 -43.54
CA ILE C 118 4.14 -11.20 -44.90
C ILE C 118 4.20 -10.01 -45.84
N LEU C 119 3.69 -8.86 -45.41
CA LEU C 119 3.59 -7.69 -46.27
C LEU C 119 4.85 -6.84 -46.27
N GLY C 120 5.66 -6.92 -45.22
CA GLY C 120 6.80 -6.06 -45.11
C GLY C 120 6.41 -4.59 -45.08
N GLY C 121 7.36 -3.74 -44.73
CA GLY C 121 7.07 -2.33 -44.81
C GLY C 121 7.46 -1.64 -43.52
N THR C 122 6.92 -0.44 -43.37
CA THR C 122 7.19 0.41 -42.23
C THR C 122 5.84 0.86 -41.65
N VAL C 123 5.70 0.72 -40.34
CA VAL C 123 4.51 1.18 -39.63
C VAL C 123 4.76 2.59 -39.17
N PHE C 124 3.93 3.52 -39.63
CA PHE C 124 4.10 4.93 -39.30
C PHE C 124 3.05 5.32 -38.28
N ARG C 125 3.50 5.77 -37.11
CA ARG C 125 2.64 6.13 -35.98
C ARG C 125 2.76 7.63 -35.71
N GLU C 126 1.63 8.26 -35.41
CA GLU C 126 1.56 9.70 -35.25
C GLU C 126 0.36 10.06 -34.37
N ALA C 127 0.54 11.06 -33.51
CA ALA C 127 -0.55 11.49 -32.62
C ALA C 127 -1.56 12.33 -33.39
N ILE C 128 -2.82 12.24 -32.95
CA ILE C 128 -3.89 13.11 -33.41
C ILE C 128 -4.08 14.19 -32.36
N ILE C 129 -3.89 15.46 -32.75
CA ILE C 129 -3.76 16.57 -31.81
C ILE C 129 -5.05 17.36 -31.75
N CYS C 130 -5.35 17.89 -30.55
CA CYS C 130 -6.51 18.74 -30.31
C CYS C 130 -6.03 20.00 -29.59
N LYS C 131 -6.49 21.16 -30.05
CA LYS C 131 -6.02 22.42 -29.50
C LYS C 131 -6.28 22.52 -28.01
N ASN C 132 -7.29 21.81 -27.50
CA ASN C 132 -7.76 21.96 -26.13
C ASN C 132 -7.28 20.86 -25.18
N ILE C 133 -6.47 19.91 -25.67
CA ILE C 133 -6.01 18.78 -24.89
C ILE C 133 -4.55 19.04 -24.48
N PRO C 134 -4.27 19.30 -23.21
CA PRO C 134 -2.88 19.45 -22.77
C PRO C 134 -2.08 18.18 -22.97
N ARG C 135 -0.79 18.34 -23.25
CA ARG C 135 0.11 17.20 -23.34
C ARG C 135 0.74 16.91 -21.98
N LEU C 136 1.21 15.68 -21.81
CA LEU C 136 2.03 15.38 -20.65
C LEU C 136 3.44 15.95 -20.78
N VAL C 137 3.92 16.20 -21.98
CA VAL C 137 5.28 16.68 -22.23
C VAL C 137 5.19 18.09 -22.78
N SER C 138 5.76 19.07 -22.04
CA SER C 138 5.40 20.47 -22.28
C SER C 138 5.78 20.94 -23.68
N GLY C 139 6.94 20.53 -24.19
CA GLY C 139 7.45 21.17 -25.39
C GLY C 139 6.96 20.67 -26.73
N TRP C 140 6.14 19.63 -26.78
CA TRP C 140 5.78 19.01 -28.07
C TRP C 140 4.70 19.86 -28.76
N VAL C 141 5.15 20.90 -29.48
CA VAL C 141 4.18 21.72 -30.20
C VAL C 141 3.95 21.25 -31.63
N LYS C 142 4.84 20.44 -32.19
CA LYS C 142 4.71 19.82 -33.49
C LYS C 142 4.66 18.31 -33.34
N PRO C 143 4.16 17.59 -34.34
CA PRO C 143 4.00 16.14 -34.18
C PRO C 143 5.32 15.41 -34.32
N ILE C 144 5.40 14.26 -33.66
CA ILE C 144 6.48 13.30 -33.84
C ILE C 144 5.93 12.10 -34.60
N ILE C 145 6.59 11.72 -35.68
CA ILE C 145 6.14 10.57 -36.47
C ILE C 145 7.19 9.47 -36.33
N ILE C 146 6.75 8.32 -35.83
CA ILE C 146 7.63 7.17 -35.72
C ILE C 146 7.38 6.28 -36.94
N GLY C 147 8.47 5.82 -37.54
CA GLY C 147 8.37 4.77 -38.51
C GLY C 147 9.05 3.52 -38.01
N GLN C 148 8.27 2.52 -37.68
CA GLN C 148 8.77 1.28 -37.08
C GLN C 148 9.05 0.26 -38.18
N HIS C 149 10.30 -0.21 -38.27
CA HIS C 149 10.61 -1.30 -39.17
C HIS C 149 9.75 -2.51 -38.81
N ALA C 150 8.96 -3.01 -39.74
CA ALA C 150 7.92 -3.98 -39.41
C ALA C 150 8.35 -5.43 -39.51
N TYR C 151 9.64 -5.71 -39.76
CA TYR C 151 10.10 -7.07 -40.02
C TYR C 151 11.25 -7.45 -39.08
N GLY C 152 11.28 -8.71 -38.63
CA GLY C 152 12.48 -9.28 -38.03
C GLY C 152 12.73 -8.96 -36.54
N ASP C 153 13.98 -9.15 -36.15
CA ASP C 153 14.48 -8.93 -34.77
C ASP C 153 13.63 -9.79 -33.82
N GLN C 154 13.16 -9.24 -32.69
CA GLN C 154 12.45 -10.03 -31.69
C GLN C 154 11.20 -10.69 -32.25
N TYR C 155 10.60 -10.10 -33.27
CA TYR C 155 9.32 -10.60 -33.75
C TYR C 155 9.45 -11.79 -34.68
N ARG C 156 10.67 -12.23 -34.98
CA ARG C 156 10.91 -13.50 -35.65
C ARG C 156 12.00 -14.31 -34.95
N ALA C 157 12.25 -14.03 -33.67
CA ALA C 157 13.33 -14.66 -32.96
C ALA C 157 13.03 -16.12 -32.61
N THR C 158 14.10 -16.85 -32.31
CA THR C 158 14.03 -18.23 -31.85
C THR C 158 14.56 -18.23 -30.43
N ASP C 159 13.68 -18.36 -29.45
CA ASP C 159 14.08 -18.30 -28.05
C ASP C 159 13.66 -19.57 -27.34
N PHE C 160 14.45 -19.97 -26.34
CA PHE C 160 14.20 -21.22 -25.64
C PHE C 160 14.75 -21.13 -24.23
N VAL C 161 14.21 -21.97 -23.35
CA VAL C 161 14.73 -22.14 -22.01
C VAL C 161 15.93 -23.08 -22.07
N VAL C 162 17.01 -22.70 -21.39
CA VAL C 162 18.19 -23.54 -21.23
C VAL C 162 18.02 -24.34 -19.95
N PRO C 163 17.84 -25.66 -20.01
CA PRO C 163 17.40 -26.38 -18.82
C PRO C 163 18.52 -26.59 -17.80
N GLY C 164 19.77 -26.67 -18.24
CA GLY C 164 20.87 -26.94 -17.35
C GLY C 164 22.23 -26.61 -17.93
N PRO C 165 23.31 -27.06 -17.28
CA PRO C 165 24.64 -26.73 -17.76
C PRO C 165 24.81 -27.21 -19.19
N GLY C 166 25.56 -26.44 -19.96
CA GLY C 166 25.82 -26.77 -21.35
C GLY C 166 26.26 -25.54 -22.11
N LYS C 167 26.41 -25.72 -23.42
CA LYS C 167 26.99 -24.73 -24.31
C LYS C 167 25.93 -24.28 -25.30
N VAL C 168 25.70 -22.97 -25.35
CA VAL C 168 24.85 -22.42 -26.39
C VAL C 168 25.73 -21.77 -27.45
N GLU C 169 25.53 -22.17 -28.71
CA GLU C 169 26.28 -21.65 -29.83
C GLU C 169 25.34 -21.24 -30.94
N ILE C 170 25.77 -20.28 -31.74
CA ILE C 170 25.02 -19.88 -32.92
C ILE C 170 26.00 -19.88 -34.09
N THR C 171 25.64 -20.57 -35.16
CA THR C 171 26.53 -20.84 -36.28
C THR C 171 25.89 -20.31 -37.57
N TYR C 172 26.76 -20.04 -38.54
CA TYR C 172 26.34 -19.65 -39.88
C TYR C 172 27.01 -20.59 -40.87
N THR C 173 26.21 -21.19 -41.74
CA THR C 173 26.71 -22.17 -42.72
C THR C 173 26.41 -21.63 -44.12
N PRO C 174 27.41 -21.15 -44.86
CA PRO C 174 27.17 -20.67 -46.23
C PRO C 174 26.46 -21.72 -47.06
N SER C 175 25.48 -21.27 -47.85
CA SER C 175 24.79 -22.19 -48.75
C SER C 175 25.72 -22.68 -49.85
N ASP C 176 26.68 -21.85 -50.28
CA ASP C 176 27.60 -22.21 -51.37
C ASP C 176 28.56 -23.34 -51.01
N GLY C 177 28.52 -23.89 -49.79
CA GLY C 177 29.30 -25.04 -49.44
C GLY C 177 30.57 -24.76 -48.64
N THR C 178 31.06 -23.52 -48.64
CA THR C 178 32.27 -23.21 -47.91
C THR C 178 32.03 -23.31 -46.39
N GLN C 179 33.05 -22.97 -45.60
CA GLN C 179 33.11 -23.40 -44.21
C GLN C 179 32.27 -22.53 -43.28
N LYS C 180 31.65 -23.18 -42.28
CA LYS C 180 30.80 -22.52 -41.31
C LYS C 180 31.65 -21.76 -40.29
N VAL C 181 31.01 -20.79 -39.63
CA VAL C 181 31.57 -20.02 -38.52
C VAL C 181 30.71 -20.27 -37.31
N THR C 182 31.34 -20.47 -36.14
CA THR C 182 30.60 -20.77 -34.91
C THR C 182 30.88 -19.72 -33.84
N TYR C 183 29.84 -18.98 -33.43
CA TYR C 183 29.96 -17.94 -32.42
C TYR C 183 29.49 -18.51 -31.08
N LEU C 184 30.41 -18.62 -30.13
CA LEU C 184 30.03 -18.97 -28.77
C LEU C 184 29.01 -17.97 -28.21
N VAL C 185 27.90 -18.48 -27.67
CA VAL C 185 26.96 -17.57 -27.01
C VAL C 185 27.23 -17.57 -25.52
N HIS C 186 27.15 -18.73 -24.88
CA HIS C 186 27.48 -18.80 -23.46
C HIS C 186 27.72 -20.23 -23.07
N ASN C 187 28.65 -20.41 -22.14
CA ASN C 187 28.87 -21.70 -21.49
C ASN C 187 28.16 -21.62 -20.15
N PHE C 188 27.05 -22.33 -20.01
CA PHE C 188 26.32 -22.38 -18.75
C PHE C 188 27.01 -23.40 -17.85
N GLU C 189 27.75 -22.92 -16.85
CA GLU C 189 28.50 -23.85 -16.00
C GLU C 189 27.66 -24.33 -14.83
N GLU C 190 26.98 -23.41 -14.14
CA GLU C 190 26.09 -23.79 -13.06
C GLU C 190 24.71 -23.21 -13.32
N GLY C 191 23.76 -24.07 -13.64
CA GLY C 191 22.38 -23.66 -13.77
C GLY C 191 21.96 -23.52 -15.22
N GLY C 192 20.76 -23.02 -15.40
CA GLY C 192 20.29 -22.78 -16.75
C GLY C 192 19.99 -21.32 -16.96
N GLY C 193 19.09 -21.04 -17.87
CA GLY C 193 18.72 -19.67 -18.18
C GLY C 193 17.92 -19.65 -19.47
N VAL C 194 18.11 -18.60 -20.26
CA VAL C 194 17.41 -18.42 -21.53
C VAL C 194 18.45 -18.11 -22.58
N ALA C 195 18.13 -18.44 -23.83
CA ALA C 195 18.96 -18.07 -24.96
C ALA C 195 18.04 -17.71 -26.10
N MET C 196 18.60 -17.01 -27.09
CA MET C 196 17.82 -16.45 -28.18
C MET C 196 18.73 -16.15 -29.37
N GLY C 197 18.23 -16.41 -30.56
CA GLY C 197 18.86 -15.90 -31.77
C GLY C 197 17.87 -15.12 -32.60
N MET C 198 18.34 -14.03 -33.21
CA MET C 198 17.49 -13.25 -34.09
C MET C 198 18.28 -12.76 -35.29
N TYR C 199 17.55 -12.31 -36.30
CA TYR C 199 18.14 -11.97 -37.57
C TYR C 199 17.40 -10.79 -38.17
N ASN C 200 18.03 -10.17 -39.13
CA ASN C 200 17.31 -9.30 -40.06
C ASN C 200 17.95 -9.44 -41.42
N GLN C 201 17.29 -8.87 -42.43
CA GLN C 201 17.61 -9.07 -43.83
C GLN C 201 18.00 -7.77 -44.49
N ASP C 202 19.03 -7.81 -45.35
CA ASP C 202 19.50 -6.61 -46.02
C ASP C 202 18.38 -5.95 -46.83
N LYS C 203 17.74 -6.71 -47.71
CA LYS C 203 16.65 -6.17 -48.51
C LYS C 203 15.62 -5.47 -47.63
N SER C 204 15.20 -6.11 -46.53
CA SER C 204 14.13 -5.52 -45.73
C SER C 204 14.59 -4.22 -45.09
N ILE C 205 15.89 -4.13 -44.75
CA ILE C 205 16.41 -2.92 -44.16
C ILE C 205 16.53 -1.82 -45.21
N GLU C 206 16.79 -2.20 -46.46
CA GLU C 206 16.80 -1.19 -47.52
C GLU C 206 15.39 -0.64 -47.73
N ASP C 207 14.37 -1.50 -47.75
CA ASP C 207 13.00 -1.01 -47.85
C ASP C 207 12.73 -0.01 -46.73
N PHE C 208 13.08 -0.40 -45.50
CA PHE C 208 12.95 0.46 -44.33
C PHE C 208 13.67 1.79 -44.52
N ALA C 209 14.89 1.75 -45.06
CA ALA C 209 15.60 2.97 -45.38
C ALA C 209 14.79 3.85 -46.35
N HIS C 210 14.46 3.29 -47.51
CA HIS C 210 13.76 4.07 -48.53
C HIS C 210 12.46 4.66 -47.98
N SER C 211 11.64 3.84 -47.32
CA SER C 211 10.38 4.36 -46.80
C SER C 211 10.63 5.52 -45.83
N SER C 212 11.74 5.47 -45.09
CA SER C 212 12.04 6.50 -44.10
C SER C 212 12.39 7.83 -44.74
N PHE C 213 13.32 7.80 -45.71
CA PHE C 213 13.66 9.03 -46.42
C PHE C 213 12.47 9.56 -47.19
N GLN C 214 11.70 8.66 -47.78
CA GLN C 214 10.58 9.12 -48.59
C GLN C 214 9.53 9.78 -47.72
N MET C 215 9.34 9.30 -46.48
CA MET C 215 8.35 9.93 -45.62
C MET C 215 8.83 11.30 -45.18
N ALA C 216 10.11 11.40 -44.81
CA ALA C 216 10.66 12.70 -44.43
C ALA C 216 10.52 13.69 -45.59
N LEU C 217 10.90 13.27 -46.79
CA LEU C 217 10.85 14.19 -47.93
C LEU C 217 9.44 14.67 -48.18
N SER C 218 8.44 13.80 -47.97
CA SER C 218 7.08 14.24 -48.29
C SER C 218 6.51 15.16 -47.22
N LYS C 219 6.99 15.04 -45.99
CA LYS C 219 6.55 15.94 -44.91
C LYS C 219 7.42 17.18 -44.77
N GLY C 220 8.61 17.19 -45.37
CA GLY C 220 9.52 18.31 -45.19
C GLY C 220 10.08 18.43 -43.79
N TRP C 221 10.41 17.30 -43.16
CA TRP C 221 10.91 17.19 -41.80
C TRP C 221 12.24 16.43 -41.76
N PRO C 222 13.11 16.73 -40.81
CA PRO C 222 14.34 15.93 -40.65
C PRO C 222 14.04 14.51 -40.20
N LEU C 223 15.00 13.63 -40.44
CA LEU C 223 14.86 12.20 -40.18
C LEU C 223 15.98 11.75 -39.25
N TYR C 224 15.62 11.01 -38.21
CA TYR C 224 16.56 10.43 -37.26
C TYR C 224 16.33 8.94 -37.21
N LEU C 225 17.43 8.17 -37.25
CA LEU C 225 17.41 6.72 -37.06
C LEU C 225 18.08 6.41 -35.74
N SER C 226 17.42 5.61 -34.89
CA SER C 226 18.04 5.18 -33.65
C SER C 226 18.49 3.72 -33.76
N THR C 227 19.65 3.43 -33.18
CA THR C 227 20.12 2.06 -33.01
C THR C 227 20.92 2.00 -31.72
N LYS C 228 21.51 0.86 -31.46
CA LYS C 228 22.40 0.70 -30.33
C LYS C 228 23.75 0.18 -30.85
N ASN C 229 24.27 0.82 -31.89
CA ASN C 229 25.43 0.23 -32.55
C ASN C 229 26.72 0.34 -31.73
N THR C 230 26.71 1.09 -30.61
CA THR C 230 27.82 1.01 -29.66
C THR C 230 27.99 -0.41 -29.10
N ILE C 231 26.88 -1.08 -28.81
CA ILE C 231 26.86 -2.42 -28.20
C ILE C 231 26.83 -3.50 -29.27
N LEU C 232 25.94 -3.35 -30.25
CA LEU C 232 25.78 -4.28 -31.36
C LEU C 232 26.42 -3.67 -32.61
N LYS C 233 27.75 -3.75 -32.68
CA LYS C 233 28.48 -3.06 -33.73
C LYS C 233 28.18 -3.63 -35.12
N LYS C 234 27.93 -4.93 -35.21
CA LYS C 234 27.62 -5.57 -36.49
C LYS C 234 26.13 -5.49 -36.84
N TYR C 235 25.28 -5.96 -35.92
CA TYR C 235 23.85 -6.02 -36.18
C TYR C 235 23.28 -4.64 -36.45
N ASP C 236 23.44 -3.71 -35.49
CA ASP C 236 22.92 -2.35 -35.63
C ASP C 236 23.78 -1.53 -36.56
N GLY C 237 25.10 -1.81 -36.60
CA GLY C 237 25.96 -1.17 -37.57
C GLY C 237 25.48 -1.35 -38.99
N ARG C 238 24.85 -2.50 -39.30
CA ARG C 238 24.29 -2.72 -40.62
C ARG C 238 23.13 -1.77 -40.92
N PHE C 239 22.22 -1.59 -39.95
CA PHE C 239 21.20 -0.55 -40.11
C PHE C 239 21.85 0.81 -40.37
N LYS C 240 22.84 1.15 -39.55
CA LYS C 240 23.45 2.46 -39.70
C LYS C 240 24.11 2.60 -41.07
N ASP C 241 24.83 1.56 -41.51
CA ASP C 241 25.53 1.62 -42.80
C ASP C 241 24.56 1.71 -43.97
N ILE C 242 23.51 0.89 -43.98
CA ILE C 242 22.60 0.87 -45.13
C ILE C 242 21.86 2.19 -45.25
N PHE C 243 21.45 2.79 -44.12
CA PHE C 243 20.80 4.09 -44.18
C PHE C 243 21.76 5.16 -44.72
N GLN C 244 23.00 5.19 -44.23
CA GLN C 244 23.94 6.22 -44.66
C GLN C 244 24.25 6.09 -46.16
N GLU C 245 24.45 4.86 -46.65
CA GLU C 245 24.73 4.66 -48.07
C GLU C 245 23.57 5.13 -48.95
N ILE C 246 22.34 4.72 -48.64
CA ILE C 246 21.21 5.06 -49.49
C ILE C 246 21.00 6.57 -49.49
N TYR C 247 21.04 7.18 -48.30
CA TYR C 247 20.95 8.63 -48.19
C TYR C 247 21.96 9.33 -49.09
N ASP C 248 23.23 8.96 -48.95
CA ASP C 248 24.30 9.61 -49.71
C ASP C 248 24.10 9.41 -51.20
N LYS C 249 23.71 8.20 -51.61
CA LYS C 249 23.62 7.90 -53.03
C LYS C 249 22.31 8.39 -53.63
N GLN C 250 21.24 8.49 -52.84
CA GLN C 250 19.92 8.73 -53.43
C GLN C 250 19.08 9.83 -52.80
N TYR C 251 19.43 10.36 -51.63
CA TYR C 251 18.47 11.29 -51.03
C TYR C 251 19.07 12.61 -50.57
N LYS C 252 20.36 12.62 -50.19
CA LYS C 252 20.97 13.80 -49.60
C LYS C 252 20.61 15.08 -50.37
N SER C 253 20.79 15.08 -51.71
CA SER C 253 20.54 16.31 -52.46
C SER C 253 19.09 16.76 -52.33
N GLN C 254 18.16 15.81 -52.32
CA GLN C 254 16.74 16.17 -52.15
C GLN C 254 16.48 16.74 -50.75
N PHE C 255 17.11 16.17 -49.72
CA PHE C 255 16.91 16.71 -48.38
C PHE C 255 17.40 18.14 -48.30
N GLU C 256 18.64 18.36 -48.71
CA GLU C 256 19.22 19.70 -48.65
C GLU C 256 18.37 20.71 -49.40
N ALA C 257 17.78 20.32 -50.53
CA ALA C 257 16.93 21.23 -51.26
C ALA C 257 15.64 21.56 -50.52
N GLN C 258 15.24 20.76 -49.53
CA GLN C 258 14.09 21.08 -48.70
C GLN C 258 14.52 21.57 -47.33
N LYS C 259 15.82 21.83 -47.14
CA LYS C 259 16.35 22.34 -45.87
C LYS C 259 16.16 21.34 -44.73
N ILE C 260 16.24 20.04 -45.04
CA ILE C 260 16.17 19.03 -44.01
C ILE C 260 17.44 18.19 -44.07
N TRP C 261 17.57 17.23 -43.16
CA TRP C 261 18.79 16.46 -43.02
C TRP C 261 18.43 15.11 -42.42
N TYR C 262 19.41 14.21 -42.44
CA TYR C 262 19.26 12.90 -41.83
C TYR C 262 20.46 12.66 -40.92
N GLU C 263 20.21 12.06 -39.75
CA GLU C 263 21.28 11.76 -38.80
C GLU C 263 20.97 10.46 -38.09
N HIS C 264 22.02 9.68 -37.85
CA HIS C 264 21.92 8.56 -36.94
C HIS C 264 22.15 9.00 -35.50
N ARG C 265 21.36 8.43 -34.57
CA ARG C 265 21.49 8.65 -33.13
C ARG C 265 21.49 7.33 -32.40
N LEU C 266 22.17 7.31 -31.26
CA LEU C 266 21.99 6.22 -30.33
C LEU C 266 20.60 6.30 -29.68
N ILE C 267 19.97 5.13 -29.50
CA ILE C 267 18.60 5.08 -28.97
C ILE C 267 18.49 5.78 -27.63
N ASP C 268 19.51 5.63 -26.76
CA ASP C 268 19.61 6.39 -25.51
C ASP C 268 19.44 7.89 -25.72
N ASP C 269 20.31 8.47 -26.56
CA ASP C 269 20.24 9.91 -26.77
C ASP C 269 18.95 10.31 -27.47
N MET C 270 18.43 9.45 -28.36
CA MET C 270 17.20 9.78 -29.05
C MET C 270 16.04 10.01 -28.08
N VAL C 271 15.79 9.04 -27.18
CA VAL C 271 14.60 9.16 -26.31
C VAL C 271 14.70 10.41 -25.45
N ALA C 272 15.92 10.75 -25.02
CA ALA C 272 16.13 11.96 -24.25
C ALA C 272 15.92 13.20 -25.11
N GLN C 273 16.55 13.25 -26.28
CA GLN C 273 16.39 14.38 -27.18
C GLN C 273 14.92 14.59 -27.55
N ALA C 274 14.22 13.51 -27.88
CA ALA C 274 12.80 13.63 -28.22
C ALA C 274 12.02 14.20 -27.05
N MET C 275 12.28 13.68 -25.85
CA MET C 275 11.62 14.18 -24.63
C MET C 275 11.79 15.69 -24.49
N LYS C 276 12.94 16.23 -24.92
CA LYS C 276 13.30 17.62 -24.71
C LYS C 276 12.96 18.53 -25.89
N SER C 277 12.52 17.97 -27.01
CA SER C 277 12.35 18.69 -28.26
C SER C 277 10.96 19.32 -28.37
N GLU C 278 10.74 19.98 -29.50
CA GLU C 278 9.44 20.55 -29.83
C GLU C 278 8.67 19.69 -30.84
N GLY C 279 9.17 18.50 -31.16
CA GLY C 279 8.52 17.67 -32.16
C GLY C 279 8.90 18.11 -33.56
N GLY C 280 8.15 17.60 -34.54
CA GLY C 280 8.39 17.98 -35.92
C GLY C 280 9.54 17.26 -36.60
N PHE C 281 9.65 15.95 -36.40
CA PHE C 281 10.66 15.15 -37.06
C PHE C 281 10.13 13.73 -37.28
N ILE C 282 10.72 13.05 -38.25
CA ILE C 282 10.52 11.61 -38.41
C ILE C 282 11.57 10.88 -37.58
N TRP C 283 11.15 9.78 -36.95
CA TRP C 283 12.02 9.00 -36.06
C TRP C 283 11.93 7.57 -36.55
N ALA C 284 12.93 7.12 -37.31
CA ALA C 284 12.97 5.74 -37.79
C ALA C 284 13.44 4.83 -36.66
N CYS C 285 12.69 3.74 -36.44
CA CYS C 285 12.92 2.85 -35.29
C CYS C 285 13.04 1.41 -35.75
N LYS C 286 14.05 0.72 -35.22
CA LYS C 286 14.07 -0.73 -35.29
C LYS C 286 12.76 -1.29 -34.73
N ASN C 287 12.38 -2.48 -35.20
CA ASN C 287 11.10 -3.10 -34.82
C ASN C 287 10.76 -2.84 -33.34
N TYR C 288 11.64 -3.27 -32.44
CA TYR C 288 11.33 -3.28 -31.01
C TYR C 288 11.14 -1.87 -30.46
N ASP C 289 12.05 -0.96 -30.82
CA ASP C 289 12.00 0.41 -30.29
C ASP C 289 10.78 1.16 -30.83
N GLY C 290 10.42 0.91 -32.09
CA GLY C 290 9.23 1.55 -32.61
C GLY C 290 8.00 1.11 -31.84
N ASP C 291 7.91 -0.18 -31.55
CA ASP C 291 6.82 -0.70 -30.74
C ASP C 291 6.76 0.00 -29.38
N VAL C 292 7.87 0.00 -28.66
CA VAL C 292 7.90 0.59 -27.32
C VAL C 292 7.70 2.09 -27.38
N GLN C 293 8.52 2.79 -28.17
CA GLN C 293 8.53 4.24 -28.09
C GLN C 293 7.26 4.87 -28.66
N SER C 294 6.54 4.17 -29.55
CA SER C 294 5.31 4.79 -30.04
C SER C 294 4.24 4.81 -28.96
N ASP C 295 4.23 3.82 -28.06
CA ASP C 295 3.33 3.91 -26.92
C ASP C 295 3.70 5.09 -26.03
N SER C 296 5.00 5.26 -25.77
CA SER C 296 5.46 6.38 -24.95
C SER C 296 5.06 7.72 -25.57
N VAL C 297 5.35 7.90 -26.86
CA VAL C 297 5.01 9.15 -27.53
C VAL C 297 3.50 9.41 -27.49
N ALA C 298 2.71 8.37 -27.75
CA ALA C 298 1.26 8.55 -27.77
C ALA C 298 0.74 9.05 -26.43
N GLN C 299 1.25 8.47 -25.35
CA GLN C 299 0.82 8.91 -24.04
C GLN C 299 1.27 10.33 -23.76
N GLY C 300 2.43 10.71 -24.29
CA GLY C 300 2.95 12.04 -24.04
C GLY C 300 2.14 13.12 -24.73
N TYR C 301 1.47 12.78 -25.83
CA TYR C 301 0.58 13.75 -26.46
C TYR C 301 -0.77 13.80 -25.77
N GLY C 302 -1.14 12.74 -25.05
CA GLY C 302 -2.31 12.83 -24.21
C GLY C 302 -2.99 11.51 -23.95
N SER C 303 -3.14 10.68 -24.99
CA SER C 303 -3.83 9.42 -24.83
C SER C 303 -3.47 8.47 -25.96
N LEU C 304 -3.36 7.18 -25.63
CA LEU C 304 -3.12 6.16 -26.65
C LEU C 304 -4.29 6.04 -27.63
N GLY C 305 -5.49 6.41 -27.20
CA GLY C 305 -6.57 6.44 -28.16
C GLY C 305 -6.46 7.53 -29.19
N MET C 306 -5.37 8.32 -29.19
CA MET C 306 -5.20 9.44 -30.11
C MET C 306 -3.98 9.24 -30.99
N MET C 307 -3.69 8.01 -31.35
CA MET C 307 -2.55 7.71 -32.20
C MET C 307 -3.02 6.94 -33.42
N THR C 308 -2.58 7.38 -34.60
CA THR C 308 -2.80 6.67 -35.84
C THR C 308 -1.64 5.72 -36.12
N SER C 309 -1.94 4.66 -36.85
CA SER C 309 -0.95 3.67 -37.22
C SER C 309 -1.27 3.21 -38.64
N VAL C 310 -0.31 3.34 -39.54
N VAL C 310 -0.30 3.30 -39.53
CA VAL C 310 -0.50 2.86 -40.91
CA VAL C 310 -0.47 2.87 -40.91
C VAL C 310 0.76 2.11 -41.34
C VAL C 310 0.77 2.11 -41.34
N LEU C 311 0.60 0.83 -41.67
CA LEU C 311 1.68 0.05 -42.29
C LEU C 311 1.77 0.43 -43.76
N VAL C 312 2.92 0.92 -44.20
CA VAL C 312 3.14 1.35 -45.58
C VAL C 312 4.08 0.35 -46.24
N CYS C 313 3.61 -0.33 -47.30
CA CYS C 313 4.39 -1.43 -47.83
C CYS C 313 5.40 -0.96 -48.86
N PRO C 314 6.42 -1.78 -49.14
CA PRO C 314 7.46 -1.34 -50.09
C PRO C 314 6.94 -1.08 -51.49
N ASP C 315 5.89 -1.78 -51.93
CA ASP C 315 5.43 -1.57 -53.29
C ASP C 315 4.83 -0.18 -53.53
N GLY C 316 4.67 0.64 -52.49
CA GLY C 316 4.08 1.94 -52.67
C GLY C 316 2.58 1.97 -52.87
N LYS C 317 1.91 0.82 -52.92
CA LYS C 317 0.46 0.79 -53.11
C LYS C 317 -0.30 0.31 -51.90
N THR C 318 0.27 -0.59 -51.11
CA THR C 318 -0.48 -1.40 -50.14
C THR C 318 -0.29 -0.84 -48.73
N VAL C 319 -1.38 -0.38 -48.12
CA VAL C 319 -1.36 0.11 -46.75
C VAL C 319 -2.35 -0.69 -45.92
N GLU C 320 -2.06 -0.77 -44.62
CA GLU C 320 -2.96 -1.34 -43.63
C GLU C 320 -2.99 -0.36 -42.46
N ALA C 321 -4.18 0.10 -42.10
CA ALA C 321 -4.36 1.07 -41.03
C ALA C 321 -4.98 0.40 -39.81
N GLU C 322 -4.63 0.90 -38.64
CA GLU C 322 -5.05 0.28 -37.40
C GLU C 322 -4.98 1.31 -36.29
N ALA C 323 -5.37 0.89 -35.10
CA ALA C 323 -5.12 1.68 -33.90
C ALA C 323 -3.74 1.34 -33.37
N ALA C 324 -3.01 2.37 -32.93
CA ALA C 324 -1.71 2.10 -32.34
C ALA C 324 -1.82 1.19 -31.13
N HIS C 325 -2.91 1.32 -30.37
CA HIS C 325 -3.09 0.67 -29.07
C HIS C 325 -3.59 -0.77 -29.22
N GLY C 326 -3.86 -1.40 -28.08
CA GLY C 326 -4.28 -2.79 -28.03
C GLY C 326 -5.77 -2.93 -27.80
N THR C 327 -6.15 -4.13 -27.35
CA THR C 327 -7.56 -4.47 -27.14
C THR C 327 -8.16 -3.80 -25.90
N VAL C 328 -7.34 -3.13 -25.08
CA VAL C 328 -7.78 -2.48 -23.85
C VAL C 328 -8.46 -3.50 -22.94
N THR C 329 -7.69 -4.51 -22.49
CA THR C 329 -8.25 -5.60 -21.69
C THR C 329 -8.77 -5.12 -20.36
N ARG C 330 -8.18 -4.04 -19.82
CA ARG C 330 -8.59 -3.55 -18.50
C ARG C 330 -9.94 -2.84 -18.56
N HIS C 331 -10.29 -2.24 -19.70
CA HIS C 331 -11.62 -1.66 -19.86
C HIS C 331 -12.64 -2.72 -20.22
N TYR C 332 -12.22 -3.73 -21.01
CA TYR C 332 -13.10 -4.84 -21.33
C TYR C 332 -13.51 -5.60 -20.07
N ARG C 333 -12.61 -5.68 -19.08
CA ARG C 333 -12.95 -6.35 -17.83
C ARG C 333 -14.08 -5.64 -17.08
N MET C 334 -14.08 -4.29 -17.12
CA MET C 334 -15.17 -3.54 -16.51
C MET C 334 -16.46 -3.73 -17.29
N TYR C 335 -16.39 -3.56 -18.61
CA TYR C 335 -17.56 -3.65 -19.47
C TYR C 335 -18.39 -4.92 -19.19
N GLN C 336 -17.70 -6.05 -19.02
CA GLN C 336 -18.40 -7.31 -18.82
C GLN C 336 -19.13 -7.36 -17.49
N LYS C 337 -18.65 -6.66 -16.48
CA LYS C 337 -19.29 -6.66 -15.16
C LYS C 337 -20.56 -5.80 -15.12
N GLY C 338 -21.09 -5.40 -16.28
CA GLY C 338 -22.19 -4.45 -16.33
C GLY C 338 -21.76 -3.06 -15.89
N GLN C 339 -20.46 -2.88 -15.74
CA GLN C 339 -19.88 -1.61 -15.33
C GLN C 339 -19.65 -0.71 -16.54
N GLU C 340 -19.81 0.60 -16.31
CA GLU C 340 -19.60 1.57 -17.37
C GLU C 340 -18.14 1.59 -17.82
N THR C 341 -17.94 1.91 -19.09
CA THR C 341 -16.60 2.08 -19.66
C THR C 341 -16.58 3.36 -20.49
N SER C 342 -15.39 3.99 -20.57
CA SER C 342 -15.19 5.22 -21.36
C SER C 342 -13.90 5.04 -22.14
N THR C 343 -13.97 4.25 -23.19
CA THR C 343 -12.81 4.00 -24.03
C THR C 343 -12.86 4.94 -25.23
N ASN C 344 -11.75 5.63 -25.47
CA ASN C 344 -11.64 6.60 -26.55
C ASN C 344 -11.62 5.88 -27.88
N PRO C 345 -12.55 6.18 -28.81
CA PRO C 345 -12.66 5.42 -30.06
C PRO C 345 -11.87 5.99 -31.23
N ILE C 346 -11.19 7.12 -31.07
CA ILE C 346 -10.76 7.90 -32.23
C ILE C 346 -9.63 7.21 -32.97
N ALA C 347 -8.72 6.55 -32.25
CA ALA C 347 -7.67 5.81 -32.96
C ALA C 347 -8.28 4.74 -33.85
N SER C 348 -9.31 4.05 -33.37
CA SER C 348 -10.05 3.10 -34.19
C SER C 348 -10.80 3.81 -35.32
N ILE C 349 -11.32 5.00 -35.06
CA ILE C 349 -12.02 5.72 -36.12
C ILE C 349 -11.03 6.16 -37.20
N PHE C 350 -9.82 6.56 -36.81
CA PHE C 350 -8.84 7.00 -37.79
C PHE C 350 -8.22 5.85 -38.57
N ALA C 351 -8.34 4.60 -38.09
CA ALA C 351 -7.94 3.48 -38.93
C ALA C 351 -8.87 3.32 -40.12
N TRP C 352 -10.15 3.69 -39.99
CA TRP C 352 -11.03 3.70 -41.16
C TRP C 352 -10.77 4.92 -42.02
N THR C 353 -10.52 6.07 -41.41
CA THR C 353 -10.36 7.29 -42.19
C THR C 353 -9.01 7.33 -42.90
N ARG C 354 -8.00 6.66 -42.37
CA ARG C 354 -6.74 6.52 -43.10
C ARG C 354 -6.85 5.46 -44.18
N GLY C 355 -7.48 4.33 -43.87
CA GLY C 355 -7.73 3.33 -44.90
C GLY C 355 -8.49 3.91 -46.08
N LEU C 356 -9.59 4.62 -45.81
CA LEU C 356 -10.41 5.14 -46.90
C LEU C 356 -9.68 6.20 -47.68
N ALA C 357 -8.98 7.10 -46.99
CA ALA C 357 -8.24 8.14 -47.67
C ALA C 357 -7.24 7.56 -48.65
N HIS C 358 -6.60 6.44 -48.29
CA HIS C 358 -5.68 5.81 -49.22
C HIS C 358 -6.43 5.09 -50.34
N ARG C 359 -7.60 4.55 -50.05
CA ARG C 359 -8.49 4.12 -51.12
C ARG C 359 -8.76 5.26 -52.09
N ALA C 360 -9.07 6.43 -51.53
CA ALA C 360 -9.45 7.58 -52.36
C ALA C 360 -8.30 8.03 -53.26
N LYS C 361 -7.08 8.05 -52.73
CA LYS C 361 -5.94 8.42 -53.55
C LYS C 361 -5.68 7.37 -54.63
N LEU C 362 -5.89 6.10 -54.30
CA LEU C 362 -5.67 5.01 -55.25
C LEU C 362 -6.67 5.05 -56.41
N ASP C 363 -7.92 5.46 -56.17
CA ASP C 363 -8.96 5.45 -57.19
C ASP C 363 -9.36 6.85 -57.64
N ASN C 364 -8.64 7.88 -57.20
CA ASN C 364 -8.99 9.28 -57.50
C ASN C 364 -10.46 9.55 -57.22
N ASN C 365 -10.95 8.99 -56.10
CA ASN C 365 -12.33 9.13 -55.65
C ASN C 365 -12.38 10.39 -54.79
N LYS C 366 -12.67 11.52 -55.43
CA LYS C 366 -12.75 12.78 -54.68
C LYS C 366 -13.84 12.74 -53.62
N GLU C 367 -14.92 11.99 -53.86
CA GLU C 367 -15.97 11.84 -52.86
C GLU C 367 -15.42 11.19 -51.59
N LEU C 368 -14.70 10.08 -51.76
CA LEU C 368 -14.16 9.36 -50.61
C LEU C 368 -13.17 10.22 -49.84
N ALA C 369 -12.31 10.96 -50.54
CA ALA C 369 -11.30 11.77 -49.87
C ALA C 369 -11.93 12.82 -48.98
N PHE C 370 -12.94 13.53 -49.50
CA PHE C 370 -13.66 14.52 -48.70
C PHE C 370 -14.28 13.87 -47.48
N PHE C 371 -15.04 12.78 -47.67
CA PHE C 371 -15.62 12.07 -46.54
C PHE C 371 -14.58 11.76 -45.47
N ALA C 372 -13.48 11.12 -45.88
CA ALA C 372 -12.46 10.69 -44.92
C ALA C 372 -11.96 11.87 -44.09
N ASN C 373 -11.58 12.95 -44.76
CA ASN C 373 -11.13 14.13 -44.04
C ASN C 373 -12.25 14.71 -43.17
N ALA C 374 -13.49 14.73 -43.68
CA ALA C 374 -14.59 15.32 -42.94
C ALA C 374 -14.83 14.60 -41.61
N LEU C 375 -14.77 13.27 -41.62
CA LEU C 375 -14.88 12.53 -40.37
C LEU C 375 -13.73 12.89 -39.42
N GLU C 376 -12.53 13.13 -39.95
CA GLU C 376 -11.39 13.47 -39.10
C GLU C 376 -11.57 14.83 -38.45
N GLU C 377 -11.97 15.83 -39.24
CA GLU C 377 -12.26 17.15 -38.68
C GLU C 377 -13.37 17.06 -37.64
N VAL C 378 -14.45 16.33 -37.96
CA VAL C 378 -15.56 16.24 -37.01
C VAL C 378 -15.09 15.63 -35.70
N SER C 379 -14.23 14.60 -35.78
CA SER C 379 -13.71 13.98 -34.56
C SER C 379 -12.93 14.99 -33.73
N ILE C 380 -12.10 15.80 -34.39
CA ILE C 380 -11.34 16.80 -33.66
C ILE C 380 -12.27 17.86 -33.08
N GLU C 381 -13.25 18.30 -33.85
CA GLU C 381 -14.13 19.37 -33.41
C GLU C 381 -14.99 18.95 -32.22
N THR C 382 -15.57 17.74 -32.27
CA THR C 382 -16.39 17.28 -31.14
C THR C 382 -15.60 17.33 -29.83
N ILE C 383 -14.33 16.92 -29.86
CA ILE C 383 -13.50 16.97 -28.66
C ILE C 383 -13.17 18.41 -28.31
N GLU C 384 -12.89 19.23 -29.32
CA GLU C 384 -12.60 20.64 -29.07
C GLU C 384 -13.81 21.41 -28.58
N ALA C 385 -15.02 20.88 -28.77
CA ALA C 385 -16.23 21.47 -28.21
C ALA C 385 -16.58 20.94 -26.82
N GLY C 386 -15.69 20.15 -26.22
CA GLY C 386 -15.88 19.67 -24.85
C GLY C 386 -16.58 18.33 -24.71
N PHE C 387 -16.74 17.58 -25.79
CA PHE C 387 -17.34 16.25 -25.74
C PHE C 387 -16.21 15.22 -25.97
N MET C 388 -15.92 14.44 -24.94
CA MET C 388 -14.71 13.60 -24.96
C MET C 388 -14.83 12.46 -23.96
N THR C 389 -14.10 11.38 -24.24
CA THR C 389 -14.03 10.26 -23.31
C THR C 389 -13.26 10.67 -22.04
N LYS C 390 -13.26 9.77 -21.06
CA LYS C 390 -12.63 10.08 -19.77
C LYS C 390 -11.13 10.31 -19.91
N ASP C 391 -10.47 9.54 -20.77
CA ASP C 391 -9.03 9.74 -20.94
C ASP C 391 -8.69 11.18 -21.34
N LEU C 392 -9.49 11.79 -22.23
CA LEU C 392 -9.21 13.17 -22.64
C LEU C 392 -9.62 14.19 -21.57
N ALA C 393 -10.67 13.89 -20.80
CA ALA C 393 -11.03 14.79 -19.69
C ALA C 393 -9.98 14.77 -18.60
N ALA C 394 -9.34 13.62 -18.36
CA ALA C 394 -8.25 13.60 -17.39
C ALA C 394 -7.06 14.44 -17.89
N CYS C 395 -6.87 14.52 -19.21
CA CYS C 395 -5.84 15.41 -19.74
C CYS C 395 -6.08 16.86 -19.34
N ILE C 396 -7.34 17.31 -19.37
CA ILE C 396 -7.62 18.71 -19.08
C ILE C 396 -7.65 18.97 -17.57
N LYS C 397 -8.30 18.09 -16.82
CA LYS C 397 -8.68 18.40 -15.45
C LYS C 397 -7.75 17.79 -14.41
N GLY C 398 -6.98 16.78 -14.79
CA GLY C 398 -6.28 15.93 -13.84
C GLY C 398 -7.16 14.74 -13.45
N LEU C 399 -6.65 13.53 -13.62
CA LEU C 399 -7.45 12.35 -13.31
C LEU C 399 -8.11 12.41 -11.94
N PRO C 400 -7.45 12.90 -10.89
CA PRO C 400 -8.13 13.01 -9.58
C PRO C 400 -9.34 13.93 -9.60
N ASN C 401 -9.29 15.06 -10.34
CA ASN C 401 -10.35 16.05 -10.28
C ASN C 401 -11.42 15.86 -11.36
N VAL C 402 -11.47 14.72 -12.01
CA VAL C 402 -12.46 14.49 -13.06
C VAL C 402 -13.76 13.99 -12.42
N GLN C 403 -14.88 14.46 -12.95
CA GLN C 403 -16.19 14.00 -12.53
C GLN C 403 -16.92 13.37 -13.71
N ARG C 404 -18.04 12.71 -13.41
CA ARG C 404 -18.82 12.06 -14.45
C ARG C 404 -19.30 13.06 -15.49
N SER C 405 -19.65 14.28 -15.07
CA SER C 405 -20.14 15.29 -16.00
C SER C 405 -19.10 15.67 -17.05
N ASP C 406 -17.83 15.57 -16.70
CA ASP C 406 -16.76 16.04 -17.57
C ASP C 406 -16.62 15.22 -18.85
N TYR C 407 -17.23 14.03 -18.93
CA TYR C 407 -16.94 13.11 -20.03
C TYR C 407 -18.20 12.35 -20.43
N LEU C 408 -18.06 11.53 -21.48
CA LEU C 408 -19.08 10.60 -21.96
C LEU C 408 -18.55 9.18 -21.94
N ASN C 409 -19.43 8.20 -21.69
CA ASN C 409 -19.02 6.81 -21.81
C ASN C 409 -18.88 6.44 -23.29
N THR C 410 -18.36 5.23 -23.54
CA THR C 410 -18.01 4.83 -24.90
C THR C 410 -19.18 4.98 -25.86
N PHE C 411 -20.42 4.86 -25.37
CA PHE C 411 -21.56 4.92 -26.27
C PHE C 411 -22.14 6.31 -26.43
N GLU C 412 -22.13 7.12 -25.36
CA GLU C 412 -22.57 8.50 -25.49
C GLU C 412 -21.72 9.26 -26.48
N PHE C 413 -20.39 9.21 -26.32
CA PHE C 413 -19.51 9.93 -27.23
C PHE C 413 -19.64 9.43 -28.66
N MET C 414 -19.82 8.12 -28.84
CA MET C 414 -19.95 7.57 -30.19
C MET C 414 -21.15 8.20 -30.91
N ASP C 415 -22.23 8.47 -30.17
CA ASP C 415 -23.43 9.07 -30.76
C ASP C 415 -23.25 10.55 -31.02
N LYS C 416 -22.65 11.29 -30.08
CA LYS C 416 -22.35 12.70 -30.34
C LYS C 416 -21.54 12.84 -31.62
N LEU C 417 -20.60 11.93 -31.86
CA LEU C 417 -19.88 11.94 -33.12
C LEU C 417 -20.82 11.63 -34.28
N GLY C 418 -21.71 10.65 -34.10
CA GLY C 418 -22.65 10.30 -35.15
C GLY C 418 -23.55 11.46 -35.53
N GLU C 419 -24.11 12.13 -34.53
CA GLU C 419 -24.87 13.34 -34.79
C GLU C 419 -24.00 14.40 -35.47
N ASN C 420 -22.84 14.70 -34.87
CA ASN C 420 -21.97 15.73 -35.43
C ASN C 420 -21.53 15.40 -36.85
N LEU C 421 -21.49 14.10 -37.21
CA LEU C 421 -21.15 13.74 -38.58
C LEU C 421 -22.28 14.05 -39.54
N LYS C 422 -23.53 13.85 -39.11
CA LYS C 422 -24.68 14.18 -39.95
C LYS C 422 -24.69 15.68 -40.28
N ILE C 423 -24.53 16.52 -39.26
CA ILE C 423 -24.47 17.97 -39.44
C ILE C 423 -23.37 18.34 -40.45
N LYS C 424 -22.11 18.04 -40.11
CA LYS C 424 -20.97 18.46 -40.93
C LYS C 424 -21.17 18.11 -42.41
N LEU C 425 -21.66 16.91 -42.69
CA LEU C 425 -21.89 16.50 -44.08
C LEU C 425 -22.99 17.32 -44.74
N ALA C 426 -23.95 17.83 -43.97
CA ALA C 426 -25.04 18.63 -44.54
C ALA C 426 -24.49 19.84 -45.28
N GLN C 427 -23.56 20.57 -44.66
CA GLN C 427 -22.96 21.75 -45.26
C GLN C 427 -21.80 21.38 -46.17
N SER D 18 39.41 17.50 16.62
CA SER D 18 38.98 17.90 15.30
C SER D 18 39.97 17.47 14.22
N LYS D 19 39.88 16.20 13.85
CA LYS D 19 40.67 15.62 12.77
C LYS D 19 39.81 15.51 11.51
N LYS D 20 40.36 14.90 10.48
CA LYS D 20 39.53 14.49 9.36
C LYS D 20 38.80 13.19 9.71
N ILE D 21 37.69 12.94 9.05
CA ILE D 21 36.98 11.68 9.23
C ILE D 21 37.81 10.55 8.63
N SER D 22 37.77 9.39 9.29
CA SER D 22 38.45 8.20 8.82
C SER D 22 37.46 7.41 7.96
N GLY D 23 37.72 7.37 6.65
CA GLY D 23 36.74 6.89 5.70
C GLY D 23 36.74 5.41 5.36
N GLY D 24 37.87 4.73 5.51
CA GLY D 24 37.94 3.34 5.10
C GLY D 24 38.34 3.17 3.65
N SER D 25 38.12 1.94 3.14
CA SER D 25 38.59 1.54 1.82
C SER D 25 37.53 1.85 0.77
N VAL D 26 37.97 2.50 -0.32
CA VAL D 26 37.09 2.85 -1.43
C VAL D 26 37.85 2.65 -2.74
N VAL D 27 37.26 1.92 -3.67
CA VAL D 27 37.87 1.74 -4.99
C VAL D 27 37.47 2.91 -5.87
N GLU D 28 38.46 3.53 -6.51
CA GLU D 28 38.27 4.69 -7.35
C GLU D 28 38.61 4.37 -8.80
N MET D 29 37.67 4.62 -9.71
CA MET D 29 37.89 4.44 -11.13
C MET D 29 37.91 5.82 -11.77
N GLN D 30 39.10 6.25 -12.20
CA GLN D 30 39.23 7.56 -12.83
C GLN D 30 38.85 7.51 -14.31
N GLY D 31 38.38 8.64 -14.82
CA GLY D 31 37.80 8.69 -16.15
C GLY D 31 38.44 9.71 -17.10
N ASP D 32 37.63 10.35 -17.94
CA ASP D 32 38.10 11.08 -19.12
C ASP D 32 37.61 12.53 -19.15
N GLU D 33 38.41 13.37 -19.80
CA GLU D 33 38.00 14.69 -20.31
C GLU D 33 37.40 15.54 -19.20
N MET D 34 36.25 16.19 -19.40
CA MET D 34 35.85 17.20 -18.44
C MET D 34 35.40 16.57 -17.14
N THR D 35 34.82 15.37 -17.19
CA THR D 35 34.41 14.74 -15.94
C THR D 35 35.62 14.34 -15.11
N ARG D 36 36.74 13.99 -15.76
CA ARG D 36 37.96 13.77 -14.99
C ARG D 36 38.37 15.05 -14.29
N ILE D 37 38.22 16.20 -14.96
CA ILE D 37 38.56 17.47 -14.33
C ILE D 37 37.63 17.76 -13.15
N ILE D 38 36.32 17.56 -13.35
CA ILE D 38 35.35 17.70 -12.26
C ILE D 38 35.71 16.79 -11.11
N TRP D 39 36.01 15.52 -11.46
CA TRP D 39 36.39 14.51 -10.49
C TRP D 39 37.46 15.03 -9.55
N GLU D 40 38.56 15.55 -10.12
CA GLU D 40 39.65 16.06 -9.30
C GLU D 40 39.21 17.21 -8.42
N LEU D 41 38.43 18.14 -8.96
CA LEU D 41 37.96 19.26 -8.15
C LEU D 41 37.15 18.78 -6.96
N ILE D 42 36.33 17.75 -7.17
CA ILE D 42 35.49 17.24 -6.08
C ILE D 42 36.35 16.68 -4.96
N LYS D 43 37.34 15.84 -5.33
CA LYS D 43 38.25 15.29 -4.31
C LYS D 43 38.96 16.40 -3.56
N GLU D 44 39.55 17.34 -4.31
CA GLU D 44 40.36 18.41 -3.73
C GLU D 44 39.54 19.34 -2.84
N LYS D 45 38.32 19.69 -3.25
CA LYS D 45 37.61 20.77 -2.59
C LYS D 45 36.54 20.29 -1.63
N LEU D 46 35.93 19.13 -1.90
CA LEU D 46 34.77 18.67 -1.12
C LEU D 46 35.05 17.43 -0.27
N ILE D 47 35.95 16.56 -0.65
CA ILE D 47 36.12 15.27 0.03
C ILE D 47 37.41 15.24 0.85
N PHE D 48 38.56 15.42 0.20
CA PHE D 48 39.83 15.31 0.93
C PHE D 48 39.97 16.29 2.08
N PRO D 49 39.50 17.53 2.01
CA PRO D 49 39.67 18.43 3.16
C PRO D 49 38.98 17.94 4.41
N TYR D 50 38.02 17.02 4.29
CA TYR D 50 37.26 16.53 5.44
C TYR D 50 37.38 15.04 5.69
N VAL D 51 37.84 14.25 4.72
CA VAL D 51 37.78 12.81 4.81
C VAL D 51 39.12 12.25 4.39
N GLU D 52 39.67 11.35 5.21
CA GLU D 52 40.86 10.58 4.86
C GLU D 52 40.39 9.21 4.38
N LEU D 53 40.90 8.77 3.23
CA LEU D 53 40.44 7.53 2.63
C LEU D 53 41.61 6.60 2.36
N ASP D 54 41.34 5.31 2.45
CA ASP D 54 42.21 4.28 1.90
C ASP D 54 41.75 4.04 0.46
N LEU D 55 42.28 4.87 -0.43
CA LEU D 55 41.80 4.95 -1.80
C LEU D 55 42.58 3.98 -2.69
N HIS D 56 41.89 3.03 -3.31
CA HIS D 56 42.52 2.13 -4.29
C HIS D 56 42.11 2.62 -5.67
N SER D 57 43.05 3.22 -6.39
CA SER D 57 42.77 4.02 -7.58
C SER D 57 43.14 3.26 -8.85
N TYR D 58 42.19 3.18 -9.79
CA TYR D 58 42.40 2.56 -11.09
C TYR D 58 42.08 3.58 -12.17
N ASP D 59 43.04 3.83 -13.04
CA ASP D 59 42.86 4.82 -14.11
C ASP D 59 42.13 4.16 -15.27
N LEU D 60 40.82 4.38 -15.37
CA LEU D 60 40.04 3.89 -16.50
C LEU D 60 39.95 4.90 -17.64
N GLY D 61 40.82 5.92 -17.64
CA GLY D 61 40.99 6.75 -18.81
C GLY D 61 41.22 5.93 -20.07
N ILE D 62 40.87 6.50 -21.22
CA ILE D 62 40.86 5.69 -22.44
C ILE D 62 42.27 5.26 -22.81
N GLU D 63 43.29 6.09 -22.54
CA GLU D 63 44.65 5.71 -22.92
C GLU D 63 45.17 4.56 -22.08
N ASN D 64 44.89 4.57 -20.77
CA ASN D 64 45.34 3.46 -19.94
C ASN D 64 44.56 2.18 -20.23
N ARG D 65 43.25 2.29 -20.51
CA ARG D 65 42.55 1.10 -20.97
C ARG D 65 43.23 0.55 -22.21
N ASP D 66 43.52 1.43 -23.17
CA ASP D 66 44.22 0.99 -24.37
C ASP D 66 45.57 0.37 -24.01
N ALA D 67 46.38 1.06 -23.19
CA ALA D 67 47.72 0.54 -22.92
C ALA D 67 47.69 -0.82 -22.23
N THR D 68 46.67 -1.11 -21.43
CA THR D 68 46.61 -2.38 -20.70
C THR D 68 45.71 -3.41 -21.36
N ASN D 69 45.20 -3.15 -22.57
CA ASN D 69 44.30 -4.09 -23.24
C ASN D 69 43.06 -4.32 -22.38
N ASP D 70 42.65 -3.26 -21.70
CA ASP D 70 41.53 -3.20 -20.78
C ASP D 70 41.73 -4.04 -19.52
N GLN D 71 42.95 -4.47 -19.21
CA GLN D 71 43.14 -5.22 -17.95
C GLN D 71 42.79 -4.35 -16.75
N VAL D 72 43.08 -3.05 -16.82
CA VAL D 72 42.82 -2.19 -15.69
C VAL D 72 41.34 -2.27 -15.31
N THR D 73 40.46 -2.49 -16.29
CA THR D 73 39.03 -2.51 -15.99
C THR D 73 38.64 -3.75 -15.19
N LYS D 74 39.09 -4.92 -15.63
CA LYS D 74 38.91 -6.14 -14.86
C LYS D 74 39.55 -6.04 -13.48
N ASP D 75 40.75 -5.45 -13.38
CA ASP D 75 41.38 -5.30 -12.08
C ASP D 75 40.53 -4.43 -11.15
N ALA D 76 40.03 -3.31 -11.67
CA ALA D 76 39.18 -2.44 -10.87
C ALA D 76 37.96 -3.20 -10.36
N ALA D 77 37.32 -4.00 -11.24
CA ALA D 77 36.13 -4.74 -10.84
C ALA D 77 36.43 -5.75 -9.75
N GLU D 78 37.61 -6.39 -9.83
CA GLU D 78 38.02 -7.35 -8.83
C GLU D 78 38.34 -6.66 -7.51
N ALA D 79 38.78 -5.40 -7.57
CA ALA D 79 39.00 -4.62 -6.34
C ALA D 79 37.68 -4.27 -5.66
N ILE D 80 36.63 -3.98 -6.44
CA ILE D 80 35.31 -3.74 -5.86
C ILE D 80 34.83 -4.99 -5.11
N LYS D 81 34.96 -6.17 -5.74
CA LYS D 81 34.64 -7.40 -5.02
C LYS D 81 35.34 -7.44 -3.68
N LYS D 82 36.59 -6.98 -3.65
CA LYS D 82 37.40 -7.14 -2.44
C LYS D 82 37.03 -6.12 -1.36
N HIS D 83 36.86 -4.84 -1.73
CA HIS D 83 36.64 -3.79 -0.75
C HIS D 83 35.18 -3.36 -0.60
N ASN D 84 34.29 -3.77 -1.51
CA ASN D 84 32.84 -3.68 -1.44
C ASN D 84 32.30 -2.32 -1.88
N VAL D 85 33.15 -1.33 -2.13
CA VAL D 85 32.68 0.00 -2.51
C VAL D 85 33.53 0.50 -3.67
N GLY D 86 32.88 0.86 -4.76
CA GLY D 86 33.55 1.54 -5.85
C GLY D 86 32.79 2.79 -6.24
N VAL D 87 33.54 3.80 -6.69
CA VAL D 87 32.98 5.02 -7.27
C VAL D 87 33.65 5.26 -8.61
N LYS D 88 32.85 5.54 -9.64
CA LYS D 88 33.34 5.55 -11.01
C LYS D 88 33.08 6.89 -11.70
N CYS D 89 34.13 7.46 -12.28
CA CYS D 89 34.07 8.65 -13.10
C CYS D 89 33.62 8.30 -14.52
N ALA D 90 32.85 9.21 -15.13
CA ALA D 90 32.41 8.96 -16.50
C ALA D 90 33.60 8.72 -17.42
N THR D 91 33.45 7.75 -18.32
CA THR D 91 34.51 7.37 -19.24
C THR D 91 34.05 7.49 -20.67
N ILE D 92 35.01 7.64 -21.59
CA ILE D 92 34.71 7.66 -23.00
C ILE D 92 34.31 6.26 -23.46
N THR D 93 33.30 6.18 -24.30
CA THR D 93 33.03 4.95 -25.03
C THR D 93 33.36 5.14 -26.50
N PRO D 94 34.44 4.51 -26.98
CA PRO D 94 34.99 4.85 -28.30
C PRO D 94 34.04 4.61 -29.46
N ASP D 95 34.10 5.50 -30.41
CA ASP D 95 33.60 5.34 -31.77
C ASP D 95 34.78 5.42 -32.74
N GLU D 96 34.48 5.37 -34.03
CA GLU D 96 35.52 5.41 -35.06
C GLU D 96 36.40 6.64 -34.90
N LYS D 97 35.79 7.77 -34.55
CA LYS D 97 36.57 8.99 -34.43
C LYS D 97 37.56 8.90 -33.28
N ARG D 98 37.15 8.31 -32.17
CA ARG D 98 38.05 8.20 -31.03
C ARG D 98 39.20 7.25 -31.34
N VAL D 99 38.89 6.13 -31.99
CA VAL D 99 39.95 5.22 -32.43
C VAL D 99 41.05 6.01 -33.11
N GLU D 100 40.68 6.82 -34.10
CA GLU D 100 41.65 7.65 -34.82
C GLU D 100 42.33 8.65 -33.89
N GLU D 101 41.55 9.31 -33.03
CA GLU D 101 42.08 10.38 -32.18
C GLU D 101 43.13 9.88 -31.21
N PHE D 102 42.95 8.65 -30.71
CA PHE D 102 43.88 8.04 -29.77
C PHE D 102 44.62 6.88 -30.38
N LYS D 103 44.38 6.58 -31.66
CA LYS D 103 45.04 5.46 -32.31
C LYS D 103 44.91 4.22 -31.44
N LEU D 104 43.68 3.93 -31.02
CA LEU D 104 43.43 2.81 -30.13
C LEU D 104 43.64 1.48 -30.86
N LYS D 105 43.95 0.46 -30.06
CA LYS D 105 44.16 -0.88 -30.59
C LYS D 105 42.87 -1.53 -31.05
N GLN D 106 41.73 -1.00 -30.64
CA GLN D 106 40.42 -1.54 -30.97
C GLN D 106 39.37 -0.56 -30.44
N MET D 107 38.18 -0.63 -31.03
CA MET D 107 37.04 0.15 -30.55
C MET D 107 36.51 -0.48 -29.27
N TRP D 108 37.20 -0.20 -28.16
CA TRP D 108 36.85 -0.78 -26.87
C TRP D 108 35.39 -0.48 -26.53
N LYS D 109 34.71 -1.47 -25.97
CA LYS D 109 33.37 -1.22 -25.46
C LYS D 109 33.46 -0.46 -24.14
N SER D 110 32.32 0.05 -23.70
CA SER D 110 32.28 0.80 -22.45
C SER D 110 32.86 -0.04 -21.30
N PRO D 111 33.54 0.57 -20.34
CA PRO D 111 33.99 -0.22 -19.19
C PRO D 111 32.81 -0.73 -18.37
N ASN D 112 31.69 0.01 -18.32
CA ASN D 112 30.55 -0.40 -17.49
C ASN D 112 30.05 -1.79 -17.88
N GLY D 113 30.03 -2.10 -19.17
CA GLY D 113 29.61 -3.44 -19.58
C GLY D 113 30.51 -4.52 -19.00
N THR D 114 31.82 -4.25 -18.98
CA THR D 114 32.76 -5.22 -18.41
C THR D 114 32.58 -5.34 -16.90
N ILE D 115 32.53 -4.19 -16.22
CA ILE D 115 32.37 -4.21 -14.77
C ILE D 115 31.06 -4.88 -14.37
N ARG D 116 29.97 -4.55 -15.06
CA ARG D 116 28.68 -5.12 -14.74
C ARG D 116 28.64 -6.62 -15.01
N ASN D 117 29.31 -7.07 -16.08
CA ASN D 117 29.39 -8.49 -16.34
C ASN D 117 30.13 -9.21 -15.21
N ILE D 118 31.19 -8.58 -14.70
CA ILE D 118 31.98 -9.22 -13.64
C ILE D 118 31.22 -9.18 -12.32
N LEU D 119 30.59 -8.05 -12.00
CA LEU D 119 30.01 -7.91 -10.68
C LEU D 119 28.61 -8.50 -10.58
N GLY D 120 27.82 -8.46 -11.67
CA GLY D 120 26.42 -8.82 -11.57
C GLY D 120 25.65 -7.78 -10.77
N GLY D 121 24.34 -7.99 -10.71
CA GLY D 121 23.46 -7.17 -9.89
C GLY D 121 22.46 -6.37 -10.70
N THR D 122 21.92 -5.34 -10.04
CA THR D 122 20.92 -4.42 -10.57
C THR D 122 21.44 -3.00 -10.44
N VAL D 123 21.29 -2.19 -11.49
CA VAL D 123 21.65 -0.77 -11.44
C VAL D 123 20.40 0.03 -11.12
N PHE D 124 20.35 0.65 -9.93
CA PHE D 124 19.20 1.48 -9.54
C PHE D 124 19.47 2.91 -9.95
N ARG D 125 18.61 3.46 -10.80
CA ARG D 125 18.74 4.82 -11.31
C ARG D 125 17.57 5.70 -10.86
N GLU D 126 17.88 6.93 -10.45
CA GLU D 126 16.86 7.80 -9.89
C GLU D 126 17.29 9.26 -10.04
N ALA D 127 16.31 10.13 -10.32
CA ALA D 127 16.59 11.54 -10.53
C ALA D 127 17.10 12.20 -9.25
N ILE D 128 17.92 13.23 -9.44
CA ILE D 128 18.31 14.17 -8.40
C ILE D 128 17.42 15.39 -8.57
N ILE D 129 16.52 15.63 -7.62
CA ILE D 129 15.42 16.56 -7.82
C ILE D 129 15.67 17.84 -7.01
N CYS D 130 15.58 18.98 -7.69
CA CYS D 130 15.63 20.30 -7.07
C CYS D 130 14.29 21.01 -7.28
N LYS D 131 13.81 21.68 -6.22
CA LYS D 131 12.47 22.27 -6.23
C LYS D 131 12.31 23.28 -7.37
N ASN D 132 13.37 24.03 -7.66
CA ASN D 132 13.25 25.09 -8.65
C ASN D 132 13.54 24.64 -10.08
N ILE D 133 13.82 23.36 -10.32
CA ILE D 133 14.07 22.88 -11.68
C ILE D 133 12.77 22.29 -12.22
N PRO D 134 12.19 22.87 -13.28
CA PRO D 134 10.92 22.33 -13.80
C PRO D 134 11.09 20.99 -14.49
N ARG D 135 10.10 20.13 -14.32
CA ARG D 135 9.99 18.90 -15.07
C ARG D 135 9.54 19.17 -16.50
N LEU D 136 9.83 18.19 -17.36
CA LEU D 136 9.21 18.12 -18.68
C LEU D 136 7.94 17.28 -18.69
N VAL D 137 7.80 16.33 -17.78
CA VAL D 137 6.58 15.54 -17.64
C VAL D 137 5.79 16.09 -16.45
N SER D 138 4.54 16.51 -16.70
CA SER D 138 3.84 17.33 -15.72
C SER D 138 3.49 16.57 -14.45
N GLY D 139 3.21 15.28 -14.55
CA GLY D 139 2.62 14.60 -13.40
C GLY D 139 3.59 14.04 -12.36
N TRP D 140 4.90 14.02 -12.63
CA TRP D 140 5.84 13.24 -11.83
C TRP D 140 6.19 14.00 -10.55
N VAL D 141 5.29 13.93 -9.56
CA VAL D 141 5.49 14.65 -8.31
C VAL D 141 6.22 13.80 -7.28
N LYS D 142 6.39 12.51 -7.55
CA LYS D 142 7.16 11.58 -6.73
C LYS D 142 8.20 10.93 -7.62
N PRO D 143 9.29 10.44 -7.04
CA PRO D 143 10.39 9.92 -7.87
C PRO D 143 10.02 8.57 -8.48
N ILE D 144 10.65 8.28 -9.60
CA ILE D 144 10.55 6.99 -10.25
C ILE D 144 11.93 6.34 -10.15
N ILE D 145 12.01 5.18 -9.53
CA ILE D 145 13.28 4.47 -9.39
C ILE D 145 13.30 3.30 -10.37
N ILE D 146 14.25 3.31 -11.31
CA ILE D 146 14.43 2.19 -12.23
C ILE D 146 15.51 1.24 -11.68
N GLY D 147 15.17 -0.05 -11.64
CA GLY D 147 16.15 -1.09 -11.34
C GLY D 147 16.51 -1.86 -12.61
N GLN D 148 17.64 -1.48 -13.20
CA GLN D 148 18.08 -2.02 -14.48
C GLN D 148 18.87 -3.29 -14.20
N HIS D 149 18.35 -4.43 -14.63
CA HIS D 149 19.12 -5.66 -14.58
C HIS D 149 20.44 -5.47 -15.31
N ALA D 150 21.55 -5.71 -14.61
CA ALA D 150 22.88 -5.30 -15.04
C ALA D 150 23.62 -6.34 -15.87
N TYR D 151 23.01 -7.49 -16.17
CA TYR D 151 23.71 -8.65 -16.71
C TYR D 151 23.05 -9.19 -17.98
N GLY D 152 23.87 -9.59 -18.95
CA GLY D 152 23.35 -10.35 -20.10
C GLY D 152 22.55 -9.57 -21.12
N ASP D 153 21.68 -10.32 -21.82
CA ASP D 153 20.88 -9.83 -22.95
C ASP D 153 21.84 -9.21 -23.96
N GLN D 154 21.55 -8.01 -24.47
CA GLN D 154 22.29 -7.47 -25.60
C GLN D 154 23.69 -7.04 -25.22
N TYR D 155 23.95 -6.92 -23.93
CA TYR D 155 25.22 -6.42 -23.45
C TYR D 155 26.24 -7.53 -23.27
N ARG D 156 25.86 -8.79 -23.46
CA ARG D 156 26.84 -9.88 -23.51
C ARG D 156 26.51 -10.79 -24.67
N ALA D 157 26.12 -10.19 -25.78
CA ALA D 157 25.66 -10.89 -26.95
C ALA D 157 26.80 -11.07 -27.97
N THR D 158 26.52 -11.85 -29.00
CA THR D 158 27.44 -12.07 -30.09
C THR D 158 26.68 -11.84 -31.38
N ASP D 159 27.07 -10.81 -32.14
CA ASP D 159 26.36 -10.40 -33.35
C ASP D 159 27.32 -10.31 -34.52
N PHE D 160 26.81 -10.65 -35.70
CA PHE D 160 27.66 -10.75 -36.87
C PHE D 160 26.87 -10.43 -38.12
N VAL D 161 27.61 -10.15 -39.18
CA VAL D 161 27.05 -9.97 -40.50
C VAL D 161 26.85 -11.33 -41.13
N VAL D 162 25.78 -11.48 -41.91
CA VAL D 162 25.53 -12.66 -42.72
C VAL D 162 25.81 -12.28 -44.17
N PRO D 163 26.91 -12.74 -44.75
CA PRO D 163 27.34 -12.21 -46.06
C PRO D 163 26.48 -12.63 -47.24
N GLY D 164 25.71 -13.70 -47.13
CA GLY D 164 24.96 -14.19 -48.25
C GLY D 164 24.16 -15.39 -47.84
N PRO D 165 23.51 -16.04 -48.80
CA PRO D 165 22.63 -17.18 -48.46
C PRO D 165 23.35 -18.25 -47.66
N GLY D 166 22.58 -18.92 -46.84
CA GLY D 166 23.08 -19.91 -45.89
C GLY D 166 22.21 -19.92 -44.65
N LYS D 167 22.51 -20.87 -43.78
CA LYS D 167 21.68 -21.18 -42.63
C LYS D 167 22.28 -20.60 -41.35
N VAL D 168 21.48 -19.88 -40.58
CA VAL D 168 21.85 -19.54 -39.19
C VAL D 168 21.06 -20.44 -38.26
N GLU D 169 21.77 -21.16 -37.40
CA GLU D 169 21.16 -22.00 -36.39
C GLU D 169 21.77 -21.67 -35.03
N ILE D 170 21.02 -21.99 -34.00
CA ILE D 170 21.47 -21.83 -32.63
C ILE D 170 21.32 -23.18 -31.95
N THR D 171 22.35 -23.60 -31.24
CA THR D 171 22.50 -24.95 -30.77
C THR D 171 22.73 -24.96 -29.27
N TYR D 172 22.10 -25.90 -28.58
CA TYR D 172 22.34 -26.14 -27.16
C TYR D 172 22.91 -27.55 -27.00
N THR D 173 24.09 -27.64 -26.37
CA THR D 173 24.79 -28.90 -26.13
C THR D 173 24.84 -29.17 -24.63
N PRO D 174 23.94 -30.00 -24.10
CA PRO D 174 23.98 -30.30 -22.66
C PRO D 174 25.29 -30.93 -22.25
N SER D 175 25.86 -30.45 -21.14
CA SER D 175 27.10 -31.02 -20.60
C SER D 175 26.94 -32.44 -20.08
N ASP D 176 25.72 -32.96 -19.95
CA ASP D 176 25.52 -34.32 -19.47
C ASP D 176 25.51 -35.36 -20.59
N GLY D 177 25.80 -34.98 -21.83
CA GLY D 177 25.88 -35.92 -22.93
C GLY D 177 24.56 -36.28 -23.59
N THR D 178 23.45 -35.66 -23.19
CA THR D 178 22.17 -35.89 -23.84
C THR D 178 22.18 -35.33 -25.26
N GLN D 179 21.18 -35.72 -26.03
CA GLN D 179 21.03 -35.24 -27.41
C GLN D 179 21.13 -33.72 -27.51
N LYS D 180 22.04 -33.26 -28.36
CA LYS D 180 22.09 -31.87 -28.80
C LYS D 180 20.72 -31.42 -29.29
N VAL D 181 20.43 -30.13 -29.12
CA VAL D 181 19.22 -29.54 -29.68
C VAL D 181 19.60 -28.35 -30.56
N THR D 182 19.02 -28.28 -31.76
CA THR D 182 19.36 -27.26 -32.75
C THR D 182 18.11 -26.59 -33.29
N TYR D 183 18.09 -25.27 -33.30
CA TYR D 183 16.95 -24.52 -33.82
C TYR D 183 17.41 -23.71 -35.02
N LEU D 184 16.65 -23.80 -36.12
CA LEU D 184 16.83 -22.90 -37.26
C LEU D 184 16.51 -21.48 -36.84
N VAL D 185 17.49 -20.57 -36.88
CA VAL D 185 17.17 -19.16 -36.68
C VAL D 185 16.61 -18.56 -37.97
N HIS D 186 17.30 -18.80 -39.09
CA HIS D 186 16.79 -18.35 -40.38
C HIS D 186 17.63 -18.94 -41.48
N ASN D 187 16.96 -19.34 -42.56
CA ASN D 187 17.63 -19.76 -43.80
C ASN D 187 17.61 -18.58 -44.77
N PHE D 188 18.75 -17.88 -44.88
CA PHE D 188 18.89 -16.79 -45.85
C PHE D 188 18.96 -17.37 -47.26
N GLU D 189 17.94 -17.12 -48.07
CA GLU D 189 17.87 -17.67 -49.41
C GLU D 189 17.96 -16.62 -50.51
N GLU D 190 17.82 -15.33 -50.19
CA GLU D 190 17.81 -14.31 -51.22
C GLU D 190 18.84 -13.20 -51.01
N GLY D 191 19.73 -13.34 -50.05
CA GLY D 191 20.72 -12.31 -49.78
C GLY D 191 21.32 -12.51 -48.39
N GLY D 192 22.00 -11.48 -47.92
CA GLY D 192 22.57 -11.48 -46.60
C GLY D 192 21.74 -10.68 -45.60
N GLY D 193 22.38 -10.31 -44.50
CA GLY D 193 21.71 -9.68 -43.38
C GLY D 193 22.58 -9.67 -42.12
N VAL D 194 21.96 -9.91 -40.97
CA VAL D 194 22.64 -9.90 -39.68
C VAL D 194 21.95 -10.90 -38.78
N ALA D 195 22.66 -11.34 -37.74
CA ALA D 195 22.08 -12.27 -36.79
C ALA D 195 22.85 -12.10 -35.49
N MET D 196 22.23 -12.55 -34.41
CA MET D 196 22.85 -12.42 -33.10
C MET D 196 22.29 -13.48 -32.17
N GLY D 197 23.12 -13.92 -31.22
CA GLY D 197 22.71 -14.76 -30.14
C GLY D 197 22.87 -13.99 -28.84
N MET D 198 21.99 -14.25 -27.89
CA MET D 198 22.12 -13.67 -26.57
C MET D 198 21.50 -14.61 -25.54
N TYR D 199 21.80 -14.35 -24.28
CA TYR D 199 21.41 -15.26 -23.23
C TYR D 199 21.25 -14.49 -21.92
N ASN D 200 20.70 -15.20 -20.93
CA ASN D 200 20.75 -14.76 -19.55
C ASN D 200 20.68 -16.00 -18.64
N GLN D 201 20.89 -15.75 -17.34
CA GLN D 201 21.04 -16.82 -16.37
C GLN D 201 19.93 -16.82 -15.33
N ASP D 202 19.44 -18.02 -15.00
CA ASP D 202 18.44 -18.13 -13.95
C ASP D 202 18.90 -17.43 -12.66
N LYS D 203 20.09 -17.78 -12.19
CA LYS D 203 20.59 -17.21 -10.94
C LYS D 203 20.61 -15.69 -11.00
N SER D 204 21.06 -15.12 -12.13
CA SER D 204 21.14 -13.67 -12.22
C SER D 204 19.75 -13.04 -12.24
N ILE D 205 18.80 -13.67 -12.96
CA ILE D 205 17.42 -13.21 -12.95
C ILE D 205 16.83 -13.26 -11.55
N GLU D 206 17.10 -14.35 -10.82
CA GLU D 206 16.58 -14.45 -9.45
C GLU D 206 17.13 -13.33 -8.57
N ASP D 207 18.42 -13.01 -8.72
CA ASP D 207 18.99 -11.91 -7.93
C ASP D 207 18.34 -10.58 -8.31
N PHE D 208 18.13 -10.37 -9.60
CA PHE D 208 17.42 -9.19 -10.07
C PHE D 208 16.04 -9.11 -9.42
N ALA D 209 15.34 -10.24 -9.31
CA ALA D 209 14.02 -10.20 -8.69
C ALA D 209 14.11 -9.89 -7.19
N HIS D 210 15.06 -10.50 -6.48
CA HIS D 210 15.16 -10.21 -5.05
C HIS D 210 15.50 -8.75 -4.79
N SER D 211 16.40 -8.20 -5.61
CA SER D 211 16.78 -6.81 -5.42
C SER D 211 15.60 -5.89 -5.68
N SER D 212 14.76 -6.23 -6.65
CA SER D 212 13.60 -5.38 -6.96
C SER D 212 12.58 -5.40 -5.83
N PHE D 213 12.21 -6.59 -5.34
CA PHE D 213 11.23 -6.67 -4.25
C PHE D 213 11.76 -5.99 -3.00
N GLN D 214 13.06 -6.19 -2.71
CA GLN D 214 13.68 -5.58 -1.55
C GLN D 214 13.67 -4.06 -1.64
N MET D 215 13.89 -3.52 -2.84
CA MET D 215 13.90 -2.06 -2.99
C MET D 215 12.50 -1.49 -2.88
N ALA D 216 11.49 -2.19 -3.40
CA ALA D 216 10.12 -1.77 -3.26
C ALA D 216 9.73 -1.72 -1.79
N LEU D 217 10.07 -2.77 -1.03
CA LEU D 217 9.75 -2.79 0.39
C LEU D 217 10.56 -1.75 1.16
N SER D 218 11.82 -1.58 0.80
CA SER D 218 12.64 -0.58 1.47
C SER D 218 12.03 0.82 1.35
N LYS D 219 11.55 1.15 0.16
CA LYS D 219 11.00 2.47 -0.08
C LYS D 219 9.51 2.53 0.21
N GLY D 220 8.83 1.39 0.31
CA GLY D 220 7.40 1.39 0.54
C GLY D 220 6.59 1.75 -0.69
N TRP D 221 7.05 1.36 -1.87
CA TRP D 221 6.36 1.62 -3.13
C TRP D 221 6.01 0.31 -3.84
N PRO D 222 4.96 0.31 -4.64
CA PRO D 222 4.70 -0.85 -5.50
C PRO D 222 5.78 -1.02 -6.57
N LEU D 223 5.80 -2.22 -7.16
CA LEU D 223 6.84 -2.67 -8.06
C LEU D 223 6.22 -3.18 -9.35
N TYR D 224 6.77 -2.76 -10.49
CA TYR D 224 6.39 -3.23 -11.82
C TYR D 224 7.61 -3.78 -12.54
N LEU D 225 7.46 -4.97 -13.12
CA LEU D 225 8.43 -5.55 -14.06
C LEU D 225 7.84 -5.47 -15.46
N SER D 226 8.65 -5.02 -16.42
CA SER D 226 8.25 -4.95 -17.83
C SER D 226 9.01 -6.00 -18.64
N THR D 227 8.29 -6.70 -19.49
CA THR D 227 8.87 -7.62 -20.46
C THR D 227 8.06 -7.49 -21.74
N LYS D 228 8.47 -8.25 -22.76
CA LYS D 228 7.65 -8.45 -23.94
C LYS D 228 7.35 -9.93 -24.09
N ASN D 229 6.84 -10.56 -23.01
CA ASN D 229 6.67 -12.01 -22.99
C ASN D 229 5.61 -12.50 -23.98
N THR D 230 4.78 -11.61 -24.54
CA THR D 230 3.88 -12.04 -25.61
C THR D 230 4.65 -12.39 -26.88
N ILE D 231 5.82 -11.78 -27.08
CA ILE D 231 6.62 -12.00 -28.27
C ILE D 231 7.75 -12.99 -28.01
N LEU D 232 8.55 -12.75 -26.98
CA LEU D 232 9.57 -13.70 -26.55
C LEU D 232 9.00 -14.56 -25.44
N LYS D 233 8.15 -15.52 -25.83
CA LYS D 233 7.36 -16.26 -24.83
C LYS D 233 8.25 -17.01 -23.85
N LYS D 234 9.41 -17.49 -24.30
CA LYS D 234 10.29 -18.27 -23.44
C LYS D 234 11.29 -17.40 -22.71
N TYR D 235 11.99 -16.54 -23.46
CA TYR D 235 13.03 -15.69 -22.88
C TYR D 235 12.43 -14.71 -21.87
N ASP D 236 11.45 -13.92 -22.29
CA ASP D 236 10.85 -12.96 -21.39
C ASP D 236 9.91 -13.67 -20.40
N GLY D 237 9.27 -14.77 -20.82
CA GLY D 237 8.43 -15.53 -19.91
C GLY D 237 9.18 -16.10 -18.73
N ARG D 238 10.49 -16.33 -18.87
CA ARG D 238 11.30 -16.80 -17.77
C ARG D 238 11.51 -15.71 -16.72
N PHE D 239 11.72 -14.47 -17.17
CA PHE D 239 11.77 -13.35 -16.22
C PHE D 239 10.44 -13.22 -15.48
N LYS D 240 9.33 -13.15 -16.23
CA LYS D 240 7.98 -13.05 -15.65
C LYS D 240 7.71 -14.16 -14.62
N ASP D 241 8.05 -15.40 -14.97
CA ASP D 241 7.73 -16.52 -14.07
C ASP D 241 8.61 -16.50 -12.82
N ILE D 242 9.91 -16.21 -12.97
CA ILE D 242 10.79 -16.18 -11.81
C ILE D 242 10.34 -15.11 -10.83
N PHE D 243 10.02 -13.92 -11.34
CA PHE D 243 9.53 -12.85 -10.49
C PHE D 243 8.27 -13.29 -9.76
N GLN D 244 7.33 -13.90 -10.48
CA GLN D 244 6.06 -14.26 -9.84
C GLN D 244 6.27 -15.30 -8.74
N GLU D 245 7.08 -16.34 -9.01
CA GLU D 245 7.29 -17.39 -7.99
C GLU D 245 7.97 -16.84 -6.75
N ILE D 246 8.99 -15.99 -6.93
CA ILE D 246 9.65 -15.38 -5.79
C ILE D 246 8.69 -14.43 -5.06
N TYR D 247 7.89 -13.67 -5.79
CA TYR D 247 6.88 -12.84 -5.16
C TYR D 247 5.95 -13.68 -4.27
N ASP D 248 5.31 -14.69 -4.87
CA ASP D 248 4.36 -15.51 -4.12
C ASP D 248 5.02 -16.21 -2.96
N LYS D 249 6.26 -16.68 -3.14
CA LYS D 249 6.91 -17.47 -2.10
C LYS D 249 7.34 -16.60 -0.93
N GLN D 250 7.90 -15.42 -1.20
CA GLN D 250 8.67 -14.74 -0.17
C GLN D 250 8.35 -13.28 0.07
N TYR D 251 7.54 -12.62 -0.75
CA TYR D 251 7.30 -11.19 -0.56
C TYR D 251 5.84 -10.78 -0.61
N LYS D 252 4.95 -11.59 -1.17
CA LYS D 252 3.58 -11.16 -1.37
C LYS D 252 2.95 -10.65 -0.08
N SER D 253 3.14 -11.38 1.03
CA SER D 253 2.42 -10.97 2.24
C SER D 253 3.02 -9.72 2.85
N GLN D 254 4.35 -9.54 2.74
CA GLN D 254 4.93 -8.28 3.19
C GLN D 254 4.43 -7.11 2.36
N PHE D 255 4.29 -7.29 1.03
CA PHE D 255 3.76 -6.22 0.18
C PHE D 255 2.34 -5.83 0.61
N GLU D 256 1.50 -6.81 0.90
CA GLU D 256 0.12 -6.51 1.23
C GLU D 256 0.01 -5.79 2.57
N ALA D 257 0.85 -6.17 3.56
CA ALA D 257 0.85 -5.47 4.84
C ALA D 257 1.25 -4.01 4.68
N GLN D 258 2.13 -3.70 3.73
CA GLN D 258 2.55 -2.32 3.47
C GLN D 258 1.67 -1.62 2.43
N LYS D 259 0.60 -2.26 1.98
CA LYS D 259 -0.32 -1.65 1.02
C LYS D 259 0.41 -1.25 -0.27
N ILE D 260 1.35 -2.08 -0.72
CA ILE D 260 1.89 -1.94 -2.05
C ILE D 260 1.57 -3.21 -2.84
N TRP D 261 1.92 -3.25 -4.11
CA TRP D 261 1.64 -4.40 -4.95
C TRP D 261 2.79 -4.60 -5.93
N TYR D 262 2.85 -5.81 -6.49
CA TYR D 262 3.74 -6.13 -7.58
C TYR D 262 2.91 -6.56 -8.78
N GLU D 263 3.25 -6.03 -9.95
CA GLU D 263 2.51 -6.38 -11.15
C GLU D 263 3.46 -6.37 -12.33
N HIS D 264 3.26 -7.36 -13.21
CA HIS D 264 3.97 -7.44 -14.47
C HIS D 264 3.18 -6.71 -15.54
N ARG D 265 3.90 -6.01 -16.42
CA ARG D 265 3.28 -5.28 -17.52
C ARG D 265 4.11 -5.46 -18.78
N LEU D 266 3.43 -5.57 -19.92
CA LEU D 266 4.11 -5.45 -21.21
C LEU D 266 4.79 -4.09 -21.29
N ILE D 267 6.03 -4.09 -21.81
CA ILE D 267 6.88 -2.91 -21.76
C ILE D 267 6.19 -1.69 -22.39
N ASP D 268 5.47 -1.87 -23.51
CA ASP D 268 4.91 -0.69 -24.15
C ASP D 268 3.71 -0.13 -23.36
N ASP D 269 2.86 -1.01 -22.80
CA ASP D 269 1.92 -0.60 -21.77
C ASP D 269 2.65 0.15 -20.64
N MET D 270 3.77 -0.41 -20.16
CA MET D 270 4.47 0.17 -19.01
C MET D 270 5.04 1.58 -19.28
N VAL D 271 5.66 1.82 -20.45
CA VAL D 271 6.18 3.17 -20.70
C VAL D 271 5.04 4.19 -20.74
N ALA D 272 3.88 3.80 -21.27
CA ALA D 272 2.73 4.71 -21.24
C ALA D 272 2.20 4.91 -19.83
N GLN D 273 2.10 3.82 -19.05
CA GLN D 273 1.64 3.94 -17.67
C GLN D 273 2.56 4.86 -16.86
N ALA D 274 3.87 4.67 -17.01
CA ALA D 274 4.81 5.53 -16.28
C ALA D 274 4.68 6.97 -16.73
N MET D 275 4.49 7.20 -18.03
CA MET D 275 4.39 8.55 -18.54
C MET D 275 3.19 9.29 -17.94
N LYS D 276 2.09 8.60 -17.65
CA LYS D 276 0.91 9.27 -17.15
C LYS D 276 0.75 9.19 -15.63
N SER D 277 1.66 8.54 -14.92
CA SER D 277 1.49 8.34 -13.49
C SER D 277 1.99 9.57 -12.71
N GLU D 278 1.87 9.50 -11.39
CA GLU D 278 2.44 10.50 -10.50
C GLU D 278 3.84 10.15 -10.00
N GLY D 279 4.43 9.06 -10.49
CA GLY D 279 5.64 8.53 -9.86
C GLY D 279 5.35 7.74 -8.60
N GLY D 280 6.38 7.59 -7.76
CA GLY D 280 6.30 6.75 -6.58
C GLY D 280 6.24 5.26 -6.89
N PHE D 281 7.14 4.73 -7.71
CA PHE D 281 7.11 3.30 -7.90
C PHE D 281 8.49 2.82 -8.30
N ILE D 282 8.74 1.54 -8.06
CA ILE D 282 9.96 0.89 -8.49
C ILE D 282 9.64 0.18 -9.80
N TRP D 283 10.55 0.31 -10.75
CA TRP D 283 10.34 -0.21 -12.10
C TRP D 283 11.51 -1.14 -12.44
N ALA D 284 11.29 -2.43 -12.27
CA ALA D 284 12.26 -3.42 -12.69
C ALA D 284 12.31 -3.47 -14.22
N CYS D 285 13.50 -3.24 -14.78
CA CYS D 285 13.72 -3.28 -16.22
C CYS D 285 14.77 -4.31 -16.57
N LYS D 286 14.50 -5.10 -17.62
CA LYS D 286 15.57 -5.84 -18.30
C LYS D 286 16.68 -4.88 -18.74
N ASN D 287 17.88 -5.43 -18.94
CA ASN D 287 19.08 -4.62 -19.15
C ASN D 287 18.86 -3.53 -20.19
N TYR D 288 18.38 -3.90 -21.38
CA TYR D 288 18.28 -2.91 -22.44
C TYR D 288 17.21 -1.85 -22.12
N ASP D 289 16.04 -2.29 -21.67
CA ASP D 289 14.96 -1.35 -21.34
C ASP D 289 15.39 -0.37 -20.25
N GLY D 290 16.11 -0.86 -19.24
CA GLY D 290 16.52 0.03 -18.17
C GLY D 290 17.55 1.04 -18.63
N ASP D 291 18.43 0.62 -19.54
CA ASP D 291 19.38 1.54 -20.16
C ASP D 291 18.66 2.67 -20.89
N VAL D 292 17.69 2.32 -21.73
CA VAL D 292 17.02 3.31 -22.56
C VAL D 292 16.03 4.14 -21.73
N GLN D 293 15.16 3.47 -20.98
CA GLN D 293 14.10 4.20 -20.28
C GLN D 293 14.65 5.12 -19.20
N SER D 294 15.77 4.76 -18.56
CA SER D 294 16.31 5.64 -17.51
C SER D 294 16.78 6.98 -18.07
N ASP D 295 17.17 7.04 -19.35
CA ASP D 295 17.50 8.34 -19.92
C ASP D 295 16.25 9.13 -20.28
N SER D 296 15.21 8.45 -20.73
CA SER D 296 13.93 9.12 -20.94
C SER D 296 13.40 9.70 -19.63
N VAL D 297 13.47 8.93 -18.55
CA VAL D 297 12.92 9.37 -17.27
C VAL D 297 13.72 10.54 -16.71
N ALA D 298 15.06 10.42 -16.72
CA ALA D 298 15.90 11.50 -16.20
C ALA D 298 15.64 12.79 -16.96
N GLN D 299 15.55 12.70 -18.29
CA GLN D 299 15.21 13.86 -19.09
C GLN D 299 13.84 14.40 -18.71
N GLY D 300 12.85 13.49 -18.55
CA GLY D 300 11.52 13.91 -18.15
C GLY D 300 11.51 14.70 -16.85
N TYR D 301 12.41 14.37 -15.91
CA TYR D 301 12.43 15.09 -14.65
C TYR D 301 13.05 16.46 -14.78
N GLY D 302 13.66 16.76 -15.93
CA GLY D 302 14.13 18.10 -16.24
C GLY D 302 15.58 18.15 -16.71
N SER D 303 16.45 17.29 -16.19
CA SER D 303 17.86 17.33 -16.54
C SER D 303 18.40 15.92 -16.64
N LEU D 304 18.84 15.56 -17.86
CA LEU D 304 19.39 14.25 -18.15
C LEU D 304 20.54 13.93 -17.21
N GLY D 305 21.38 14.92 -16.91
CA GLY D 305 22.52 14.66 -16.05
C GLY D 305 22.17 14.43 -14.60
N MET D 306 20.99 14.92 -14.16
CA MET D 306 20.65 14.94 -12.73
C MET D 306 20.06 13.58 -12.35
N MET D 307 20.96 12.63 -12.11
CA MET D 307 20.62 11.23 -11.99
C MET D 307 21.66 10.53 -11.13
N THR D 308 21.22 9.63 -10.25
CA THR D 308 22.13 8.73 -9.57
C THR D 308 22.09 7.36 -10.26
N SER D 309 23.22 6.66 -10.17
CA SER D 309 23.36 5.36 -10.82
C SER D 309 24.23 4.50 -9.93
N VAL D 310 23.62 3.50 -9.29
CA VAL D 310 24.27 2.73 -8.24
C VAL D 310 24.06 1.25 -8.54
N LEU D 311 25.14 0.53 -8.81
CA LEU D 311 25.06 -0.91 -8.98
C LEU D 311 25.06 -1.58 -7.61
N VAL D 312 24.04 -2.39 -7.35
CA VAL D 312 23.87 -3.13 -6.10
C VAL D 312 24.02 -4.61 -6.40
N CYS D 313 25.08 -5.21 -5.88
CA CYS D 313 25.51 -6.54 -6.29
C CYS D 313 24.72 -7.66 -5.58
N PRO D 314 24.65 -8.84 -6.21
CA PRO D 314 23.82 -9.92 -5.64
C PRO D 314 24.16 -10.26 -4.20
N ASP D 315 25.40 -10.01 -3.75
CA ASP D 315 25.81 -10.37 -2.40
C ASP D 315 25.25 -9.46 -1.32
N GLY D 316 24.57 -8.37 -1.68
CA GLY D 316 24.03 -7.49 -0.66
C GLY D 316 25.06 -6.78 0.20
N LYS D 317 26.32 -6.71 -0.23
CA LYS D 317 27.36 -6.02 0.53
C LYS D 317 28.17 -5.07 -0.38
N THR D 318 28.26 -5.39 -1.67
CA THR D 318 29.06 -4.64 -2.63
C THR D 318 28.17 -3.73 -3.47
N VAL D 319 28.56 -2.46 -3.59
CA VAL D 319 27.90 -1.54 -4.50
C VAL D 319 28.97 -0.78 -5.28
N GLU D 320 28.59 -0.29 -6.46
CA GLU D 320 29.41 0.62 -7.24
C GLU D 320 28.56 1.81 -7.65
N ALA D 321 29.03 3.02 -7.38
CA ALA D 321 28.31 4.23 -7.77
C ALA D 321 29.06 4.91 -8.91
N GLU D 322 28.34 5.30 -9.96
CA GLU D 322 28.99 5.92 -11.11
C GLU D 322 28.30 7.22 -11.52
N ALA D 323 29.07 8.11 -12.13
CA ALA D 323 28.48 9.20 -12.87
C ALA D 323 28.16 8.66 -14.27
N ALA D 324 26.89 8.65 -14.62
CA ALA D 324 26.41 7.83 -15.72
C ALA D 324 26.28 8.57 -17.04
N HIS D 325 26.94 9.72 -17.19
CA HIS D 325 26.71 10.47 -18.41
C HIS D 325 27.96 10.48 -19.30
N GLY D 326 28.00 11.42 -20.26
CA GLY D 326 29.18 11.60 -21.08
C GLY D 326 30.27 12.35 -20.36
N THR D 327 31.37 12.60 -21.08
CA THR D 327 32.53 13.28 -20.50
C THR D 327 32.61 14.74 -20.92
N VAL D 328 31.52 15.30 -21.44
CA VAL D 328 31.38 16.72 -21.79
C VAL D 328 32.59 17.16 -22.62
N THR D 329 32.84 16.45 -23.73
CA THR D 329 34.00 16.70 -24.56
C THR D 329 34.13 18.18 -24.94
N ARG D 330 33.03 18.82 -25.31
CA ARG D 330 33.12 20.20 -25.80
C ARG D 330 33.54 21.15 -24.69
N HIS D 331 33.13 20.89 -23.45
CA HIS D 331 33.62 21.68 -22.32
C HIS D 331 35.10 21.42 -22.10
N TYR D 332 35.52 20.16 -22.13
CA TYR D 332 36.94 19.85 -21.98
C TYR D 332 37.79 20.58 -23.05
N ARG D 333 37.31 20.65 -24.30
CA ARG D 333 38.10 21.36 -25.31
C ARG D 333 38.19 22.86 -25.01
N MET D 334 37.13 23.45 -24.45
CA MET D 334 37.22 24.85 -24.03
C MET D 334 38.18 25.01 -22.86
N TYR D 335 38.03 24.15 -21.86
CA TYR D 335 38.93 24.11 -20.71
C TYR D 335 40.38 23.98 -21.15
N GLN D 336 40.65 23.07 -22.08
CA GLN D 336 42.02 22.88 -22.58
C GLN D 336 42.58 24.14 -23.22
N LYS D 337 41.72 25.08 -23.61
CA LYS D 337 42.18 26.32 -24.24
C LYS D 337 42.05 27.52 -23.31
N GLY D 338 41.74 27.29 -22.03
CA GLY D 338 41.58 28.37 -21.07
C GLY D 338 40.31 29.19 -21.21
N GLN D 339 39.29 28.66 -21.85
CA GLN D 339 38.01 29.37 -21.88
C GLN D 339 37.17 28.99 -20.65
N GLU D 340 36.25 29.86 -20.32
CA GLU D 340 35.34 29.60 -19.22
C GLU D 340 34.35 28.51 -19.61
N THR D 341 34.06 27.63 -18.67
CA THR D 341 33.05 26.62 -18.85
C THR D 341 32.10 26.69 -17.66
N SER D 342 30.92 26.05 -17.84
CA SER D 342 29.94 25.88 -16.76
C SER D 342 29.46 24.42 -16.78
N THR D 343 30.23 23.56 -16.12
CA THR D 343 30.02 22.11 -16.14
C THR D 343 29.36 21.65 -14.83
N ASN D 344 28.19 21.03 -14.96
CA ASN D 344 27.42 20.51 -13.84
C ASN D 344 28.16 19.36 -13.15
N PRO D 345 28.59 19.51 -11.90
CA PRO D 345 29.29 18.42 -11.21
C PRO D 345 28.40 17.50 -10.38
N ILE D 346 27.09 17.74 -10.34
CA ILE D 346 26.23 17.13 -9.32
C ILE D 346 26.21 15.61 -9.46
N ALA D 347 26.12 15.09 -10.68
CA ALA D 347 26.10 13.65 -10.85
C ALA D 347 27.38 13.02 -10.36
N SER D 348 28.51 13.72 -10.48
CA SER D 348 29.76 13.14 -10.00
C SER D 348 29.85 13.23 -8.48
N ILE D 349 29.38 14.34 -7.92
CA ILE D 349 29.29 14.45 -6.47
C ILE D 349 28.46 13.29 -5.89
N PHE D 350 27.28 13.02 -6.47
CA PHE D 350 26.45 11.97 -5.86
C PHE D 350 27.04 10.58 -6.08
N ALA D 351 27.89 10.38 -7.09
CA ALA D 351 28.64 9.13 -7.14
C ALA D 351 29.48 8.98 -5.88
N TRP D 352 30.14 10.06 -5.48
CA TRP D 352 30.95 10.02 -4.27
C TRP D 352 30.09 9.85 -3.01
N THR D 353 29.02 10.63 -2.89
CA THR D 353 28.23 10.52 -1.65
C THR D 353 27.51 9.17 -1.53
N ARG D 354 26.99 8.63 -2.64
CA ARG D 354 26.40 7.30 -2.59
C ARG D 354 27.44 6.23 -2.22
N GLY D 355 28.67 6.37 -2.72
CA GLY D 355 29.69 5.42 -2.34
C GLY D 355 30.07 5.54 -0.88
N LEU D 356 30.33 6.76 -0.42
CA LEU D 356 30.69 6.96 0.97
C LEU D 356 29.55 6.55 1.92
N ALA D 357 28.29 6.72 1.51
CA ALA D 357 27.21 6.34 2.43
C ALA D 357 27.18 4.84 2.61
N HIS D 358 27.46 4.10 1.55
CA HIS D 358 27.52 2.65 1.68
C HIS D 358 28.74 2.23 2.51
N ARG D 359 29.90 2.82 2.21
CA ARG D 359 31.07 2.62 3.07
C ARG D 359 30.69 2.79 4.53
N ALA D 360 29.94 3.86 4.85
CA ALA D 360 29.58 4.17 6.23
C ALA D 360 28.59 3.15 6.78
N LYS D 361 27.63 2.72 5.96
CA LYS D 361 26.75 1.63 6.37
C LYS D 361 27.53 0.36 6.71
N LEU D 362 28.35 -0.12 5.77
CA LEU D 362 29.11 -1.34 6.02
C LEU D 362 29.92 -1.26 7.31
N ASP D 363 30.50 -0.09 7.59
CA ASP D 363 31.40 0.12 8.70
C ASP D 363 30.72 0.66 9.95
N ASN D 364 29.43 0.97 9.86
CA ASN D 364 28.71 1.68 10.92
C ASN D 364 29.50 2.90 11.38
N ASN D 365 29.83 3.75 10.41
CA ASN D 365 30.67 4.93 10.60
C ASN D 365 29.74 6.14 10.60
N LYS D 366 29.37 6.59 11.79
CA LYS D 366 28.38 7.65 11.92
C LYS D 366 28.88 8.97 11.38
N GLU D 367 30.16 9.30 11.59
CA GLU D 367 30.68 10.56 11.05
C GLU D 367 30.64 10.56 9.52
N LEU D 368 31.11 9.49 8.89
CA LEU D 368 31.06 9.42 7.44
C LEU D 368 29.63 9.52 6.94
N ALA D 369 28.70 8.82 7.60
CA ALA D 369 27.28 8.88 7.21
C ALA D 369 26.77 10.32 7.23
N PHE D 370 27.03 11.05 8.34
CA PHE D 370 26.66 12.46 8.41
C PHE D 370 27.29 13.28 7.27
N PHE D 371 28.59 13.06 7.00
CA PHE D 371 29.24 13.83 5.93
C PHE D 371 28.60 13.56 4.57
N ALA D 372 28.37 12.29 4.23
CA ALA D 372 27.81 11.99 2.91
C ALA D 372 26.47 12.69 2.74
N ASN D 373 25.58 12.54 3.73
CA ASN D 373 24.28 13.17 3.62
C ASN D 373 24.40 14.69 3.62
N ALA D 374 25.30 15.24 4.44
CA ALA D 374 25.51 16.69 4.44
C ALA D 374 25.89 17.20 3.04
N LEU D 375 26.82 16.51 2.36
CA LEU D 375 27.25 16.98 1.06
C LEU D 375 26.15 16.87 0.00
N GLU D 376 25.27 15.87 0.10
CA GLU D 376 24.11 15.84 -0.80
C GLU D 376 23.15 16.98 -0.50
N GLU D 377 22.87 17.24 0.78
CA GLU D 377 22.05 18.39 1.17
C GLU D 377 22.61 19.69 0.61
N VAL D 378 23.90 19.94 0.86
CA VAL D 378 24.51 21.20 0.43
C VAL D 378 24.31 21.38 -1.07
N SER D 379 24.42 20.29 -1.84
CA SER D 379 24.38 20.39 -3.30
C SER D 379 23.00 20.82 -3.79
N ILE D 380 21.95 20.21 -3.23
CA ILE D 380 20.61 20.57 -3.64
C ILE D 380 20.24 21.94 -3.10
N GLU D 381 20.66 22.24 -1.87
CA GLU D 381 20.31 23.51 -1.25
C GLU D 381 20.95 24.66 -2.01
N THR D 382 22.20 24.50 -2.44
CA THR D 382 22.87 25.55 -3.20
C THR D 382 22.11 25.85 -4.49
N ILE D 383 21.71 24.81 -5.22
CA ILE D 383 20.99 25.03 -6.47
C ILE D 383 19.65 25.68 -6.19
N GLU D 384 18.92 25.18 -5.19
CA GLU D 384 17.60 25.75 -4.94
C GLU D 384 17.68 27.19 -4.45
N ALA D 385 18.81 27.59 -3.88
CA ALA D 385 18.99 28.99 -3.48
C ALA D 385 19.30 29.90 -4.67
N GLY D 386 19.38 29.38 -5.89
CA GLY D 386 19.66 30.18 -7.06
C GLY D 386 21.07 30.06 -7.64
N PHE D 387 21.97 29.31 -7.02
CA PHE D 387 23.35 29.20 -7.51
C PHE D 387 23.49 27.89 -8.25
N MET D 388 23.78 27.95 -9.54
CA MET D 388 23.73 26.76 -10.38
C MET D 388 24.51 27.02 -11.67
N THR D 389 24.85 25.93 -12.36
CA THR D 389 25.56 26.03 -13.62
C THR D 389 24.60 26.37 -14.76
N LYS D 390 25.18 26.61 -15.95
CA LYS D 390 24.41 27.18 -17.06
C LYS D 390 23.33 26.24 -17.57
N ASP D 391 23.58 24.93 -17.57
CA ASP D 391 22.56 23.98 -18.04
C ASP D 391 21.32 24.04 -17.16
N LEU D 392 21.50 24.13 -15.85
CA LEU D 392 20.33 24.23 -14.99
C LEU D 392 19.63 25.58 -15.16
N ALA D 393 20.38 26.67 -15.28
CA ALA D 393 19.72 27.95 -15.53
C ALA D 393 18.88 27.89 -16.79
N ALA D 394 19.35 27.16 -17.80
CA ALA D 394 18.60 27.05 -19.05
C ALA D 394 17.36 26.16 -18.91
N CYS D 395 17.35 25.22 -17.96
CA CYS D 395 16.12 24.48 -17.68
C CYS D 395 15.04 25.41 -17.17
N ILE D 396 15.41 26.40 -16.36
CA ILE D 396 14.45 27.34 -15.78
C ILE D 396 14.03 28.38 -16.81
N LYS D 397 15.01 28.97 -17.49
CA LYS D 397 14.78 30.17 -18.29
C LYS D 397 14.66 29.89 -19.77
N GLY D 398 15.05 28.70 -20.23
CA GLY D 398 15.21 28.48 -21.65
C GLY D 398 16.48 29.08 -22.19
N LEU D 399 17.36 28.21 -22.71
CA LEU D 399 18.69 28.55 -23.23
C LEU D 399 18.78 29.89 -23.95
N PRO D 400 17.82 30.21 -24.83
CA PRO D 400 17.90 31.50 -25.55
C PRO D 400 17.83 32.73 -24.65
N ASN D 401 17.32 32.61 -23.42
CA ASN D 401 17.19 33.75 -22.51
C ASN D 401 18.18 33.72 -21.36
N VAL D 402 19.15 32.81 -21.41
CA VAL D 402 20.15 32.73 -20.35
C VAL D 402 21.24 33.76 -20.63
N GLN D 403 21.45 34.68 -19.69
CA GLN D 403 22.58 35.58 -19.74
C GLN D 403 23.64 35.13 -18.74
N ARG D 404 24.85 35.68 -18.90
CA ARG D 404 25.99 35.25 -18.10
C ARG D 404 25.71 35.38 -16.60
N SER D 405 24.91 36.37 -16.20
CA SER D 405 24.61 36.56 -14.78
C SER D 405 23.68 35.49 -14.19
N ASP D 406 23.00 34.70 -15.01
CA ASP D 406 22.08 33.70 -14.45
C ASP D 406 22.80 32.45 -13.95
N TYR D 407 24.13 32.35 -14.06
CA TYR D 407 24.75 31.12 -13.63
C TYR D 407 26.16 31.37 -13.14
N LEU D 408 26.70 30.32 -12.52
CA LEU D 408 28.09 30.25 -12.08
C LEU D 408 28.84 29.37 -13.04
N ASN D 409 30.10 29.73 -13.30
CA ASN D 409 30.96 28.86 -14.09
C ASN D 409 31.46 27.70 -13.23
N THR D 410 32.22 26.82 -13.87
CA THR D 410 32.56 25.54 -13.26
C THR D 410 33.25 25.73 -11.92
N PHE D 411 34.18 26.67 -11.86
CA PHE D 411 34.96 26.83 -10.65
C PHE D 411 34.20 27.67 -9.62
N GLU D 412 33.44 28.66 -10.06
CA GLU D 412 32.59 29.39 -9.13
C GLU D 412 31.56 28.48 -8.48
N PHE D 413 30.99 27.55 -9.24
CA PHE D 413 30.01 26.65 -8.64
C PHE D 413 30.67 25.74 -7.62
N MET D 414 31.81 25.16 -7.98
CA MET D 414 32.51 24.29 -7.05
C MET D 414 32.85 25.02 -5.77
N ASP D 415 33.33 26.26 -5.87
CA ASP D 415 33.65 27.04 -4.67
C ASP D 415 32.41 27.32 -3.85
N LYS D 416 31.29 27.65 -4.51
CA LYS D 416 30.06 27.87 -3.77
C LYS D 416 29.67 26.63 -2.96
N LEU D 417 29.70 25.44 -3.58
CA LEU D 417 29.47 24.22 -2.81
C LEU D 417 30.46 24.10 -1.67
N GLY D 418 31.72 24.47 -1.93
CA GLY D 418 32.75 24.34 -0.91
C GLY D 418 32.47 25.20 0.31
N GLU D 419 32.03 26.45 0.11
CA GLU D 419 31.79 27.27 1.29
C GLU D 419 30.49 26.88 1.97
N ASN D 420 29.48 26.44 1.22
CA ASN D 420 28.26 25.97 1.86
C ASN D 420 28.55 24.70 2.66
N LEU D 421 29.40 23.82 2.13
CA LEU D 421 29.74 22.60 2.86
C LEU D 421 30.45 22.93 4.17
N LYS D 422 31.36 23.91 4.12
CA LYS D 422 32.02 24.37 5.33
C LYS D 422 31.01 24.77 6.39
N ILE D 423 30.04 25.60 6.00
CA ILE D 423 29.06 26.09 6.97
C ILE D 423 28.22 24.94 7.53
N LYS D 424 27.79 24.02 6.67
CA LYS D 424 26.91 22.97 7.17
C LYS D 424 27.66 21.98 8.05
N LEU D 425 28.96 21.81 7.81
CA LEU D 425 29.74 20.88 8.62
C LEU D 425 30.06 21.46 9.99
N ALA D 426 30.27 22.77 10.08
CA ALA D 426 30.49 23.39 11.39
C ALA D 426 29.20 23.48 12.20
N GLN D 427 28.05 23.58 11.53
CA GLN D 427 26.76 23.56 12.22
C GLN D 427 26.56 22.28 13.02
N ALA D 428 27.17 21.17 12.58
CA ALA D 428 27.06 19.92 13.32
C ALA D 428 27.70 20.05 14.70
N LYS D 429 28.95 20.51 14.74
CA LYS D 429 29.63 20.95 15.96
C LYS D 429 31.13 20.82 15.77
C10 EE1 E . 1.33 -2.12 35.23
C15 EE1 E . 0.02 -2.19 34.32
C17 EE1 E . -1.05 -3.28 34.50
C20 EE1 E . 5.25 -5.32 34.12
C22 EE1 E . 6.52 -6.75 32.86
C02 EE1 E . 4.33 -0.68 35.70
C04 EE1 E . 3.90 -1.88 34.95
C05 EE1 E . 4.65 -2.98 34.82
C07 EE1 E . 3.24 -3.94 33.12
C08 EE1 E . 2.61 -2.78 33.09
C09 EE1 E . 2.53 -1.80 34.27
C11 EE1 E . 1.47 -3.38 36.13
C12 EE1 E . 0.43 -3.41 37.29
C23 EE1 E . 6.37 -7.33 31.45
C33 EE1 E . 5.54 -5.82 26.34
C34 EE1 E . 6.12 -5.84 24.96
C36 EE1 E . 6.82 -4.04 23.63
C37 EE1 E . 7.93 -5.17 23.57
C43 EE1 E . 7.61 -5.87 24.91
C46 EE1 E . 7.10 -2.33 25.59
C48 EE1 E . 8.77 -1.16 24.86
C49 EE1 E . 9.80 -0.28 24.60
C52 EE1 E . 10.15 -1.36 22.61
C54 EE1 E . 8.50 -2.16 23.87
C55 EE1 E . 5.63 -7.67 33.80
C57 EE1 E . 4.49 -6.67 34.25
N01 EE1 E . 3.88 0.56 35.17
N06 EE1 E . 4.37 -4.11 34.03
N45 EE1 E . 7.42 -2.87 24.35
N47 EE1 E . 7.88 -1.27 25.93
N50 EE1 E . 10.10 0.73 25.51
N51 EE1 E . 10.51 -0.38 23.45
N53 EE1 E . 9.19 -2.28 22.71
O03 EE1 E . 5.04 -0.61 36.71
O13 EE1 E . -0.13 -4.49 37.62
O14 EE1 E . 0.16 -2.30 37.89
O16 EE1 E . -0.21 -1.38 33.44
O18 EE1 E . -1.88 -3.13 35.45
O19 EE1 E . -1.03 -4.24 33.68
O21 EE1 E . 6.16 -5.46 32.99
O24 EE1 E . 5.09 -7.21 31.16
O26 EE1 E . 3.43 -7.95 29.40
O27 EE1 E . 6.05 -7.94 28.99
O28 EE1 E . 4.74 -5.79 29.12
O30 EE1 E . 6.91 -4.52 29.62
O31 EE1 E . 4.96 -3.45 28.23
O32 EE1 E . 6.40 -5.33 27.27
O35 EE1 E . 5.75 -4.57 24.39
O38 EE1 E . 7.50 -5.81 22.48
O40 EE1 E . 7.65 -7.11 20.35
O41 EE1 E . 8.71 -8.05 22.46
O42 EE1 E . 9.83 -6.03 21.37
O44 EE1 E . 8.14 -7.16 24.98
O56 EE1 E . 6.34 -8.11 34.95
O58 EE1 E . 4.17 -6.90 35.59
P25 EE1 E . 4.79 -7.32 29.50
P29 EE1 E . 5.76 -4.63 28.70
P39 EE1 E . 8.58 -6.88 21.53
H1 EE1 E . 1.20 -1.28 35.96
H2 EE1 E . 5.91 -5.32 35.04
H3 EE1 E . 7.59 -6.94 33.19
H5 EE1 E . 5.64 -3.12 35.38
H7 EE1 E . 3.03 -4.87 32.53
H9 EE1 E . 2.05 -2.37 32.21
H11 EE1 E . 2.32 -0.75 33.95
H12 EE1 E . 1.36 -4.32 35.53
H13 EE1 E . 2.49 -3.45 36.56
H14 EE1 E . 6.67 -8.40 31.43
H15 EE1 E . 6.98 -6.75 30.73
H16 EE1 E . 4.63 -5.19 26.25
H17 EE1 E . 5.29 -6.88 26.55
H18 EE1 E . 5.70 -6.69 24.38
H19 EE1 E . 6.42 -3.74 22.66
H20 EE1 E . 8.98 -4.87 23.65
H21 EE1 E . 7.91 -5.11 25.69
H22 EE1 E . 6.28 -2.77 26.19
H23 EE1 E . 10.73 -1.44 21.70
H24 EE1 E . 5.24 -8.47 33.10
H25 EE1 E . 3.64 -6.73 33.52
H26 EE1 E . 4.11 1.43 35.60
H27 EE1 E . 3.34 0.60 34.38
H29 EE1 E . 10.53 1.58 25.20
H30 EE1 E . 9.85 0.57 26.47
H37 EE1 E . 9.06 -7.12 24.65
H38 EE1 E . 6.13 -7.49 35.69
H39 EE1 E . 4.31 -6.03 36.07
N NO3 F . -9.92 1.54 19.37
O1 NO3 F . -8.69 1.23 19.09
O2 NO3 F . -10.22 1.95 20.57
O3 NO3 F . -10.83 1.44 18.45
CA CA G . -3.69 -1.77 30.46
PA NDP H . -28.29 4.20 13.28
O1A NDP H . -28.59 2.78 12.91
O2A NDP H . -29.42 5.18 13.55
O5B NDP H . -27.30 4.74 12.09
C5B NDP H . -26.66 5.80 12.60
C4B NDP H . -26.20 6.64 11.41
O4B NDP H . -24.97 5.91 10.78
C3B NDP H . -27.20 6.84 10.30
O3B NDP H . -27.80 8.10 10.37
C2B NDP H . -26.26 6.87 9.02
O2B NDP H . -25.50 7.99 8.92
C1B NDP H . -25.23 5.67 9.34
N9A NDP H . -25.75 4.33 9.05
C8A NDP H . -26.08 3.30 9.91
N7A NDP H . -26.52 2.20 9.29
C5A NDP H . -26.44 2.52 7.92
C6A NDP H . -26.76 1.80 6.76
N6A NDP H . -27.22 0.52 6.83
N1A NDP H . -26.60 2.34 5.52
C2A NDP H . -26.11 3.61 5.51
N3A NDP H . -25.77 4.44 6.53
C4A NDP H . -25.94 3.85 7.75
O3 NDP H . -27.35 3.99 14.64
PN NDP H . -28.09 4.51 15.97
O1N NDP H . -27.07 4.36 17.02
O2N NDP H . -28.98 5.73 15.86
O5D NDP H . -29.29 3.25 16.43
C5D NDP H . -30.63 3.61 16.07
C4D NDP H . -31.54 2.43 16.51
O4D NDP H . -30.94 1.13 16.36
C3D NDP H . -31.69 2.71 18.06
O3D NDP H . -33.03 2.67 18.43
C2D NDP H . -30.84 1.56 18.71
O2D NDP H . -31.39 1.12 19.91
C1D NDP H . -30.96 0.42 17.63
N1N NDP H . -29.83 -0.52 17.64
P2B NDP H . -26.21 9.32 7.90
O1X NDP H . -27.48 9.58 8.65
O2X NDP H . -26.33 8.71 6.51
O3X NDP H . -25.06 10.26 8.16
H51A NDP H . -25.90 5.52 13.14
H52A NDP H . -27.24 6.30 13.18
H4B NDP H . -26.00 7.52 11.79
H3B NDP H . -27.85 6.12 10.28
HO3A NDP H . -28.35 8.12 9.72
H2B NDP H . -26.81 6.62 8.27
H1B NDP H . -24.41 5.66 8.83
H8A NDP H . -25.99 3.40 10.84
H61A NDP H . -27.37 0.08 6.11
H62A NDP H . -27.36 0.16 7.61
H2A NDP H . -25.98 3.96 4.66
H51N NDP H . -30.73 3.79 15.13
H52N NDP H . -30.92 4.43 16.51
H4D NDP H . -32.35 2.38 15.96
H3D NDP H . -31.30 3.57 18.28
HO3N NDP H . -33.17 1.89 18.70
H2D NDP H . -29.91 1.81 18.84
HO2N NDP H . -31.20 0.30 19.95
H1D NDP H . -31.78 -0.08 17.75
N NO3 I . -30.61 -24.57 22.13
O1 NO3 I . -30.86 -23.51 22.81
O2 NO3 I . -29.39 -24.85 21.84
O3 NO3 I . -31.55 -25.35 21.77
C1 AKG J . -25.91 -5.18 18.55
O1 AKG J . -26.68 -6.06 18.11
O2 AKG J . -24.60 -5.32 18.61
C2 AKG J . -26.45 -3.82 19.07
O5 AKG J . -25.68 -3.06 19.67
C3 AKG J . -27.90 -3.48 18.84
C4 AKG J . -28.83 -4.15 19.83
C5 AKG J . -28.74 -3.58 21.24
O3 AKG J . -29.67 -3.02 21.77
O4 AKG J . -27.59 -3.78 21.81
H31 AKG J . -28.01 -2.52 18.91
H32 AKG J . -28.14 -3.78 17.94
H41 AKG J . -29.75 -4.03 19.51
H42 AKG J . -28.62 -5.10 19.87
CA CA K . -23.21 -3.65 20.49
N NO3 L . 10.02 9.36 -25.12
O1 NO3 L . 11.04 9.92 -24.54
O2 NO3 L . 8.83 9.54 -24.65
O3 NO3 L . 10.21 8.64 -26.17
C10 EE1 M . -0.09 -5.32 -30.64
C15 EE1 M . 1.18 -4.46 -30.52
C17 EE1 M . 2.34 -4.89 -29.60
C20 EE1 M . -3.38 -6.70 -27.06
C22 EE1 M . -4.15 -6.82 -25.00
C02 EE1 M . -3.09 -5.31 -31.65
C04 EE1 M . -2.57 -5.24 -30.29
C05 EE1 M . -3.29 -5.58 -29.24
C07 EE1 M . -1.62 -4.96 -27.71
C08 EE1 M . -1.16 -4.18 -28.66
C09 EE1 M . -1.27 -4.49 -30.12
C11 EE1 M . 0.11 -6.66 -29.92
C12 EE1 M . 1.15 -7.58 -30.57
C23 EE1 M . -3.83 -5.99 -23.76
C33 EE1 M . -3.29 -0.55 -22.27
C34 EE1 M . -3.88 0.56 -21.43
C36 EE1 M . -4.90 2.52 -21.97
C37 EE1 M . -5.74 1.79 -20.89
C43 EE1 M . -5.38 0.33 -21.15
C46 EE1 M . -5.32 1.80 -24.41
C48 EE1 M . -7.01 3.07 -24.83
C49 EE1 M . -8.09 3.79 -25.30
C52 EE1 M . -8.25 4.82 -23.25
C54 EE1 M . -6.63 3.33 -23.48
C55 EE1 M . -3.15 -7.99 -25.06
C57 EE1 M . -2.31 -7.46 -26.23
N01 EE1 M . -3.38 -4.06 -32.18
N06 EE1 M . -2.76 -5.78 -27.99
N45 EE1 M . -5.57 2.52 -23.25
N47 EE1 M . -6.18 2.11 -25.40
N50 EE1 M . -8.55 3.60 -26.59
N51 EE1 M . -8.74 4.68 -24.52
N53 EE1 M . -7.24 4.21 -22.65
O03 EE1 M . -3.32 -6.27 -32.34
O13 EE1 M . 1.76 -8.43 -29.88
O14 EE1 M . 1.38 -7.43 -31.80
O16 EE1 M . 1.31 -3.43 -31.14
O18 EE1 M . 3.28 -5.52 -30.12
O19 EE1 M . 2.24 -4.59 -28.40
O21 EE1 M . -4.17 -6.05 -26.09
O24 EE1 M . -2.66 -5.32 -24.03
O26 EE1 M . -0.73 -4.32 -22.74
O27 EE1 M . -3.17 -4.20 -21.86
O28 EE1 M . -2.46 -2.81 -23.80
O30 EE1 M . -4.75 -2.97 -24.80
O31 EE1 M . -3.20 -0.93 -25.30
O32 EE1 M . -4.21 -1.21 -23.05
O35 EE1 M . -3.74 1.77 -22.14
O38 EE1 M . -5.08 2.29 -19.82
O40 EE1 M . -6.13 1.00 -17.93
O41 EE1 M . -7.04 3.25 -18.58
O42 EE1 M . -4.73 3.12 -17.50
O44 EE1 M . -5.55 -0.51 -20.08
O56 EE1 M . -3.80 -9.15 -25.43
O58 EE1 M . -1.80 -8.53 -26.91
P25 EE1 M . -2.20 -4.08 -22.96
P29 EE1 M . -3.69 -2.03 -24.42
P39 EE1 M . -5.83 2.44 -18.25
H1 EE1 M . -0.26 -5.50 -31.72
H2 EE1 M . -4.06 -7.44 -27.57
H3 EE1 M . -5.12 -7.39 -24.84
H5 EE1 M . -4.42 -5.67 -29.24
H7 EE1 M . -1.51 -4.80 -26.61
H9 EE1 M . -1.02 -3.09 -28.54
H11 EE1 M . -1.29 -3.55 -30.71
H12 EE1 M . 0.43 -6.49 -28.88
H13 EE1 M . -0.85 -7.18 -29.81
H14 EE1 M . -3.72 -6.64 -22.87
H15 EE1 M . -4.72 -5.34 -23.65
H16 EE1 M . -2.52 -0.05 -22.89
H17 EE1 M . -2.84 -1.21 -21.50
H18 EE1 M . -3.30 0.68 -20.49
H19 EE1 M . -4.68 3.54 -21.67
H20 EE1 M . -6.83 1.82 -21.01
H21 EE1 M . -5.91 0.06 -22.10
H22 EE1 M . -4.49 1.07 -24.44
H23 EE1 M . -8.77 5.54 -22.63
H24 EE1 M . -2.59 -8.02 -24.10
H25 EE1 M . -1.58 -6.73 -25.84
H26 EE1 M . -3.75 -3.96 -33.11
H27 EE1 M . -3.22 -3.24 -31.65
H29 EE1 M . -9.22 4.25 -26.99
H30 EE1 M . -8.18 2.82 -27.09
H37 EE1 M . -5.70 -1.40 -20.46
H38 EE1 M . -3.49 -9.36 -26.32
H39 EE1 M . -1.96 -8.33 -27.88
CA CA N . 2.72 -1.69 -29.07
PA NDP O . 28.47 14.93 -23.62
O1A NDP O . 28.54 14.24 -22.31
O2A NDP O . 29.67 15.05 -24.54
O5B NDP O . 27.90 16.40 -23.30
C5B NDP O . 26.89 16.56 -24.15
C4B NDP O . 26.61 18.04 -24.20
O4B NDP O . 25.39 18.31 -23.28
C3B NDP O . 27.76 18.96 -23.74
O3B NDP O . 28.45 19.46 -24.83
C2B NDP O . 26.92 20.11 -23.03
O2B NDP O . 26.19 20.87 -23.89
C1B NDP O . 25.82 19.25 -22.21
N9A NDP O . 26.29 18.58 -21.05
C8A NDP O . 26.44 17.22 -20.81
N7A NDP O . 26.90 16.96 -19.58
C5A NDP O . 27.02 18.22 -19.02
C6A NDP O . 27.43 18.63 -17.76
N6A NDP O . 27.81 17.69 -16.88
N1A NDP O . 27.43 19.95 -17.37
C2A NDP O . 27.02 20.80 -18.35
N3A NDP O . 26.60 20.56 -19.60
C4A NDP O . 26.60 19.23 -19.90
O3 NDP O . 27.37 14.07 -24.46
PN NDP O . 28.23 13.20 -25.50
O1N NDP O . 27.41 12.04 -25.91
O2N NDP O . 29.11 13.96 -26.47
O5D NDP O . 29.44 12.53 -24.39
C5D NDP O . 30.64 12.35 -25.04
C4D NDP O . 31.39 11.24 -24.29
O4D NDP O . 30.55 10.54 -23.33
C3D NDP O . 31.65 10.22 -25.47
O3D NDP O . 32.98 10.20 -25.86
C2D NDP O . 31.14 8.84 -24.88
O2D NDP O . 32.05 7.82 -25.08
C1D NDP O . 30.98 9.13 -23.29
N1N NDP O . 29.96 8.19 -22.71
P2B NDP O . 26.96 22.42 -24.40
O1X NDP O . 25.79 22.91 -25.19
O2X NDP O . 28.21 21.98 -25.19
O3X NDP O . 27.19 23.03 -23.06
H51A NDP O . 26.11 16.07 -23.86
H52A NDP O . 27.13 16.21 -25.03
H4B NDP O . 26.44 18.24 -25.14
H3B NDP O . 28.38 18.55 -23.10
HO3A NDP O . 27.87 19.79 -25.32
H2B NDP O . 27.54 20.55 -22.42
H1B NDP O . 25.10 19.76 -21.82
H8A NDP O . 26.23 16.59 -21.46
H61A NDP O . 27.87 16.87 -17.15
H62A NDP O . 28.02 17.92 -16.08
H2A NDP O . 27.04 21.70 -18.10
H51N NDP O . 31.18 13.16 -25.06
H52N NDP O . 30.54 12.09 -25.97
H4D NDP O . 32.15 11.56 -23.78
H3D NDP O . 31.11 10.48 -26.23
HO3N NDP O . 33.41 10.18 -25.14
H2D NDP O . 30.27 8.60 -25.22
HO2N NDP O . 32.58 8.10 -25.71
H1D NDP O . 31.77 9.04 -22.73
C1 GOL P . 30.30 -9.52 -4.63
O1 GOL P . 31.56 -10.12 -4.93
C2 GOL P . 29.28 -10.11 -5.57
O2 GOL P . 27.96 -9.96 -5.12
C3 GOL P . 29.42 -9.31 -6.89
O3 GOL P . 30.15 -10.05 -7.80
H11 GOL P . 30.02 -9.69 -3.71
H12 GOL P . 30.31 -8.56 -4.74
HO1 GOL P . 31.43 -10.97 -5.05
H2 GOL P . 29.48 -11.06 -5.66
HO2 GOL P . 27.81 -9.12 -4.97
H31 GOL P . 28.52 -9.10 -7.20
H32 GOL P . 29.83 -8.46 -6.68
HO3 GOL P . 30.95 -10.12 -7.50
CA CA Q . 22.86 4.62 -21.39
#